data_5YUD
#
_entry.id   5YUD
#
_cell.length_a   1
_cell.length_b   1
_cell.length_c   1
_cell.angle_alpha   90.00
_cell.angle_beta   90.00
_cell.angle_gamma   90.00
#
_symmetry.space_group_name_H-M   'P 1'
#
loop_
_entity.id
_entity.type
_entity.pdbx_description
1 polymer 'Baculoviral IAP repeat-containing protein 1e'
2 polymer 'Phase 2 flagellin,Flagellin'
3 non-polymer "ADENOSINE-5'-TRIPHOSPHATE"
#
loop_
_entity_poly.entity_id
_entity_poly.type
_entity_poly.pdbx_seq_one_letter_code
_entity_poly.pdbx_strand_id
1 'polypeptide(L)'
;MAEHGESSEDRISEIDYEFLPELSALLGVDAFQVAKSQEEEEHKERMKMKKGFNSQMRSEAKRLKTFETYDTFRSWTPQE
MAAAGFYHTGVRLGVQCFCCSLILFGNSLRKLPIERHKKLRPECEFLQGKDVGNIGKYDIRVKRPEKMLRGGKARYHEEE
ARLESFEDWPFYAHGTSPRVLSAAGFVFTGKRDTVQCFSCGGSLGNWEEGDDPWKEHAKWFPKCEFLQSKKSSEEIAQYI
QSYEGFVHVTGEHFVKSWVRRELPMVSAYCNDSVFANEELRMDMFKDWPQESPVGVEALVRAGFFYTGKKDIVRCFSCGG
CLEKWAEGDDPMEDHIKFFPECVFLQTLKSSAEVIPTLQSQYALPEATETTRESNHGDAAAVHSTVVDLGRSEAQWFQEA
RSLSEQLRDNYTKATFRHMNLPEVCSSLGTDHLLSCDVSIISKHISQPVQEALTIPEVFSNLNSVMCVEGETGSGKTTFL
KRIAFLWASGCCPLLYRFQLVFYLSLSSITPDQGLANIICAQLLGAGGCISEVCLSSSIQQLQHQVLFLLDDYSGLASLP
QALHTLITKNYLSRTCLLIAVHTNRVRDIRLYLGTSLEIQEFPFYNTVSVLRKFFSHDIICVEKLIIYFIDNKDLQGVYK
TPLFVAAVCTDWIQNASAQDKFQDVTLFQSYMQYLSLKYKATAEPLQATVSSCGQLALTGLFSSCFEFNSDDLAEAGVDE
DEKLTTLLMSKFTAQRLRPVYRFLGPLFQEFLAAVRLTELLSSDRQEDQDLGLYYLRQIDSPLKAINSFNIFLYYVSSHS
SSKAAPTVVSHLLQLVDEKESLENMSENEDYMKLHPQTFLWFQFVRGLWLVSPESSSSFVSEHLLRLALIFAYESNTVAE
CSPFILQFLRGKTLALRVLNLQYFRDHPESLLLLRSLKVSINGNKMSSYVDYSFKTYFENLQPPAIDEEYTSAFEHISEW
RRNFAQDEEIIKNYENIRPRALPDISEGYWKLSPKPCKIPKLEVQVNNTDAADQALLQVLMEVFSASQSIEFRLFNSSGF
LESICPALELSKASVTKCSMSRLELSRAEQELLLTLPALQSLEVSETNQLPEQLFHNLHKFLGLKELCVRLDGKPNVLSV
LPREFPNLLHMEKLSIQTSTESDLSKLVKFIQNFPNLHVFHLKCDFLSNCESLMAVLASCKKLREIEFSGRCFEAMTFVN
ILPNFVSLKILNLKDQQFPDKETSEKFAQALGSLRNLEELLVPTGDGIHQVAKLIVRQCLQLPCLRVLTFHDILDDDSVI
EIARAATSGGFQKLENLDISMNHKITEEGYRNFFQALDNLPNLQELNICRNIPGRIQVQATTVKALGQCVSRLPSLIRLH
MLSWLLDEEDMKVINDVKERHPQSKRLIIFWKLIVPFSPVILE
;
A
2 'polypeptide(L)' AAARLSSGLRINSAKDDAAGQAIANSGSGSGSRIEDSDYATEVSNMSRAQILQQAGTSVLAQANQVPQNVLSLLR C
#
loop_
_chem_comp.id
_chem_comp.type
_chem_comp.name
_chem_comp.formula
ATP non-polymer ADENOSINE-5'-TRIPHOSPHATE 'C10 H16 N5 O13 P3'
#
# COMPACT_ATOMS: atom_id res chain seq x y z
N ASP A 10 19.29 -13.20 -40.19
CA ASP A 10 19.79 -14.52 -39.84
C ASP A 10 19.73 -14.74 -38.34
N ARG A 11 18.76 -15.52 -37.89
CA ARG A 11 18.59 -15.81 -36.48
C ARG A 11 19.80 -16.56 -35.93
N ILE A 12 19.74 -16.86 -34.64
CA ILE A 12 20.75 -17.66 -33.96
C ILE A 12 20.06 -18.42 -32.83
N SER A 13 20.85 -19.06 -31.98
CA SER A 13 20.25 -19.92 -30.97
C SER A 13 21.10 -19.92 -29.69
N GLU A 14 20.45 -20.32 -28.61
CA GLU A 14 21.04 -20.44 -27.27
C GLU A 14 21.68 -19.16 -26.77
N ILE A 15 22.88 -19.28 -26.19
CA ILE A 15 23.62 -18.10 -25.73
C ILE A 15 22.79 -17.28 -24.73
N ASP A 16 22.68 -17.81 -23.52
CA ASP A 16 21.97 -17.11 -22.46
C ASP A 16 22.70 -15.79 -22.29
N TYR A 17 21.96 -14.70 -22.22
CA TYR A 17 22.54 -13.38 -22.12
C TYR A 17 22.88 -13.08 -20.66
N GLU A 18 23.29 -11.84 -20.38
CA GLU A 18 23.72 -11.46 -19.04
C GLU A 18 23.37 -10.00 -18.75
N PHE A 19 23.15 -9.70 -17.48
CA PHE A 19 23.02 -8.34 -16.99
C PHE A 19 24.13 -8.08 -15.97
N LEU A 20 24.57 -6.84 -15.92
CA LEU A 20 25.83 -6.48 -15.27
C LEU A 20 25.84 -6.75 -13.77
N PRO A 21 26.68 -7.67 -13.28
CA PRO A 21 26.92 -7.75 -11.83
C PRO A 21 27.80 -6.64 -11.29
N GLU A 22 28.59 -5.98 -12.13
CA GLU A 22 29.70 -5.14 -11.69
C GLU A 22 29.29 -4.03 -10.72
N LEU A 23 28.65 -3.00 -11.25
CA LEU A 23 28.24 -1.85 -10.46
C LEU A 23 27.06 -2.17 -9.56
N SER A 24 26.42 -3.32 -9.77
CA SER A 24 25.19 -3.60 -9.06
C SER A 24 25.38 -3.76 -7.56
N ALA A 25 26.62 -3.85 -7.09
CA ALA A 25 26.85 -3.91 -5.65
C ALA A 25 26.39 -2.64 -4.95
N LEU A 26 26.29 -1.53 -5.67
CA LEU A 26 25.73 -0.31 -5.10
C LEU A 26 24.27 -0.53 -4.68
N LEU A 27 23.45 -0.94 -5.65
CA LEU A 27 22.01 -1.06 -5.42
C LEU A 27 21.71 -1.96 -4.24
N GLY A 28 22.61 -2.89 -3.94
CA GLY A 28 22.45 -3.73 -2.77
C GLY A 28 22.32 -2.96 -1.48
N VAL A 29 22.77 -1.71 -1.47
CA VAL A 29 22.55 -0.85 -0.32
C VAL A 29 21.09 -0.45 -0.22
N ASP A 30 20.55 0.13 -1.29
CA ASP A 30 19.18 0.60 -1.27
C ASP A 30 18.20 -0.56 -1.15
N ALA A 31 18.41 -1.59 -1.96
CA ALA A 31 17.71 -2.84 -1.81
C ALA A 31 18.38 -3.67 -0.71
N PHE A 32 18.05 -4.96 -0.64
CA PHE A 32 18.63 -5.84 0.38
C PHE A 32 19.90 -6.52 -0.14
N GLN A 33 19.75 -7.49 -1.03
CA GLN A 33 20.88 -8.26 -1.51
C GLN A 33 20.77 -8.54 -3.00
N VAL A 34 21.85 -8.29 -3.73
CA VAL A 34 21.86 -8.51 -5.17
C VAL A 34 22.10 -9.97 -5.50
N ALA A 35 22.80 -10.71 -4.63
CA ALA A 35 23.15 -12.09 -4.94
C ALA A 35 21.93 -12.89 -5.35
N LYS A 36 20.76 -12.49 -4.89
CA LYS A 36 19.51 -13.13 -5.27
C LYS A 36 18.92 -12.55 -6.55
N SER A 37 19.59 -11.59 -7.18
CA SER A 37 19.07 -11.07 -8.43
C SER A 37 19.20 -12.08 -9.56
N GLN A 38 20.39 -12.66 -9.71
CA GLN A 38 20.64 -13.62 -10.79
C GLN A 38 19.54 -14.67 -10.84
N GLU A 39 19.09 -15.11 -9.68
CA GLU A 39 18.01 -16.09 -9.61
C GLU A 39 16.78 -15.61 -10.37
N GLU A 40 16.45 -14.33 -10.25
CA GLU A 40 15.38 -13.78 -11.07
C GLU A 40 15.73 -13.89 -12.55
N GLU A 41 16.94 -13.50 -12.92
CA GLU A 41 17.29 -13.52 -14.33
C GLU A 41 17.38 -14.94 -14.88
N GLU A 42 17.38 -15.95 -14.01
CA GLU A 42 17.32 -17.32 -14.48
C GLU A 42 16.04 -17.56 -15.29
N HIS A 43 14.96 -16.88 -14.94
CA HIS A 43 13.73 -17.01 -15.70
C HIS A 43 13.93 -16.62 -17.15
N LYS A 44 14.83 -15.68 -17.40
CA LYS A 44 14.94 -15.11 -18.73
C LYS A 44 15.26 -16.19 -19.75
N GLU A 45 16.36 -16.91 -19.56
CA GLU A 45 16.66 -18.02 -20.46
C GLU A 45 15.53 -19.05 -20.43
N ARG A 46 14.92 -19.24 -19.25
CA ARG A 46 13.76 -20.10 -19.19
C ARG A 46 12.63 -19.53 -20.04
N MET A 47 12.49 -18.21 -20.04
CA MET A 47 11.48 -17.57 -20.86
C MET A 47 11.92 -17.52 -22.32
N LYS A 48 13.06 -16.88 -22.59
CA LYS A 48 13.51 -16.64 -23.95
C LYS A 48 13.40 -17.88 -24.83
N MET A 49 13.93 -19.01 -24.34
CA MET A 49 13.91 -20.24 -25.11
C MET A 49 12.49 -20.60 -25.53
N LYS A 50 11.54 -20.41 -24.64
CA LYS A 50 10.16 -20.70 -24.94
C LYS A 50 9.55 -19.71 -25.93
N LYS A 51 10.20 -18.57 -26.13
CA LYS A 51 9.75 -17.62 -27.13
C LYS A 51 10.23 -18.04 -28.52
N GLY A 52 9.49 -17.63 -29.54
CA GLY A 52 9.95 -17.82 -30.89
C GLY A 52 11.15 -16.92 -31.16
N PHE A 53 12.28 -17.52 -31.52
CA PHE A 53 13.43 -16.72 -31.93
C PHE A 53 13.16 -16.07 -33.27
N ASN A 54 12.28 -16.72 -34.04
CA ASN A 54 11.71 -16.14 -35.25
C ASN A 54 12.63 -15.54 -36.29
N SER A 55 12.26 -14.33 -36.72
CA SER A 55 13.01 -13.64 -37.77
C SER A 55 12.37 -12.28 -38.03
N GLN A 56 12.81 -11.65 -39.12
CA GLN A 56 12.35 -10.33 -39.50
C GLN A 56 10.84 -10.25 -39.53
N MET A 57 10.31 -9.10 -39.14
CA MET A 57 8.88 -8.88 -39.11
C MET A 57 8.50 -7.57 -39.78
N ARG A 58 8.99 -6.46 -39.23
CA ARG A 58 8.50 -5.14 -39.57
C ARG A 58 9.65 -4.15 -39.52
N SER A 59 9.57 -3.12 -40.37
CA SER A 59 10.41 -1.95 -40.19
C SER A 59 9.92 -1.15 -39.00
N GLU A 60 10.85 -0.45 -38.35
CA GLU A 60 10.61 0.12 -37.03
C GLU A 60 9.30 0.88 -36.92
N ALA A 61 8.97 1.70 -37.93
CA ALA A 61 7.89 2.67 -37.75
C ALA A 61 6.60 2.03 -37.24
N LYS A 62 6.44 0.73 -37.48
CA LYS A 62 5.36 0.01 -36.82
C LYS A 62 5.59 -0.09 -35.32
N ARG A 63 6.85 -0.31 -34.92
CA ARG A 63 7.11 -0.81 -33.57
C ARG A 63 6.49 0.08 -32.50
N LEU A 64 6.35 1.37 -32.77
CA LEU A 64 5.73 2.24 -31.78
C LEU A 64 4.36 1.73 -31.40
N LYS A 65 3.57 1.31 -32.38
CA LYS A 65 2.29 0.72 -32.06
C LYS A 65 2.45 -0.46 -31.12
N THR A 66 3.53 -1.23 -31.26
CA THR A 66 3.71 -2.35 -30.37
C THR A 66 3.81 -1.90 -28.93
N PHE A 67 4.23 -0.66 -28.70
CA PHE A 67 4.40 -0.12 -27.37
C PHE A 67 3.18 0.63 -26.86
N GLU A 68 2.08 0.61 -27.61
CA GLU A 68 0.85 1.19 -27.11
C GLU A 68 0.53 0.71 -25.70
N THR A 69 0.57 -0.60 -25.50
CA THR A 69 0.30 -1.17 -24.18
C THR A 69 1.55 -1.31 -23.34
N TYR A 70 2.70 -0.87 -23.84
CA TYR A 70 3.92 -0.98 -23.05
C TYR A 70 3.73 -0.21 -21.75
N ASP A 71 4.03 -0.87 -20.64
CA ASP A 71 3.85 -0.25 -19.34
C ASP A 71 4.62 1.06 -19.27
N THR A 72 3.92 2.13 -18.90
CA THR A 72 4.52 3.46 -18.98
C THR A 72 5.63 3.65 -17.96
N PHE A 73 5.51 3.02 -16.79
CA PHE A 73 6.40 3.36 -15.69
C PHE A 73 7.86 3.01 -15.97
N ARG A 74 8.16 2.32 -17.05
CA ARG A 74 9.48 1.75 -17.23
C ARG A 74 10.56 2.81 -17.40
N SER A 75 11.78 2.39 -17.09
CA SER A 75 12.97 3.20 -17.29
C SER A 75 13.11 3.63 -18.74
N TRP A 76 13.43 2.69 -19.62
CA TRP A 76 13.85 3.05 -20.96
C TRP A 76 12.72 3.69 -21.75
N THR A 77 13.06 4.37 -22.66
CA THR A 77 12.04 5.07 -23.42
C THR A 77 11.58 4.23 -24.60
N PRO A 78 10.28 4.26 -24.91
CA PRO A 78 9.82 3.64 -26.15
C PRO A 78 10.62 4.14 -27.35
N GLN A 79 10.83 5.44 -27.45
CA GLN A 79 11.60 5.91 -28.56
C GLN A 79 13.07 5.55 -28.45
N GLU A 80 13.55 5.12 -27.29
CA GLU A 80 14.85 4.46 -27.22
C GLU A 80 14.78 3.11 -27.91
N MET A 81 13.78 2.30 -27.53
CA MET A 81 13.58 1.03 -28.21
C MET A 81 13.34 1.25 -29.68
N ALA A 82 12.80 2.42 -30.04
CA ALA A 82 12.44 2.73 -31.41
C ALA A 82 13.62 2.51 -32.34
N ALA A 83 14.62 3.38 -32.28
CA ALA A 83 15.76 3.24 -33.17
C ALA A 83 16.40 1.86 -33.05
N ALA A 84 16.22 1.18 -31.92
CA ALA A 84 16.54 -0.22 -31.83
C ALA A 84 15.56 -1.09 -32.60
N GLY A 85 14.39 -0.56 -32.92
CA GLY A 85 13.43 -1.29 -33.73
C GLY A 85 12.85 -2.47 -33.00
N PHE A 86 13.18 -2.63 -31.72
CA PHE A 86 12.77 -3.82 -31.00
C PHE A 86 11.25 -3.93 -30.97
N TYR A 87 10.76 -5.07 -31.42
CA TYR A 87 9.35 -5.35 -31.24
C TYR A 87 9.04 -5.45 -29.74
N HIS A 88 7.83 -5.07 -29.38
CA HIS A 88 7.33 -5.26 -28.02
C HIS A 88 6.45 -6.49 -27.97
N THR A 89 6.91 -7.53 -27.29
CA THR A 89 6.09 -8.69 -27.06
C THR A 89 5.43 -8.62 -25.69
N GLY A 90 4.19 -9.12 -25.62
CA GLY A 90 3.43 -9.03 -24.41
C GLY A 90 3.96 -9.87 -23.27
N VAL A 91 4.70 -10.93 -23.58
CA VAL A 91 5.19 -11.84 -22.54
C VAL A 91 6.18 -11.09 -21.66
N ARG A 92 5.94 -11.11 -20.35
CA ARG A 92 6.63 -10.24 -19.40
C ARG A 92 6.65 -8.85 -20.02
N LEU A 93 7.78 -8.17 -20.07
CA LEU A 93 7.89 -6.91 -20.77
C LEU A 93 8.53 -7.05 -22.16
N GLY A 94 8.92 -8.26 -22.55
CA GLY A 94 10.00 -8.43 -23.50
C GLY A 94 10.02 -7.58 -24.75
N VAL A 95 11.22 -7.17 -25.15
CA VAL A 95 11.46 -6.45 -26.39
C VAL A 95 12.46 -7.24 -27.20
N GLN A 96 12.41 -7.06 -28.52
CA GLN A 96 12.89 -8.10 -29.43
C GLN A 96 13.75 -7.50 -30.52
N CYS A 97 15.00 -7.91 -30.59
CA CYS A 97 15.83 -7.52 -31.73
C CYS A 97 15.29 -8.22 -32.95
N PHE A 98 14.90 -7.47 -33.97
CA PHE A 98 14.50 -8.14 -35.19
C PHE A 98 15.69 -8.48 -36.07
N CYS A 99 16.57 -7.53 -36.35
CA CYS A 99 17.75 -7.86 -37.12
C CYS A 99 18.58 -8.88 -36.36
N CYS A 100 19.00 -8.50 -35.16
CA CYS A 100 19.55 -9.50 -34.27
C CYS A 100 18.41 -10.40 -33.81
N SER A 101 18.73 -11.39 -32.98
CA SER A 101 17.70 -12.17 -32.34
C SER A 101 17.34 -11.68 -30.94
N LEU A 102 18.16 -10.81 -30.38
CA LEU A 102 18.22 -10.68 -28.93
C LEU A 102 16.92 -10.13 -28.37
N ILE A 103 16.67 -10.44 -27.11
CA ILE A 103 15.45 -10.06 -26.41
C ILE A 103 15.79 -9.71 -24.98
N LEU A 104 15.23 -8.61 -24.47
CA LEU A 104 15.67 -8.02 -23.22
C LEU A 104 14.52 -7.81 -22.25
N PHE A 105 14.87 -7.89 -20.97
CA PHE A 105 13.94 -7.60 -19.88
C PHE A 105 14.49 -6.49 -19.00
N GLY A 106 15.53 -6.76 -18.21
CA GLY A 106 16.02 -5.77 -17.25
C GLY A 106 16.63 -4.56 -17.94
N ASN A 107 16.12 -3.38 -17.63
CA ASN A 107 16.60 -2.13 -18.20
C ASN A 107 17.66 -1.51 -17.31
N SER A 108 18.54 -0.73 -17.92
CA SER A 108 19.60 -0.06 -17.18
C SER A 108 19.52 1.45 -17.40
N LEU A 109 19.59 2.20 -16.30
CA LEU A 109 19.54 3.66 -16.39
C LEU A 109 20.80 4.22 -16.99
N ARG A 110 21.95 3.69 -16.60
CA ARG A 110 23.25 4.18 -17.06
C ARG A 110 23.53 3.85 -18.50
N LYS A 111 22.65 3.10 -19.16
CA LYS A 111 22.99 2.45 -20.42
C LYS A 111 21.84 2.63 -21.39
N LEU A 112 22.11 3.24 -22.53
CA LEU A 112 21.11 3.30 -23.57
C LEU A 112 20.92 1.93 -24.23
N PRO A 113 19.72 1.67 -24.73
CA PRO A 113 19.50 0.39 -25.43
C PRO A 113 20.51 0.11 -26.53
N ILE A 114 20.84 1.10 -27.36
CA ILE A 114 21.73 0.87 -28.50
C ILE A 114 22.94 0.08 -28.05
N GLU A 115 23.54 0.47 -26.94
CA GLU A 115 24.64 -0.26 -26.34
C GLU A 115 24.33 -1.73 -26.27
N ARG A 116 23.35 -2.07 -25.43
CA ARG A 116 23.02 -3.47 -25.20
C ARG A 116 22.83 -4.20 -26.53
N HIS A 117 22.18 -3.57 -27.50
CA HIS A 117 22.11 -4.21 -28.80
C HIS A 117 23.47 -4.20 -29.46
N LYS A 118 24.13 -3.04 -29.45
CA LYS A 118 25.41 -2.93 -30.16
C LYS A 118 26.48 -3.77 -29.48
N LYS A 119 26.54 -3.72 -28.15
CA LYS A 119 27.48 -4.58 -27.44
C LYS A 119 27.26 -6.04 -27.78
N LEU A 120 26.09 -6.56 -27.41
CA LEU A 120 25.94 -7.99 -27.24
C LEU A 120 25.94 -8.74 -28.57
N ARG A 121 25.26 -8.19 -29.58
CA ARG A 121 25.17 -8.84 -30.88
C ARG A 121 25.80 -7.93 -31.93
N PRO A 122 27.09 -7.82 -31.93
CA PRO A 122 27.76 -6.90 -32.86
C PRO A 122 27.67 -7.41 -34.28
N GLU A 123 26.48 -7.39 -34.86
CA GLU A 123 26.32 -8.04 -36.15
C GLU A 123 25.59 -7.25 -37.23
N CYS A 124 24.27 -7.16 -37.15
CA CYS A 124 23.47 -6.81 -38.31
C CYS A 124 22.84 -5.43 -38.31
N GLU A 125 22.91 -4.66 -37.24
CA GLU A 125 21.97 -3.55 -37.22
C GLU A 125 22.49 -2.29 -37.91
N PHE A 126 23.37 -1.55 -37.25
CA PHE A 126 24.00 -0.42 -37.91
C PHE A 126 25.23 -0.85 -38.68
N LEU A 127 25.64 -2.11 -38.54
CA LEU A 127 26.61 -2.67 -39.46
C LEU A 127 26.05 -2.77 -40.87
N GLN A 128 24.78 -2.39 -41.05
CA GLN A 128 24.20 -2.15 -42.35
C GLN A 128 24.00 -3.43 -43.15
N GLY A 129 23.52 -4.47 -42.47
CA GLY A 129 22.83 -5.52 -43.19
C GLY A 129 21.57 -5.04 -43.88
N LYS A 130 21.14 -3.80 -43.59
CA LYS A 130 20.08 -3.12 -44.32
C LYS A 130 18.75 -3.86 -44.19
N ASP A 131 18.21 -3.79 -42.98
CA ASP A 131 16.86 -4.26 -42.73
C ASP A 131 15.68 -3.34 -43.00
N VAL A 132 15.68 -2.12 -42.46
CA VAL A 132 14.44 -1.38 -42.25
C VAL A 132 14.61 0.10 -42.55
N GLY A 133 13.47 0.80 -42.58
CA GLY A 133 13.41 2.23 -42.83
C GLY A 133 12.27 2.83 -42.01
N ASN A 134 12.47 4.04 -41.51
CA ASN A 134 11.43 4.74 -40.77
C ASN A 134 11.13 6.04 -41.51
N ILE A 135 10.46 6.97 -40.83
CA ILE A 135 10.19 8.24 -41.48
C ILE A 135 9.87 8.07 -42.94
N GLY A 136 9.33 6.90 -43.31
CA GLY A 136 9.18 6.52 -44.70
C GLY A 136 8.26 7.44 -45.47
N LYS A 137 8.55 7.58 -46.76
CA LYS A 137 7.93 8.66 -47.52
C LYS A 137 7.26 8.16 -48.78
N TYR A 138 8.03 7.54 -49.68
CA TYR A 138 7.69 7.38 -51.09
C TYR A 138 7.76 8.70 -51.85
N ASP A 139 8.53 9.66 -51.33
CA ASP A 139 9.00 10.83 -52.08
C ASP A 139 10.51 10.74 -52.25
N ILE A 140 11.28 10.76 -51.15
CA ILE A 140 12.70 10.44 -51.19
C ILE A 140 12.91 9.01 -51.61
N ARG A 141 11.85 8.23 -51.72
CA ARG A 141 11.89 7.01 -52.51
C ARG A 141 11.72 7.32 -53.99
N VAL A 142 11.04 8.41 -54.30
CA VAL A 142 10.42 8.53 -55.61
C VAL A 142 10.73 9.86 -56.28
N LYS A 143 10.16 10.96 -55.76
CA LYS A 143 10.22 12.27 -56.41
C LYS A 143 11.64 12.60 -56.86
N ARG A 144 12.53 12.84 -55.90
CA ARG A 144 13.94 12.98 -56.26
C ARG A 144 14.50 11.71 -56.86
N PRO A 145 14.34 10.52 -56.25
CA PRO A 145 15.08 9.35 -56.75
C PRO A 145 14.73 8.94 -58.16
N GLU A 146 13.45 8.83 -58.50
CA GLU A 146 13.17 8.18 -59.76
C GLU A 146 13.60 9.01 -60.94
N LYS A 147 14.03 10.24 -60.70
CA LYS A 147 14.70 11.05 -61.70
C LYS A 147 15.85 10.27 -62.31
N MET A 148 16.91 10.04 -61.53
CA MET A 148 18.09 9.36 -62.05
C MET A 148 17.77 8.01 -62.65
N LEU A 149 16.61 7.45 -62.30
CA LEU A 149 16.22 6.15 -62.84
C LEU A 149 15.99 6.24 -64.33
N ARG A 150 16.12 7.45 -64.89
CA ARG A 150 16.23 7.57 -66.33
C ARG A 150 17.31 6.62 -66.83
N GLY A 151 16.95 5.82 -67.82
CA GLY A 151 17.84 4.75 -68.25
C GLY A 151 18.22 3.80 -67.15
N GLY A 152 17.45 3.74 -66.07
CA GLY A 152 17.81 2.88 -64.96
C GLY A 152 17.74 1.41 -65.26
N LYS A 153 17.39 1.04 -66.49
CA LYS A 153 17.20 -0.36 -66.86
C LYS A 153 17.41 -0.49 -68.35
N ALA A 154 17.55 -1.74 -68.79
CA ALA A 154 17.43 -2.05 -70.20
C ALA A 154 15.97 -1.97 -70.62
N ARG A 155 15.75 -1.84 -71.92
CA ARG A 155 14.42 -1.55 -72.44
C ARG A 155 13.41 -2.60 -72.00
N TYR A 156 12.34 -2.15 -71.36
CA TYR A 156 11.21 -2.99 -71.01
C TYR A 156 9.92 -2.32 -71.48
N HIS A 157 9.27 -2.91 -72.47
CA HIS A 157 7.89 -2.61 -72.75
C HIS A 157 6.92 -3.59 -72.09
N GLU A 158 7.42 -4.70 -71.55
CA GLU A 158 6.59 -5.80 -71.10
C GLU A 158 6.94 -6.15 -69.66
N GLU A 159 5.94 -6.69 -68.94
CA GLU A 159 6.10 -6.93 -67.52
C GLU A 159 6.91 -8.17 -67.19
N GLU A 160 7.03 -9.10 -68.13
CA GLU A 160 7.75 -10.34 -67.86
C GLU A 160 9.24 -10.09 -67.80
N ALA A 161 9.79 -9.44 -68.82
CA ALA A 161 11.22 -9.16 -68.86
C ALA A 161 11.65 -8.28 -67.69
N ARG A 162 10.77 -7.40 -67.23
CA ARG A 162 11.08 -6.59 -66.06
C ARG A 162 10.85 -7.35 -64.77
N LEU A 163 9.83 -8.22 -64.73
CA LEU A 163 9.68 -9.14 -63.61
C LEU A 163 10.99 -9.83 -63.30
N GLU A 164 11.73 -10.16 -64.35
CA GLU A 164 13.04 -10.77 -64.20
C GLU A 164 13.92 -9.97 -63.25
N SER A 165 13.83 -8.64 -63.33
CA SER A 165 14.65 -7.81 -62.46
C SER A 165 14.40 -8.08 -60.99
N PHE A 166 13.17 -8.50 -60.65
CA PHE A 166 12.83 -8.78 -59.26
C PHE A 166 13.62 -9.93 -58.67
N GLU A 167 14.39 -10.65 -59.48
CA GLU A 167 15.27 -11.69 -58.97
C GLU A 167 16.09 -11.18 -57.79
N ASP A 168 16.61 -9.96 -57.92
CA ASP A 168 17.51 -9.42 -56.92
C ASP A 168 16.80 -8.88 -55.70
N TRP A 169 15.57 -8.41 -55.89
CA TRP A 169 14.92 -7.52 -54.94
C TRP A 169 14.76 -8.08 -53.53
N PRO A 170 14.15 -9.13 -53.33
CA PRO A 170 13.63 -9.39 -51.98
C PRO A 170 14.54 -10.16 -51.03
N PHE A 171 15.61 -9.55 -50.54
CA PHE A 171 16.02 -10.06 -49.24
C PHE A 171 15.25 -9.40 -48.11
N TYR A 172 15.03 -8.10 -48.22
CA TYR A 172 14.20 -7.40 -47.25
C TYR A 172 12.90 -8.13 -47.04
N ALA A 173 12.18 -8.37 -48.12
CA ALA A 173 10.83 -8.91 -48.02
C ALA A 173 10.85 -10.42 -48.10
N HIS A 174 11.07 -10.96 -49.30
CA HIS A 174 10.72 -12.35 -49.61
C HIS A 174 9.30 -12.64 -49.13
N GLY A 175 8.44 -11.62 -49.21
CA GLY A 175 7.08 -11.72 -48.71
C GLY A 175 6.10 -11.33 -49.80
N THR A 176 5.99 -10.04 -50.13
CA THR A 176 5.07 -9.63 -51.17
C THR A 176 5.56 -10.09 -52.54
N SER A 177 4.65 -10.62 -53.33
CA SER A 177 5.03 -11.29 -54.56
C SER A 177 5.60 -10.28 -55.55
N PRO A 178 6.76 -10.55 -56.13
CA PRO A 178 7.14 -9.83 -57.35
C PRO A 178 6.07 -9.87 -58.40
N ARG A 179 5.22 -10.90 -58.39
CA ARG A 179 4.15 -11.02 -59.36
C ARG A 179 3.24 -9.80 -59.32
N VAL A 180 2.65 -9.54 -58.15
CA VAL A 180 1.65 -8.47 -58.05
C VAL A 180 2.23 -7.16 -58.52
N LEU A 181 3.46 -6.86 -58.12
CA LEU A 181 4.10 -5.64 -58.59
C LEU A 181 4.27 -5.69 -60.09
N SER A 182 4.71 -6.84 -60.61
CA SER A 182 4.70 -7.03 -62.05
C SER A 182 3.27 -6.96 -62.57
N ALA A 183 2.34 -7.59 -61.87
CA ALA A 183 0.94 -7.43 -62.22
C ALA A 183 0.54 -5.96 -62.23
N ALA A 184 1.25 -5.13 -61.49
CA ALA A 184 1.13 -3.68 -61.65
C ALA A 184 2.20 -3.10 -62.55
N GLY A 185 3.11 -3.92 -63.07
CA GLY A 185 4.12 -3.42 -63.98
C GLY A 185 5.13 -2.50 -63.36
N PHE A 186 5.83 -2.96 -62.33
CA PHE A 186 6.90 -2.19 -61.72
C PHE A 186 8.25 -2.85 -61.97
N VAL A 187 9.30 -2.03 -61.95
CA VAL A 187 10.66 -2.48 -62.25
C VAL A 187 11.51 -2.25 -61.02
N PHE A 188 12.31 -3.25 -60.68
CA PHE A 188 13.27 -3.12 -59.59
C PHE A 188 14.59 -2.62 -60.17
N THR A 189 14.93 -1.37 -59.86
CA THR A 189 16.15 -0.80 -60.40
C THR A 189 17.38 -1.39 -59.76
N GLY A 190 17.24 -1.96 -58.57
CA GLY A 190 18.34 -2.48 -57.81
C GLY A 190 18.78 -1.58 -56.69
N LYS A 191 18.51 -0.28 -56.76
CA LYS A 191 18.91 0.56 -55.66
C LYS A 191 17.91 0.26 -54.56
N ARG A 192 18.40 -0.20 -53.41
CA ARG A 192 17.56 -0.58 -52.27
C ARG A 192 16.47 -1.55 -52.73
N ASP A 193 15.23 -1.27 -52.33
CA ASP A 193 14.09 -2.07 -52.75
C ASP A 193 13.24 -1.37 -53.80
N THR A 194 13.70 -0.24 -54.33
CA THR A 194 12.90 0.60 -55.20
C THR A 194 12.29 -0.19 -56.36
N VAL A 195 11.03 0.11 -56.65
CA VAL A 195 10.32 -0.43 -57.79
C VAL A 195 9.58 0.72 -58.47
N GLN A 196 9.47 0.64 -59.80
CA GLN A 196 9.05 1.80 -60.57
C GLN A 196 8.11 1.44 -61.71
N CYS A 197 7.12 2.29 -61.95
CA CYS A 197 6.21 2.14 -63.08
C CYS A 197 6.78 2.88 -64.27
N PHE A 198 7.21 2.11 -65.28
CA PHE A 198 7.98 2.67 -66.38
C PHE A 198 7.21 3.75 -67.13
N SER A 199 5.92 3.51 -67.37
CA SER A 199 5.11 4.44 -68.15
C SER A 199 5.12 5.81 -67.53
N CYS A 200 4.48 5.95 -66.36
CA CYS A 200 4.51 7.21 -65.66
C CYS A 200 5.90 7.53 -65.13
N GLY A 201 6.84 6.59 -65.22
CA GLY A 201 8.14 6.80 -64.64
C GLY A 201 8.06 6.76 -63.12
N GLY A 202 6.89 6.44 -62.60
CA GLY A 202 6.65 6.54 -61.18
C GLY A 202 7.13 5.34 -60.40
N SER A 203 7.64 5.59 -59.19
CA SER A 203 8.23 4.54 -58.37
C SER A 203 7.66 4.59 -56.96
N LEU A 204 8.13 3.65 -56.13
CA LEU A 204 7.75 3.54 -54.72
C LEU A 204 8.79 2.67 -54.01
N GLY A 205 8.45 2.28 -52.80
CA GLY A 205 9.32 1.42 -52.02
C GLY A 205 8.62 1.04 -50.73
N ASN A 206 9.42 0.65 -49.74
CA ASN A 206 8.98 0.52 -48.35
C ASN A 206 7.67 -0.24 -48.26
N TRP A 207 7.76 -1.53 -48.51
CA TRP A 207 6.57 -2.34 -48.76
C TRP A 207 6.15 -3.05 -47.48
N GLU A 208 5.03 -2.62 -46.91
CA GLU A 208 4.41 -3.41 -45.88
C GLU A 208 3.81 -4.66 -46.51
N GLU A 209 3.97 -5.78 -45.83
CA GLU A 209 3.35 -7.00 -46.30
C GLU A 209 1.85 -6.76 -46.41
N GLY A 210 1.32 -7.01 -47.61
CA GLY A 210 -0.09 -6.76 -47.88
C GLY A 210 -0.40 -5.49 -48.63
N ASP A 211 0.58 -4.84 -49.24
CA ASP A 211 0.35 -3.56 -49.91
C ASP A 211 0.02 -3.81 -51.39
N ASP A 212 -1.17 -3.38 -51.80
CA ASP A 212 -1.32 -3.57 -53.24
C ASP A 212 -0.88 -2.33 -53.98
N PRO A 213 -0.17 -2.49 -55.10
CA PRO A 213 0.07 -1.33 -55.94
C PRO A 213 -1.23 -0.76 -56.46
N TRP A 214 -2.09 -1.66 -56.93
CA TRP A 214 -3.41 -1.25 -57.39
C TRP A 214 -4.16 -0.50 -56.30
N LYS A 215 -3.91 -0.85 -55.05
CA LYS A 215 -4.12 0.10 -53.97
C LYS A 215 -3.26 1.34 -54.16
N GLU A 216 -1.94 1.15 -54.09
CA GLU A 216 -1.04 2.28 -53.91
C GLU A 216 -1.01 3.21 -55.11
N HIS A 217 -1.08 2.66 -56.32
CA HIS A 217 -0.53 3.34 -57.49
C HIS A 217 -1.11 4.74 -57.69
N ALA A 218 -2.41 4.82 -57.99
CA ALA A 218 -3.02 6.10 -58.30
C ALA A 218 -2.91 7.06 -57.13
N LYS A 219 -3.01 6.54 -55.90
CA LYS A 219 -2.77 7.40 -54.73
C LYS A 219 -1.49 8.18 -54.93
N TRP A 220 -0.44 7.49 -55.30
CA TRP A 220 0.81 8.17 -55.54
C TRP A 220 1.02 8.52 -57.00
N PHE A 221 0.20 7.98 -57.89
CA PHE A 221 0.32 8.27 -59.33
C PHE A 221 -1.05 8.26 -59.95
N PRO A 222 -1.84 9.28 -59.72
CA PRO A 222 -3.20 9.31 -60.26
C PRO A 222 -3.23 9.38 -61.76
N LYS A 223 -2.28 10.08 -62.36
CA LYS A 223 -2.30 10.33 -63.79
C LYS A 223 -1.49 9.31 -64.58
N CYS A 224 -1.00 8.27 -63.93
CA CYS A 224 -0.26 7.22 -64.64
C CYS A 224 -1.10 6.63 -65.76
N GLU A 225 -0.57 6.69 -66.99
CA GLU A 225 -1.33 6.27 -68.15
C GLU A 225 -1.52 4.76 -68.15
N PHE A 226 -0.43 4.02 -67.99
CA PHE A 226 -0.46 2.57 -67.94
C PHE A 226 -1.61 2.09 -67.06
N LEU A 227 -1.66 2.63 -65.85
CA LEU A 227 -2.79 2.38 -64.98
C LEU A 227 -4.09 2.83 -65.63
N GLN A 228 -4.21 4.12 -65.90
CA GLN A 228 -5.47 4.67 -66.41
C GLN A 228 -5.84 4.03 -67.74
N SER A 229 -4.86 3.51 -68.47
CA SER A 229 -5.17 2.77 -69.69
C SER A 229 -5.80 1.42 -69.42
N LYS A 230 -5.87 1.00 -68.15
CA LYS A 230 -6.37 -0.33 -67.85
C LYS A 230 -7.43 -0.33 -66.78
N LYS A 231 -7.06 0.09 -65.58
CA LYS A 231 -7.92 -0.08 -64.41
C LYS A 231 -9.20 0.76 -64.49
N SER A 232 -9.37 1.58 -65.53
CA SER A 232 -10.51 2.48 -65.73
C SER A 232 -10.53 3.53 -64.61
N SER A 233 -11.69 3.87 -64.07
CA SER A 233 -11.81 5.11 -63.31
C SER A 233 -12.51 4.91 -61.97
N GLU A 234 -13.80 4.65 -62.00
CA GLU A 234 -14.60 4.59 -60.79
C GLU A 234 -13.90 3.77 -59.73
N GLU A 235 -13.14 2.77 -60.16
CA GLU A 235 -12.31 1.99 -59.25
C GLU A 235 -11.48 2.87 -58.35
N ILE A 236 -10.94 3.97 -58.89
CA ILE A 236 -9.90 4.66 -58.18
C ILE A 236 -10.42 5.27 -56.89
N ALA A 237 -11.53 6.02 -56.97
CA ALA A 237 -12.10 6.65 -55.79
C ALA A 237 -12.46 5.61 -54.75
N GLN A 238 -12.58 4.37 -55.15
CA GLN A 238 -12.79 3.27 -54.25
C GLN A 238 -11.45 2.99 -53.61
N TYR A 239 -10.49 2.59 -54.46
CA TYR A 239 -9.12 2.39 -53.99
C TYR A 239 -8.57 3.63 -53.31
N ILE A 240 -8.98 4.81 -53.75
CA ILE A 240 -8.39 6.02 -53.19
C ILE A 240 -8.60 6.06 -51.69
N GLN A 241 -9.54 5.28 -51.18
CA GLN A 241 -9.80 5.25 -49.76
C GLN A 241 -8.71 4.42 -49.10
N SER A 242 -7.94 5.05 -48.23
CA SER A 242 -6.77 4.43 -47.63
C SER A 242 -6.40 5.22 -46.40
N TYR A 243 -5.25 4.91 -45.81
CA TYR A 243 -4.94 5.50 -44.52
C TYR A 243 -4.55 6.98 -44.62
N GLU A 244 -3.55 7.30 -45.42
CA GLU A 244 -2.86 8.57 -45.27
C GLU A 244 -3.75 9.74 -45.63
N GLY A 245 -3.33 10.93 -45.24
CA GLY A 245 -4.08 12.15 -45.46
C GLY A 245 -4.45 12.42 -46.89
N PHE A 246 -5.31 13.41 -47.07
CA PHE A 246 -6.04 13.61 -48.32
C PHE A 246 -5.15 13.61 -49.55
N VAL A 247 -3.89 14.00 -49.42
CA VAL A 247 -2.95 13.87 -50.52
C VAL A 247 -1.67 13.26 -50.01
N SER A 404 10.38 34.63 -56.27
CA SER A 404 10.62 34.30 -54.88
C SER A 404 9.45 33.56 -54.30
N GLU A 405 8.66 32.97 -55.17
CA GLU A 405 7.51 32.20 -54.71
C GLU A 405 7.93 31.23 -53.62
N GLN A 406 8.98 30.45 -53.87
CA GLN A 406 9.52 29.56 -52.86
C GLN A 406 10.64 30.17 -52.03
N LEU A 407 11.21 31.30 -52.45
CA LEU A 407 12.36 31.82 -51.70
C LEU A 407 11.95 32.35 -50.33
N ARG A 408 10.73 32.87 -50.24
CA ARG A 408 10.18 33.33 -48.98
C ARG A 408 10.21 32.23 -47.94
N ASP A 409 10.32 30.99 -48.37
CA ASP A 409 10.24 29.87 -47.48
C ASP A 409 11.56 29.62 -46.78
N ASN A 410 12.67 29.70 -47.53
CA ASN A 410 13.98 29.52 -46.91
C ASN A 410 14.13 30.44 -45.72
N TYR A 411 13.65 31.67 -45.86
CA TYR A 411 13.59 32.58 -44.74
C TYR A 411 12.86 31.92 -43.59
N THR A 412 11.60 31.52 -43.85
CA THR A 412 10.86 30.75 -42.87
C THR A 412 11.72 29.60 -42.36
N LYS A 413 12.30 28.84 -43.27
CA LYS A 413 13.23 27.79 -42.87
C LYS A 413 14.34 28.37 -42.00
N ALA A 414 15.08 29.32 -42.56
CA ALA A 414 16.24 29.86 -41.86
C ALA A 414 15.86 30.35 -40.47
N THR A 415 14.71 31.01 -40.35
CA THR A 415 14.28 31.54 -39.06
C THR A 415 14.37 30.47 -37.98
N PHE A 416 13.69 29.35 -38.19
CA PHE A 416 13.74 28.30 -37.19
C PHE A 416 15.09 27.63 -37.17
N ARG A 417 15.76 27.60 -38.32
CA ARG A 417 17.12 27.10 -38.37
C ARG A 417 18.02 27.91 -37.43
N HIS A 418 17.79 29.21 -37.35
CA HIS A 418 18.49 30.00 -36.34
C HIS A 418 17.96 29.67 -34.96
N MET A 419 18.75 30.02 -33.95
CA MET A 419 18.38 29.65 -32.60
C MET A 419 17.31 30.61 -32.07
N ASN A 420 16.15 30.04 -31.77
CA ASN A 420 15.07 30.75 -31.10
C ASN A 420 14.56 29.89 -29.95
N LEU A 421 14.00 28.74 -30.31
CA LEU A 421 13.33 27.81 -29.41
C LEU A 421 14.31 27.12 -28.46
N PRO A 422 15.47 26.64 -28.92
CA PRO A 422 16.41 25.99 -28.01
C PRO A 422 16.79 26.87 -26.83
N GLU A 423 17.18 26.21 -25.74
CA GLU A 423 17.35 26.85 -24.43
C GLU A 423 16.05 27.54 -24.01
N VAL A 424 14.96 26.77 -24.08
CA VAL A 424 13.66 27.24 -23.59
C VAL A 424 13.58 27.14 -22.08
N CYS A 425 14.16 26.09 -21.50
CA CYS A 425 14.23 25.96 -20.05
C CYS A 425 15.21 27.00 -19.51
N SER A 426 14.74 27.85 -18.60
CA SER A 426 15.56 28.95 -18.11
C SER A 426 16.84 28.48 -17.44
N SER A 427 16.91 27.20 -17.06
CA SER A 427 18.10 26.61 -16.50
C SER A 427 19.28 26.82 -17.45
N LEU A 428 19.26 26.10 -18.58
CA LEU A 428 20.28 26.20 -19.61
C LEU A 428 19.89 25.25 -20.72
N GLY A 429 20.48 25.45 -21.90
CA GLY A 429 20.17 24.68 -23.08
C GLY A 429 21.10 23.51 -23.33
N THR A 430 21.72 22.97 -22.28
CA THR A 430 22.82 22.01 -22.41
C THR A 430 22.54 20.97 -23.49
N ASP A 431 21.31 20.45 -23.51
CA ASP A 431 20.78 19.76 -24.66
C ASP A 431 19.69 20.64 -25.25
N HIS A 432 19.98 21.26 -26.39
CA HIS A 432 19.08 22.24 -26.96
C HIS A 432 17.91 21.57 -27.66
N LEU A 433 18.18 20.49 -28.39
CA LEU A 433 17.13 19.61 -28.88
C LEU A 433 16.93 18.52 -27.86
N LEU A 434 15.79 18.54 -27.20
CA LEU A 434 15.43 17.53 -26.21
C LEU A 434 14.44 16.58 -26.87
N SER A 435 14.86 15.35 -27.14
CA SER A 435 13.92 14.40 -27.73
C SER A 435 13.43 13.54 -26.58
N CYS A 436 12.29 13.94 -26.04
CA CYS A 436 11.43 13.12 -25.22
C CYS A 436 10.04 13.66 -25.53
N ASP A 437 9.11 12.79 -25.86
CA ASP A 437 7.98 13.26 -26.63
C ASP A 437 6.67 13.01 -25.89
N VAL A 438 5.71 13.87 -26.18
CA VAL A 438 4.45 13.90 -25.45
C VAL A 438 3.49 12.87 -26.06
N SER A 439 2.85 12.10 -25.19
CA SER A 439 1.94 11.05 -25.65
C SER A 439 0.62 11.68 -26.06
N ILE A 440 0.25 11.51 -27.31
CA ILE A 440 -0.96 12.11 -27.84
C ILE A 440 -2.02 11.04 -28.01
N ILE A 441 -3.26 11.44 -27.77
CA ILE A 441 -4.43 10.61 -28.01
C ILE A 441 -5.33 11.34 -28.99
N SER A 442 -5.95 10.58 -29.90
CA SER A 442 -6.92 11.12 -30.82
C SER A 442 -8.28 10.53 -30.48
N LYS A 443 -9.14 11.35 -29.91
CA LYS A 443 -10.48 10.94 -29.50
C LYS A 443 -11.45 11.29 -30.61
N HIS A 444 -12.45 10.45 -30.81
CA HIS A 444 -13.39 10.70 -31.88
C HIS A 444 -14.52 11.63 -31.46
N ILE A 445 -14.92 12.48 -32.39
CA ILE A 445 -16.03 13.41 -32.16
C ILE A 445 -17.30 12.64 -31.82
N SER A 446 -17.86 11.95 -32.81
CA SER A 446 -19.27 11.58 -32.79
C SER A 446 -19.57 10.32 -31.97
N GLN A 447 -18.56 9.55 -31.58
CA GLN A 447 -18.70 8.38 -30.73
C GLN A 447 -17.44 8.23 -29.87
N PRO A 448 -17.53 7.50 -28.76
CA PRO A 448 -16.53 7.65 -27.68
C PRO A 448 -15.10 7.24 -28.02
N VAL A 449 -14.84 6.53 -29.11
CA VAL A 449 -13.56 5.83 -29.25
C VAL A 449 -12.38 6.78 -29.08
N GLN A 450 -11.44 6.38 -28.22
CA GLN A 450 -10.29 7.19 -27.85
C GLN A 450 -9.06 6.99 -28.72
N GLU A 451 -8.96 5.87 -29.44
CA GLU A 451 -7.97 5.72 -30.51
C GLU A 451 -6.58 6.22 -30.15
N ALA A 452 -5.85 5.49 -29.30
CA ALA A 452 -4.49 5.89 -28.97
C ALA A 452 -3.61 5.89 -30.22
N LEU A 453 -2.64 6.80 -30.25
CA LEU A 453 -1.79 6.98 -31.42
C LEU A 453 -0.34 7.15 -31.01
N THR A 454 0.53 7.14 -32.02
CA THR A 454 1.95 7.44 -31.87
C THR A 454 2.28 8.62 -32.76
N ILE A 455 3.22 9.44 -32.32
CA ILE A 455 3.47 10.72 -32.98
C ILE A 455 3.73 10.58 -34.47
N PRO A 456 4.68 9.77 -34.93
CA PRO A 456 4.93 9.72 -36.37
C PRO A 456 3.68 9.37 -37.14
N GLU A 457 2.90 8.43 -36.63
CA GLU A 457 1.58 8.18 -37.20
C GLU A 457 0.77 9.47 -37.25
N VAL A 458 0.72 10.19 -36.13
CA VAL A 458 -0.11 11.38 -36.03
C VAL A 458 0.23 12.35 -37.13
N PHE A 459 1.49 12.42 -37.50
CA PHE A 459 1.91 13.23 -38.63
C PHE A 459 1.02 13.01 -39.83
N SER A 460 1.14 11.84 -40.44
CA SER A 460 0.39 11.55 -41.66
C SER A 460 -1.11 11.63 -41.43
N ASN A 461 -1.55 11.52 -40.18
CA ASN A 461 -2.96 11.69 -39.89
C ASN A 461 -3.43 13.13 -40.09
N LEU A 462 -2.53 14.07 -40.33
CA LEU A 462 -2.92 15.46 -40.41
C LEU A 462 -3.78 15.72 -41.66
N ASN A 463 -5.03 16.10 -41.44
CA ASN A 463 -5.88 16.50 -42.55
C ASN A 463 -6.64 17.75 -42.16
N SER A 464 -6.44 18.83 -42.92
CA SER A 464 -7.12 20.10 -42.66
C SER A 464 -6.95 20.56 -41.21
N VAL A 465 -8.06 20.92 -40.58
CA VAL A 465 -8.08 21.36 -39.19
C VAL A 465 -7.83 20.22 -38.21
N MET A 466 -7.35 20.56 -37.02
CA MET A 466 -7.07 19.55 -36.02
C MET A 466 -6.99 20.21 -34.64
N CYS A 467 -6.99 19.36 -33.62
CA CYS A 467 -7.36 19.80 -32.27
C CYS A 467 -6.18 20.26 -31.43
N VAL A 468 -5.30 19.33 -31.05
CA VAL A 468 -4.16 19.64 -30.19
C VAL A 468 -4.64 20.19 -28.85
N GLU A 469 -5.17 19.30 -28.01
CA GLU A 469 -5.75 19.69 -26.74
C GLU A 469 -4.86 19.28 -25.58
N GLY A 470 -4.93 20.05 -24.52
CA GLY A 470 -4.20 19.76 -23.30
C GLY A 470 -4.56 20.78 -22.24
N GLU A 471 -3.75 20.90 -21.19
CA GLU A 471 -4.10 21.88 -20.14
C GLU A 471 -3.25 23.15 -20.18
N THR A 472 -2.08 23.07 -19.54
CA THR A 472 -1.14 24.17 -19.50
C THR A 472 0.21 23.63 -19.06
N GLY A 473 1.27 24.20 -19.60
CA GLY A 473 2.62 23.76 -19.27
C GLY A 473 2.76 22.27 -19.51
N SER A 474 1.84 21.72 -20.28
CA SER A 474 1.75 20.30 -20.51
C SER A 474 2.45 19.88 -21.78
N GLY A 475 3.13 20.81 -22.44
CA GLY A 475 3.72 20.55 -23.73
C GLY A 475 3.03 21.20 -24.90
N LYS A 476 2.11 22.12 -24.65
CA LYS A 476 1.39 22.80 -25.72
C LYS A 476 2.34 23.26 -26.80
N THR A 477 3.12 24.29 -26.47
CA THR A 477 3.96 24.92 -27.47
C THR A 477 5.06 23.98 -27.93
N THR A 478 5.67 23.27 -26.98
CA THR A 478 6.85 22.47 -27.28
C THR A 478 6.61 21.53 -28.44
N PHE A 479 5.48 20.81 -28.41
CA PHE A 479 5.21 19.80 -29.42
C PHE A 479 5.21 20.41 -30.81
N LEU A 480 4.45 21.49 -31.00
CA LEU A 480 4.50 22.19 -32.28
C LEU A 480 5.91 22.64 -32.61
N LYS A 481 6.64 23.13 -31.61
CA LYS A 481 7.96 23.66 -31.90
C LYS A 481 8.86 22.63 -32.54
N ARG A 482 8.74 21.36 -32.15
CA ARG A 482 9.51 20.33 -32.83
C ARG A 482 9.28 20.36 -34.32
N ILE A 483 8.03 20.55 -34.73
CA ILE A 483 7.69 20.45 -36.15
C ILE A 483 8.62 21.33 -36.98
N ALA A 484 8.64 22.62 -36.66
CA ALA A 484 9.47 23.56 -37.41
C ALA A 484 10.92 23.10 -37.42
N PHE A 485 11.54 23.07 -36.24
CA PHE A 485 12.95 22.73 -36.13
C PHE A 485 13.24 21.40 -36.79
N LEU A 486 12.23 20.55 -36.90
CA LEU A 486 12.29 19.44 -37.84
C LEU A 486 12.02 19.92 -39.25
N TRP A 487 10.85 20.52 -39.47
CA TRP A 487 10.38 20.87 -40.80
C TRP A 487 11.47 21.51 -41.64
N ALA A 488 12.29 22.35 -41.03
CA ALA A 488 13.44 22.87 -41.75
C ALA A 488 14.40 21.76 -42.11
N SER A 489 14.74 20.92 -41.15
CA SER A 489 15.78 19.92 -41.32
C SER A 489 15.26 18.69 -42.07
N GLY A 490 16.18 17.98 -42.71
CA GLY A 490 15.82 16.72 -43.34
C GLY A 490 15.46 15.68 -42.29
N CYS A 491 14.24 15.18 -42.34
CA CYS A 491 13.69 14.28 -41.33
C CYS A 491 12.41 13.61 -41.84
N CYS A 492 11.63 13.08 -40.90
CA CYS A 492 10.46 12.23 -41.07
C CYS A 492 9.47 12.81 -42.08
N PRO A 493 8.59 11.99 -42.66
CA PRO A 493 7.93 12.38 -43.91
C PRO A 493 7.11 13.64 -43.83
N LEU A 494 6.23 13.72 -42.84
CA LEU A 494 5.12 14.67 -42.87
C LEU A 494 5.60 16.03 -43.32
N LEU A 495 6.76 16.42 -42.81
CA LEU A 495 7.37 17.67 -43.22
C LEU A 495 7.52 17.71 -44.73
N TYR A 496 8.10 16.67 -45.29
CA TYR A 496 8.72 16.77 -46.59
C TYR A 496 7.70 17.11 -47.68
N ARG A 497 6.41 17.10 -47.37
CA ARG A 497 5.40 17.44 -48.37
C ARG A 497 5.18 18.95 -48.51
N PHE A 498 5.19 19.70 -47.41
CA PHE A 498 4.90 21.12 -47.50
C PHE A 498 6.13 21.92 -47.88
N GLN A 499 5.93 22.99 -48.64
CA GLN A 499 6.93 24.04 -48.69
C GLN A 499 6.60 25.24 -47.81
N LEU A 500 5.51 25.20 -47.04
CA LEU A 500 5.22 26.31 -46.12
C LEU A 500 4.74 25.81 -44.77
N VAL A 501 5.21 26.50 -43.73
CA VAL A 501 4.75 26.31 -42.36
C VAL A 501 4.67 27.68 -41.70
N PHE A 502 3.55 27.96 -41.05
CA PHE A 502 3.36 29.23 -40.39
C PHE A 502 3.18 28.97 -38.90
N TYR A 503 4.15 29.37 -38.11
CA TYR A 503 4.07 29.21 -36.67
C TYR A 503 3.83 30.57 -36.06
N LEU A 504 2.62 30.79 -35.58
CA LEU A 504 2.31 31.97 -34.77
C LEU A 504 1.48 31.52 -33.59
N SER A 505 2.05 31.62 -32.39
CA SER A 505 1.37 31.25 -31.17
C SER A 505 0.60 32.41 -30.59
N LEU A 506 0.51 33.51 -31.33
CA LEU A 506 0.15 34.78 -30.74
C LEU A 506 -1.35 34.86 -30.54
N SER A 507 -1.77 35.03 -29.30
CA SER A 507 -3.09 35.60 -29.06
C SER A 507 -3.03 37.11 -29.18
N SER A 508 -1.83 37.67 -29.07
CA SER A 508 -1.66 39.11 -29.08
C SER A 508 -2.17 39.70 -30.38
N ILE A 509 -1.91 39.02 -31.48
CA ILE A 509 -2.33 39.51 -32.78
C ILE A 509 -3.85 39.57 -32.88
N THR A 510 -4.55 38.70 -32.17
CA THR A 510 -5.95 38.45 -32.45
C THR A 510 -6.83 39.69 -32.48
N PRO A 511 -6.68 40.68 -31.60
CA PRO A 511 -7.53 41.87 -31.74
C PRO A 511 -7.29 42.60 -33.03
N ASP A 512 -6.05 42.58 -33.51
CA ASP A 512 -5.67 43.38 -34.66
C ASP A 512 -6.58 43.04 -35.82
N GLN A 513 -6.84 44.05 -36.66
CA GLN A 513 -7.30 43.73 -38.00
C GLN A 513 -6.33 42.77 -38.66
N GLY A 514 -5.05 42.93 -38.36
CA GLY A 514 -4.05 41.96 -38.74
C GLY A 514 -3.38 42.29 -40.06
N LEU A 515 -2.32 41.52 -40.33
CA LEU A 515 -1.49 41.71 -41.51
C LEU A 515 -0.81 40.40 -41.84
N ALA A 516 -0.23 40.35 -43.03
CA ALA A 516 0.90 39.45 -43.22
C ALA A 516 1.96 39.73 -42.19
N ASN A 517 2.12 41.00 -41.81
CA ASN A 517 3.09 41.37 -40.80
C ASN A 517 2.85 40.68 -39.48
N ILE A 518 1.65 40.16 -39.26
CA ILE A 518 1.46 39.21 -38.18
C ILE A 518 2.56 38.16 -38.24
N ILE A 519 2.82 37.67 -39.44
CA ILE A 519 3.90 36.72 -39.63
C ILE A 519 5.25 37.41 -39.45
N CYS A 520 5.32 38.71 -39.75
CA CYS A 520 6.59 39.41 -39.64
C CYS A 520 7.13 39.34 -38.23
N ALA A 521 6.28 39.02 -37.26
CA ALA A 521 6.78 38.57 -35.97
C ALA A 521 7.87 37.52 -36.16
N GLN A 522 7.59 36.52 -36.99
CA GLN A 522 8.61 35.52 -37.25
C GLN A 522 9.57 35.94 -38.35
N LEU A 523 9.10 36.70 -39.34
CA LEU A 523 9.97 37.16 -40.42
C LEU A 523 11.20 37.85 -39.89
N LEU A 524 11.04 38.64 -38.84
CA LEU A 524 11.99 39.68 -38.49
C LEU A 524 12.30 40.51 -39.74
N GLY A 525 11.26 41.21 -40.18
CA GLY A 525 11.38 41.98 -41.40
C GLY A 525 11.75 41.09 -42.56
N ALA A 526 12.60 41.61 -43.44
CA ALA A 526 12.99 40.94 -44.68
C ALA A 526 11.79 40.64 -45.55
N GLY A 527 10.70 41.37 -45.35
CA GLY A 527 9.47 41.18 -46.11
C GLY A 527 9.19 42.33 -47.06
N GLY A 528 7.92 42.54 -47.35
CA GLY A 528 7.45 43.74 -48.04
C GLY A 528 7.01 43.52 -49.47
N CYS A 529 7.45 42.47 -50.14
CA CYS A 529 6.69 42.04 -51.31
C CYS A 529 5.55 41.16 -50.89
N ILE A 530 5.61 40.64 -49.66
CA ILE A 530 4.56 39.81 -49.11
C ILE A 530 3.26 40.58 -49.14
N SER A 531 2.23 40.00 -49.73
CA SER A 531 0.99 40.71 -49.92
C SER A 531 -0.14 39.69 -50.04
N GLU A 532 -1.36 40.14 -49.74
CA GLU A 532 -2.52 39.31 -50.01
C GLU A 532 -2.47 38.80 -51.44
N VAL A 533 -2.08 39.67 -52.37
CA VAL A 533 -1.70 39.27 -53.71
C VAL A 533 -0.74 38.09 -53.58
N CYS A 534 0.46 38.37 -53.07
CA CYS A 534 1.46 37.33 -52.94
C CYS A 534 1.07 36.25 -51.94
N LEU A 535 0.02 36.46 -51.15
CA LEU A 535 -0.37 35.44 -50.19
C LEU A 535 -1.67 34.78 -50.56
N SER A 536 -2.77 35.48 -50.35
CA SER A 536 -4.10 34.88 -50.31
C SER A 536 -4.34 33.92 -51.47
N SER A 537 -4.40 34.45 -52.69
CA SER A 537 -4.60 33.57 -53.84
C SER A 537 -3.44 32.62 -54.02
N SER A 538 -2.23 33.04 -53.66
CA SER A 538 -1.11 32.12 -53.63
C SER A 538 -1.30 31.09 -52.53
N ILE A 539 -1.87 31.51 -51.41
CA ILE A 539 -2.21 30.56 -50.36
C ILE A 539 -3.25 29.57 -50.85
N GLN A 540 -4.12 29.98 -51.76
CA GLN A 540 -4.99 29.02 -52.43
C GLN A 540 -4.46 28.58 -53.78
N GLN A 541 -3.34 29.14 -54.25
CA GLN A 541 -2.70 28.65 -55.45
C GLN A 541 -2.45 27.17 -55.25
N LEU A 542 -1.53 26.85 -54.36
CA LEU A 542 -1.50 25.51 -53.81
C LEU A 542 -2.46 25.47 -52.63
N GLN A 543 -3.18 24.36 -52.50
CA GLN A 543 -3.91 24.20 -51.25
C GLN A 543 -3.02 23.66 -50.15
N HIS A 544 -2.29 22.57 -50.43
CA HIS A 544 -1.89 21.74 -49.30
C HIS A 544 -0.66 22.25 -48.58
N GLN A 545 0.38 22.67 -49.31
CA GLN A 545 1.60 23.06 -48.60
C GLN A 545 1.36 24.18 -47.61
N VAL A 546 0.19 24.81 -47.65
CA VAL A 546 -0.23 25.71 -46.59
C VAL A 546 -0.21 24.96 -45.26
N LEU A 547 0.34 25.62 -44.24
CA LEU A 547 0.24 25.09 -42.89
C LEU A 547 0.31 26.25 -41.91
N PHE A 548 -0.42 26.11 -40.81
CA PHE A 548 -0.38 27.08 -39.72
C PHE A 548 -0.15 26.37 -38.40
N LEU A 549 0.44 27.11 -37.47
CA LEU A 549 0.60 26.67 -36.09
C LEU A 549 0.11 27.79 -35.20
N LEU A 550 -0.93 27.52 -34.41
CA LEU A 550 -1.62 28.56 -33.66
C LEU A 550 -1.71 28.19 -32.19
N ASP A 551 -1.33 29.13 -31.33
CA ASP A 551 -1.78 29.19 -29.94
C ASP A 551 -2.82 30.29 -29.84
N ASP A 552 -4.07 29.91 -29.67
CA ASP A 552 -5.21 30.80 -29.81
C ASP A 552 -6.49 30.04 -29.53
N TYR A 553 -7.62 30.72 -29.61
CA TYR A 553 -8.87 30.06 -29.35
C TYR A 553 -10.08 30.91 -29.66
N SER A 554 -11.23 30.26 -29.61
CA SER A 554 -12.52 30.92 -29.90
C SER A 554 -12.86 31.32 -31.33
N GLY A 555 -11.96 32.05 -31.96
CA GLY A 555 -12.18 32.62 -33.28
C GLY A 555 -12.81 34.00 -33.18
N LEU A 556 -12.94 34.43 -31.93
CA LEU A 556 -13.55 35.70 -31.59
C LEU A 556 -12.81 36.86 -32.21
N ALA A 557 -11.49 36.76 -32.26
CA ALA A 557 -10.69 37.82 -32.85
C ALA A 557 -11.14 37.94 -34.30
N SER A 558 -11.39 39.16 -34.75
CA SER A 558 -11.89 39.37 -36.09
C SER A 558 -10.78 39.59 -37.10
N LEU A 559 -10.55 38.59 -37.93
CA LEU A 559 -9.54 38.70 -38.97
C LEU A 559 -10.01 38.14 -40.30
N PRO A 560 -10.02 38.95 -41.36
CA PRO A 560 -10.35 38.27 -42.60
C PRO A 560 -9.47 37.05 -42.80
N GLN A 561 -8.28 37.04 -42.20
CA GLN A 561 -7.31 36.01 -42.53
C GLN A 561 -7.72 34.69 -41.88
N ALA A 562 -7.55 34.58 -40.57
CA ALA A 562 -7.90 33.33 -39.91
C ALA A 562 -9.40 33.23 -39.71
N LEU A 563 -10.00 34.29 -39.21
CA LEU A 563 -11.41 34.23 -38.85
C LEU A 563 -12.29 34.22 -40.08
N HIS A 564 -12.39 35.37 -40.75
CA HIS A 564 -13.37 35.52 -41.81
C HIS A 564 -13.10 34.58 -42.97
N THR A 565 -11.97 33.88 -42.96
CA THR A 565 -11.63 32.94 -44.01
C THR A 565 -11.36 31.55 -43.47
N LEU A 566 -10.35 31.40 -42.61
CA LEU A 566 -9.68 30.12 -42.51
C LEU A 566 -10.56 29.08 -41.83
N ILE A 567 -10.78 29.22 -40.53
CA ILE A 567 -11.51 28.18 -39.82
C ILE A 567 -12.93 28.08 -40.34
N THR A 568 -13.51 29.20 -40.74
CA THR A 568 -14.86 29.20 -41.25
C THR A 568 -15.00 28.28 -42.46
N LYS A 569 -14.43 28.65 -43.59
CA LYS A 569 -14.64 27.92 -44.84
C LYS A 569 -13.38 27.13 -45.19
N ASN A 570 -13.45 25.82 -45.04
CA ASN A 570 -12.37 24.98 -45.56
C ASN A 570 -12.53 24.71 -47.04
N TYR A 571 -13.74 24.40 -47.50
CA TYR A 571 -13.78 23.85 -48.85
C TYR A 571 -13.45 24.90 -49.89
N LEU A 572 -13.29 26.16 -49.49
CA LEU A 572 -12.57 27.09 -50.34
C LEU A 572 -11.07 26.88 -50.26
N SER A 573 -10.59 26.29 -49.17
CA SER A 573 -9.17 26.26 -48.84
C SER A 573 -8.72 24.85 -48.54
N ARG A 574 -9.36 24.25 -47.52
CA ARG A 574 -9.12 22.89 -47.07
C ARG A 574 -7.65 22.68 -46.71
N THR A 575 -7.17 23.53 -45.81
CA THR A 575 -5.78 23.50 -45.39
C THR A 575 -5.70 23.12 -43.91
N CYS A 576 -4.52 22.63 -43.53
CA CYS A 576 -4.34 21.93 -42.27
C CYS A 576 -3.81 22.86 -41.20
N LEU A 577 -4.30 22.66 -39.97
CA LEU A 577 -3.82 23.43 -38.84
C LEU A 577 -3.78 22.57 -37.59
N LEU A 578 -2.78 22.81 -36.75
CA LEU A 578 -2.73 22.30 -35.40
C LEU A 578 -2.87 23.47 -34.45
N ILE A 579 -3.78 23.37 -33.50
CA ILE A 579 -4.15 24.51 -32.68
C ILE A 579 -3.85 24.19 -31.22
N ALA A 580 -2.85 24.85 -30.67
CA ALA A 580 -2.67 24.77 -29.22
C ALA A 580 -3.91 25.32 -28.54
N VAL A 581 -4.51 24.53 -27.67
CA VAL A 581 -5.72 24.96 -26.99
C VAL A 581 -5.62 24.58 -25.54
N HIS A 582 -5.70 25.56 -24.65
CA HIS A 582 -5.90 25.24 -23.26
C HIS A 582 -7.27 24.61 -23.10
N THR A 583 -7.33 23.54 -22.29
CA THR A 583 -8.53 22.73 -22.24
C THR A 583 -9.80 23.55 -22.05
N ASN A 584 -9.72 24.63 -21.30
CA ASN A 584 -10.92 25.40 -21.02
C ASN A 584 -11.45 26.11 -22.24
N ARG A 585 -10.70 26.14 -23.33
CA ARG A 585 -11.11 26.84 -24.53
C ARG A 585 -11.72 25.94 -25.59
N VAL A 586 -11.80 24.63 -25.34
CA VAL A 586 -12.29 23.71 -26.35
C VAL A 586 -13.77 23.89 -26.60
N ARG A 587 -14.56 23.84 -25.53
CA ARG A 587 -15.99 23.62 -25.63
C ARG A 587 -16.71 24.78 -26.26
N ASP A 588 -15.99 25.85 -26.58
CA ASP A 588 -16.57 26.90 -27.40
C ASP A 588 -16.45 26.58 -28.88
N ILE A 589 -15.29 26.17 -29.36
CA ILE A 589 -15.11 25.97 -30.80
C ILE A 589 -14.99 24.52 -31.26
N ARG A 590 -15.52 23.58 -30.49
CA ARG A 590 -15.28 22.20 -30.87
C ARG A 590 -16.02 21.80 -32.15
N LEU A 591 -17.24 22.31 -32.38
CA LEU A 591 -18.03 21.80 -33.50
C LEU A 591 -17.35 22.05 -34.83
N TYR A 592 -16.59 23.13 -34.94
CA TYR A 592 -15.84 23.32 -36.18
C TYR A 592 -14.67 22.36 -36.25
N LEU A 593 -14.29 21.79 -35.12
CA LEU A 593 -13.02 21.15 -34.95
C LEU A 593 -13.15 19.66 -35.26
N GLY A 594 -12.15 19.11 -35.93
CA GLY A 594 -12.20 17.71 -36.29
C GLY A 594 -12.05 16.83 -35.06
N THR A 595 -11.83 15.55 -35.32
CA THR A 595 -11.67 14.60 -34.24
C THR A 595 -10.42 14.91 -33.42
N SER A 596 -10.43 14.46 -32.18
CA SER A 596 -9.54 15.04 -31.19
C SER A 596 -8.08 14.77 -31.52
N LEU A 597 -7.23 15.70 -31.13
CA LEU A 597 -5.83 15.44 -30.85
C LEU A 597 -5.61 15.90 -29.42
N GLU A 598 -5.42 14.96 -28.50
CA GLU A 598 -5.37 15.31 -27.10
C GLU A 598 -4.23 14.55 -26.44
N ILE A 599 -3.91 14.98 -25.22
CA ILE A 599 -2.74 14.50 -24.50
C ILE A 599 -3.20 13.73 -23.29
N GLN A 600 -2.83 12.46 -23.20
CA GLN A 600 -3.31 11.65 -22.10
C GLN A 600 -2.83 12.11 -20.74
N GLU A 601 -1.53 12.31 -20.70
CA GLU A 601 -0.75 12.74 -19.56
C GLU A 601 0.73 12.63 -19.97
N PHE A 602 1.64 12.80 -19.02
CA PHE A 602 3.04 12.68 -19.38
C PHE A 602 3.58 11.33 -18.95
N PRO A 603 4.06 10.54 -19.93
CA PRO A 603 4.67 9.25 -19.65
C PRO A 603 5.77 9.40 -18.62
N PHE A 604 5.74 8.53 -17.61
CA PHE A 604 6.74 8.61 -16.56
C PHE A 604 8.16 8.44 -17.07
N TYR A 605 8.33 7.78 -18.23
CA TYR A 605 9.68 7.55 -18.69
C TYR A 605 10.33 8.80 -19.27
N ASN A 606 9.58 9.61 -20.03
CA ASN A 606 10.20 10.81 -20.59
C ASN A 606 10.79 11.68 -19.51
N THR A 607 10.14 11.75 -18.36
CA THR A 607 10.75 12.33 -17.17
C THR A 607 12.12 11.71 -16.99
N VAL A 608 12.13 10.41 -16.71
CA VAL A 608 13.40 9.72 -16.51
C VAL A 608 14.31 9.93 -17.70
N SER A 609 13.74 10.02 -18.89
CA SER A 609 14.54 10.46 -20.03
C SER A 609 15.10 11.84 -19.78
N VAL A 610 14.25 12.80 -19.43
CA VAL A 610 14.73 14.15 -19.14
C VAL A 610 15.75 14.10 -18.03
N LEU A 611 15.40 13.45 -16.92
CA LEU A 611 16.29 13.47 -15.77
C LEU A 611 17.64 12.89 -16.09
N ARG A 612 17.72 11.99 -17.07
CA ARG A 612 19.02 11.59 -17.59
C ARG A 612 19.80 12.79 -18.09
N LYS A 613 19.31 13.42 -19.15
CA LYS A 613 20.04 14.49 -19.81
C LYS A 613 20.57 15.51 -18.82
N PHE A 614 19.67 16.27 -18.20
CA PHE A 614 20.10 17.44 -17.44
C PHE A 614 20.97 17.09 -16.25
N PHE A 615 21.16 15.81 -15.97
CA PHE A 615 22.05 15.41 -14.90
C PHE A 615 23.21 14.59 -15.42
N SER A 616 24.21 14.49 -14.57
CA SER A 616 25.32 13.56 -14.72
C SER A 616 24.96 12.18 -14.21
N HIS A 617 23.68 11.98 -13.86
CA HIS A 617 23.13 10.66 -13.52
C HIS A 617 23.72 10.17 -12.20
N ASP A 618 23.72 11.05 -11.23
CA ASP A 618 24.64 11.04 -10.10
C ASP A 618 24.22 10.12 -9.00
N ILE A 619 23.29 9.20 -9.31
CA ILE A 619 22.65 8.35 -8.32
C ILE A 619 21.75 9.27 -7.52
N ILE A 620 21.35 10.38 -8.13
CA ILE A 620 20.16 11.08 -7.68
C ILE A 620 18.93 10.41 -8.26
N CYS A 621 18.93 10.17 -9.57
CA CYS A 621 17.81 9.45 -10.17
C CYS A 621 17.74 8.05 -9.62
N VAL A 622 18.89 7.42 -9.41
CA VAL A 622 18.90 6.11 -8.78
C VAL A 622 18.13 6.17 -7.47
N GLU A 623 18.37 7.20 -6.69
CA GLU A 623 17.65 7.32 -5.44
C GLU A 623 16.19 7.69 -5.65
N LYS A 624 15.81 8.10 -6.86
CA LYS A 624 14.42 8.45 -7.10
C LYS A 624 13.53 7.22 -7.18
N LEU A 625 13.73 6.41 -8.21
CA LEU A 625 12.80 5.34 -8.52
C LEU A 625 12.50 4.50 -7.29
N ILE A 626 13.50 4.31 -6.44
CA ILE A 626 13.33 3.50 -5.24
C ILE A 626 12.18 4.03 -4.42
N ILE A 627 12.09 5.35 -4.26
CA ILE A 627 10.85 5.93 -3.78
C ILE A 627 9.70 5.49 -4.66
N TYR A 628 9.75 5.83 -5.94
CA TYR A 628 8.60 5.52 -6.78
C TYR A 628 8.38 4.03 -6.94
N PHE A 629 9.27 3.18 -6.43
CA PHE A 629 8.81 1.84 -6.13
C PHE A 629 8.03 1.78 -4.83
N ILE A 630 8.56 2.38 -3.77
CA ILE A 630 7.85 2.35 -2.49
C ILE A 630 6.45 2.90 -2.69
N ASP A 631 6.35 4.17 -3.02
CA ASP A 631 5.07 4.76 -3.35
C ASP A 631 4.65 4.27 -4.73
N ASN A 632 3.34 4.11 -4.92
CA ASN A 632 2.89 3.68 -6.24
C ASN A 632 1.92 4.70 -6.81
N LYS A 633 0.68 4.67 -6.34
CA LYS A 633 -0.22 5.76 -6.65
C LYS A 633 0.34 7.05 -6.13
N ASP A 634 0.94 6.99 -4.94
CA ASP A 634 1.60 8.14 -4.36
C ASP A 634 2.78 8.60 -5.20
N LEU A 635 3.11 7.85 -6.25
CA LEU A 635 4.25 8.16 -7.09
C LEU A 635 3.83 8.30 -8.53
N GLN A 636 3.42 7.18 -9.13
CA GLN A 636 3.31 7.11 -10.58
C GLN A 636 2.41 8.19 -11.14
N GLY A 637 1.50 8.73 -10.34
CA GLY A 637 0.67 9.82 -10.78
C GLY A 637 1.19 11.20 -10.48
N VAL A 638 2.35 11.31 -9.83
CA VAL A 638 2.87 12.60 -9.42
C VAL A 638 3.06 13.51 -10.63
N TYR A 639 3.68 12.98 -11.68
CA TYR A 639 4.03 13.80 -12.83
C TYR A 639 2.88 13.82 -13.82
N LYS A 640 2.51 15.02 -14.22
CA LYS A 640 1.48 15.19 -15.24
C LYS A 640 1.99 16.16 -16.29
N THR A 641 2.28 17.37 -15.89
CA THR A 641 2.98 18.26 -16.78
C THR A 641 4.48 18.04 -16.65
N PRO A 642 5.18 17.89 -17.76
CA PRO A 642 6.64 18.00 -17.71
C PRO A 642 7.07 19.28 -17.07
N LEU A 643 6.20 20.29 -17.07
CA LEU A 643 6.45 21.48 -16.29
C LEU A 643 6.78 21.14 -14.85
N PHE A 644 6.14 20.11 -14.30
CA PHE A 644 6.56 19.65 -12.98
C PHE A 644 8.01 19.22 -13.01
N VAL A 645 8.40 18.46 -14.02
CA VAL A 645 9.82 18.20 -14.22
C VAL A 645 10.55 19.51 -14.41
N ALA A 646 10.01 20.38 -15.26
CA ALA A 646 10.63 21.68 -15.48
C ALA A 646 10.77 22.43 -14.17
N ALA A 647 9.80 22.27 -13.27
CA ALA A 647 9.97 22.82 -11.93
C ALA A 647 11.17 22.21 -11.25
N VAL A 648 11.28 20.88 -11.30
CA VAL A 648 12.50 20.25 -10.83
C VAL A 648 13.68 20.73 -11.65
N CYS A 649 13.48 20.89 -12.96
CA CYS A 649 14.57 21.19 -13.89
C CYS A 649 15.39 22.38 -13.46
N THR A 650 14.88 23.22 -12.56
CA THR A 650 15.74 24.16 -11.87
C THR A 650 17.00 23.45 -11.38
N ASP A 651 16.83 22.33 -10.70
CA ASP A 651 17.88 21.34 -10.52
C ASP A 651 19.15 21.91 -9.89
N TRP A 652 19.05 23.08 -9.27
CA TRP A 652 20.03 23.53 -8.30
C TRP A 652 19.50 23.40 -6.88
N ILE A 653 18.24 22.98 -6.71
CA ILE A 653 17.38 23.43 -5.62
C ILE A 653 18.14 23.42 -4.30
N GLN A 654 18.81 22.31 -4.00
CA GLN A 654 19.76 22.35 -2.91
C GLN A 654 21.15 22.46 -3.52
N ASN A 655 21.68 21.34 -3.99
CA ASN A 655 22.69 21.36 -5.03
C ASN A 655 22.13 20.96 -6.39
N ALA A 656 20.88 20.52 -6.43
CA ALA A 656 20.37 19.71 -7.52
C ALA A 656 18.85 19.71 -7.42
N SER A 657 18.20 18.78 -8.13
CA SER A 657 16.84 18.43 -7.80
C SER A 657 16.78 18.32 -6.28
N ALA A 658 17.42 17.28 -5.76
CA ALA A 658 17.78 17.17 -4.35
C ALA A 658 18.49 15.85 -4.16
N GLN A 659 19.26 15.76 -3.10
CA GLN A 659 19.78 14.50 -2.60
C GLN A 659 18.89 13.93 -1.50
N ASP A 660 17.74 14.54 -1.26
CA ASP A 660 16.95 14.32 -0.07
C ASP A 660 15.79 13.36 -0.32
N LYS A 661 15.44 12.63 0.73
CA LYS A 661 14.41 11.62 0.65
C LYS A 661 13.04 12.27 0.53
N PHE A 662 12.00 11.44 0.48
CA PHE A 662 10.66 11.90 0.18
C PHE A 662 10.64 12.90 -0.95
N GLN A 663 10.90 12.49 -2.19
CA GLN A 663 10.71 13.49 -3.24
C GLN A 663 9.27 13.35 -3.65
N ASP A 664 8.45 14.18 -3.02
CA ASP A 664 7.06 14.45 -3.37
C ASP A 664 6.91 15.95 -3.18
N VAL A 665 7.02 16.32 -1.91
CA VAL A 665 7.13 17.72 -1.51
C VAL A 665 8.14 18.44 -2.39
N THR A 666 9.39 18.00 -2.31
CA THR A 666 10.48 18.65 -3.01
C THR A 666 10.08 18.98 -4.43
N LEU A 667 9.37 18.07 -5.08
CA LEU A 667 8.72 18.43 -6.33
C LEU A 667 7.76 19.58 -6.08
N PHE A 668 6.66 19.28 -5.40
CA PHE A 668 5.63 20.28 -5.16
C PHE A 668 6.23 21.55 -4.57
N GLN A 669 6.97 21.40 -3.47
CA GLN A 669 7.55 22.54 -2.79
C GLN A 669 8.24 23.47 -3.77
N SER A 670 8.98 22.90 -4.71
CA SER A 670 9.57 23.72 -5.76
C SER A 670 8.50 24.29 -6.67
N TYR A 671 7.57 23.43 -7.09
CA TYR A 671 6.66 23.81 -8.17
C TYR A 671 5.91 25.08 -7.85
N MET A 672 5.43 25.21 -6.62
CA MET A 672 4.80 26.44 -6.22
C MET A 672 5.76 27.58 -6.42
N GLN A 673 6.81 27.60 -5.60
CA GLN A 673 7.74 28.71 -5.62
C GLN A 673 8.36 28.90 -6.99
N TYR A 674 8.28 27.89 -7.85
CA TYR A 674 8.48 28.16 -9.26
C TYR A 674 7.50 29.22 -9.73
N LEU A 675 6.22 28.85 -9.77
CA LEU A 675 5.21 29.72 -10.36
C LEU A 675 5.24 31.11 -9.76
N SER A 676 5.65 31.22 -8.51
CA SER A 676 5.95 32.53 -7.96
C SER A 676 6.87 33.25 -8.92
N LEU A 677 8.10 32.76 -9.02
CA LEU A 677 9.17 33.43 -9.74
C LEU A 677 8.73 33.93 -11.11
N LYS A 678 8.38 33.00 -12.00
CA LYS A 678 7.89 33.38 -13.32
C LYS A 678 6.79 34.42 -13.22
N TYR A 679 5.80 34.16 -12.41
CA TYR A 679 4.64 35.03 -12.33
C TYR A 679 4.75 36.06 -11.22
N LYS A 680 5.91 36.20 -10.59
CA LYS A 680 6.02 37.25 -9.58
C LYS A 680 6.43 38.50 -10.34
N ALA A 681 5.41 39.31 -10.63
CA ALA A 681 5.50 40.69 -11.06
C ALA A 681 4.46 41.35 -10.18
N THR A 682 3.21 40.91 -10.34
CA THR A 682 2.20 40.98 -9.29
C THR A 682 1.87 39.56 -8.89
N ALA A 683 2.35 39.14 -7.72
CA ALA A 683 1.98 37.86 -7.15
C ALA A 683 0.79 37.97 -6.21
N GLU A 684 0.38 39.19 -5.88
CA GLU A 684 -0.83 39.40 -5.09
C GLU A 684 -2.03 38.64 -5.65
N PRO A 685 -2.37 38.75 -6.93
CA PRO A 685 -3.47 37.91 -7.43
C PRO A 685 -3.19 36.43 -7.25
N LEU A 686 -1.97 36.01 -7.58
CA LEU A 686 -1.57 34.62 -7.47
C LEU A 686 -1.92 34.04 -6.12
N GLN A 687 -1.25 34.53 -5.07
CA GLN A 687 -1.53 34.04 -3.73
C GLN A 687 -3.02 34.10 -3.44
N ALA A 688 -3.66 35.21 -3.82
CA ALA A 688 -5.09 35.31 -3.64
C ALA A 688 -5.82 34.17 -4.35
N THR A 689 -5.49 33.95 -5.62
CA THR A 689 -6.05 32.81 -6.33
C THR A 689 -5.73 31.52 -5.61
N VAL A 690 -4.44 31.28 -5.36
CA VAL A 690 -4.02 30.11 -4.59
C VAL A 690 -4.84 30.00 -3.33
N SER A 691 -4.97 31.11 -2.59
CA SER A 691 -5.73 31.11 -1.36
C SER A 691 -7.18 30.74 -1.61
N SER A 692 -7.83 31.48 -2.50
CA SER A 692 -9.26 31.32 -2.65
C SER A 692 -9.62 29.98 -3.28
N CYS A 693 -8.75 29.41 -4.13
CA CYS A 693 -9.07 28.13 -4.72
C CYS A 693 -8.87 27.01 -3.72
N GLY A 694 -7.76 27.03 -2.99
CA GLY A 694 -7.44 25.98 -2.07
C GLY A 694 -8.56 25.69 -1.10
N GLN A 695 -9.44 26.66 -0.90
CA GLN A 695 -10.66 26.39 -0.16
C GLN A 695 -11.40 25.21 -0.76
N LEU A 696 -11.25 24.99 -2.07
CA LEU A 696 -11.66 23.72 -2.65
C LEU A 696 -10.83 22.59 -2.07
N ALA A 697 -9.50 22.76 -2.09
CA ALA A 697 -8.63 21.75 -1.53
C ALA A 697 -8.91 21.51 -0.05
N LEU A 698 -9.47 22.50 0.65
CA LEU A 698 -9.98 22.24 1.99
C LEU A 698 -10.88 21.02 1.98
N THR A 699 -11.77 20.94 1.00
CA THR A 699 -12.69 19.83 0.95
C THR A 699 -11.99 18.51 0.71
N GLY A 700 -10.70 18.53 0.39
CA GLY A 700 -9.95 17.28 0.36
C GLY A 700 -10.08 16.50 1.64
N LEU A 701 -9.80 17.16 2.77
CA LEU A 701 -10.05 16.54 4.06
C LEU A 701 -11.53 16.24 4.25
N PHE A 702 -12.38 17.16 3.78
CA PHE A 702 -13.82 16.97 3.90
C PHE A 702 -14.25 15.64 3.33
N SER A 703 -14.08 15.46 2.04
CA SER A 703 -14.38 14.19 1.38
C SER A 703 -13.64 14.16 0.06
N SER A 704 -13.86 13.10 -0.71
CA SER A 704 -13.45 13.11 -2.10
C SER A 704 -14.70 13.33 -2.92
N CYS A 705 -14.89 14.56 -3.37
CA CYS A 705 -15.79 14.85 -4.47
C CYS A 705 -15.06 15.88 -5.32
N PHE A 706 -14.65 15.49 -6.51
CA PHE A 706 -13.82 16.34 -7.34
C PHE A 706 -14.59 17.05 -8.44
N GLU A 707 -15.90 16.84 -8.50
CA GLU A 707 -16.70 17.45 -9.57
C GLU A 707 -16.58 18.96 -9.55
N PHE A 708 -16.71 19.57 -8.38
CA PHE A 708 -16.53 21.01 -8.19
C PHE A 708 -17.41 21.79 -9.18
N ASN A 709 -18.71 21.74 -8.93
CA ASN A 709 -19.60 22.36 -9.89
C ASN A 709 -19.44 23.87 -9.82
N SER A 710 -20.16 24.57 -10.70
CA SER A 710 -20.01 26.03 -10.71
C SER A 710 -20.42 26.63 -9.38
N ASP A 711 -21.28 25.93 -8.64
CA ASP A 711 -21.83 26.51 -7.42
C ASP A 711 -20.81 26.55 -6.30
N ASP A 712 -20.23 25.41 -5.93
CA ASP A 712 -19.34 25.41 -4.77
C ASP A 712 -18.10 26.24 -5.03
N LEU A 713 -17.81 26.52 -6.29
CA LEU A 713 -16.78 27.50 -6.63
C LEU A 713 -17.05 28.86 -6.01
N ALA A 714 -18.32 29.18 -5.74
CA ALA A 714 -18.62 30.42 -5.05
C ALA A 714 -17.96 30.45 -3.69
N GLU A 715 -17.94 29.31 -3.00
CA GLU A 715 -17.18 29.22 -1.76
C GLU A 715 -15.71 29.51 -2.02
N ALA A 716 -15.19 29.09 -3.16
CA ALA A 716 -13.86 29.51 -3.56
C ALA A 716 -13.85 30.91 -4.14
N GLY A 717 -14.94 31.31 -4.79
CA GLY A 717 -15.05 32.65 -5.32
C GLY A 717 -14.28 32.94 -6.58
N VAL A 718 -13.51 31.98 -7.11
CA VAL A 718 -12.77 32.25 -8.34
C VAL A 718 -13.71 32.32 -9.53
N ASP A 719 -14.43 31.23 -9.77
CA ASP A 719 -15.39 31.15 -10.86
C ASP A 719 -14.81 31.43 -12.24
N GLU A 720 -15.52 32.26 -13.02
CA GLU A 720 -15.08 32.58 -14.35
C GLU A 720 -14.14 33.77 -14.37
N ASP A 721 -13.87 34.36 -13.22
CA ASP A 721 -12.88 35.44 -13.15
C ASP A 721 -11.64 35.02 -13.89
N GLU A 722 -11.18 33.80 -13.63
CA GLU A 722 -10.27 33.04 -14.49
C GLU A 722 -9.17 33.91 -15.07
N LYS A 723 -8.38 34.46 -14.16
CA LYS A 723 -7.09 34.97 -14.59
C LYS A 723 -6.30 33.80 -15.15
N LEU A 724 -5.45 34.09 -16.12
CA LEU A 724 -4.60 33.05 -16.69
C LEU A 724 -3.96 32.22 -15.60
N THR A 725 -3.61 32.88 -14.49
CA THR A 725 -3.09 32.19 -13.32
C THR A 725 -3.97 31.01 -12.92
N THR A 726 -5.29 31.24 -12.86
CA THR A 726 -6.20 30.22 -12.36
C THR A 726 -5.97 28.87 -13.02
N LEU A 727 -5.59 28.88 -14.29
CA LEU A 727 -5.46 27.64 -15.03
C LEU A 727 -4.46 26.71 -14.38
N LEU A 728 -3.40 27.27 -13.82
CA LEU A 728 -2.27 26.48 -13.33
C LEU A 728 -2.68 25.50 -12.27
N MET A 729 -3.90 25.62 -11.77
CA MET A 729 -4.46 24.68 -10.82
C MET A 729 -5.55 23.83 -11.44
N SER A 730 -6.59 24.45 -11.97
CA SER A 730 -7.82 23.77 -12.27
C SER A 730 -8.09 23.82 -13.77
N LYS A 731 -9.01 22.97 -14.22
CA LYS A 731 -9.38 22.93 -15.63
C LYS A 731 -10.85 22.58 -15.73
N PHE A 732 -11.30 22.24 -16.93
CA PHE A 732 -12.65 21.77 -17.21
C PHE A 732 -12.59 20.42 -17.90
N THR A 733 -13.74 19.94 -18.34
CA THR A 733 -13.84 18.70 -19.09
C THR A 733 -14.95 18.80 -20.12
N ALA A 734 -14.67 18.26 -21.31
CA ALA A 734 -15.67 18.17 -22.36
C ALA A 734 -16.90 17.44 -21.86
N GLN A 735 -18.05 17.82 -22.39
CA GLN A 735 -19.30 17.40 -21.79
C GLN A 735 -19.94 16.28 -22.59
N ARG A 736 -20.54 15.36 -21.86
CA ARG A 736 -21.75 14.73 -22.35
C ARG A 736 -22.94 15.66 -22.11
N LEU A 737 -22.96 16.33 -20.95
CA LEU A 737 -23.98 17.31 -20.59
C LEU A 737 -23.28 18.60 -20.18
N ARG A 738 -23.78 19.73 -20.66
CA ARG A 738 -22.96 20.95 -20.68
C ARG A 738 -22.44 21.33 -19.30
N PRO A 739 -23.27 21.54 -18.27
CA PRO A 739 -22.69 21.90 -16.97
C PRO A 739 -21.81 20.78 -16.46
N VAL A 740 -20.54 21.12 -16.20
CA VAL A 740 -19.49 20.18 -15.79
C VAL A 740 -18.26 20.99 -15.39
N TYR A 741 -17.20 20.27 -15.03
CA TYR A 741 -16.01 20.87 -14.44
C TYR A 741 -14.98 19.76 -14.20
N ARG A 742 -13.74 20.17 -13.91
CA ARG A 742 -12.65 19.22 -13.71
C ARG A 742 -11.56 19.86 -12.85
N PHE A 743 -10.67 19.04 -12.31
CA PHE A 743 -9.52 19.53 -11.57
C PHE A 743 -8.27 18.74 -11.96
N LEU A 744 -7.10 19.31 -11.68
CA LEU A 744 -5.83 18.81 -12.20
C LEU A 744 -5.54 17.36 -11.86
N GLY A 745 -5.19 17.07 -10.61
CA GLY A 745 -4.87 15.72 -10.23
C GLY A 745 -4.91 15.52 -8.75
N PRO A 746 -5.20 14.28 -8.32
CA PRO A 746 -5.51 14.05 -6.91
C PRO A 746 -4.37 14.41 -5.98
N LEU A 747 -3.16 13.99 -6.30
CA LEU A 747 -2.05 14.25 -5.40
C LEU A 747 -1.74 15.74 -5.34
N PHE A 748 -1.64 16.38 -6.51
CA PHE A 748 -1.38 17.81 -6.52
C PHE A 748 -2.42 18.54 -5.70
N GLN A 749 -3.68 18.12 -5.81
CA GLN A 749 -4.71 18.65 -4.94
C GLN A 749 -4.34 18.44 -3.48
N GLU A 750 -4.10 17.19 -3.09
CA GLU A 750 -3.80 16.91 -1.69
C GLU A 750 -2.74 17.86 -1.15
N PHE A 751 -1.77 18.21 -1.98
CA PHE A 751 -0.77 19.16 -1.53
C PHE A 751 -1.29 20.59 -1.54
N LEU A 752 -2.16 20.95 -2.47
CA LEU A 752 -2.77 22.27 -2.40
C LEU A 752 -3.40 22.51 -1.04
N ALA A 753 -4.08 21.48 -0.52
CA ALA A 753 -4.77 21.61 0.75
C ALA A 753 -3.83 22.13 1.83
N ALA A 754 -2.72 21.44 2.04
CA ALA A 754 -1.79 21.82 3.10
C ALA A 754 -1.39 23.28 2.98
N VAL A 755 -1.01 23.71 1.78
CA VAL A 755 -0.62 25.11 1.60
C VAL A 755 -1.78 26.03 1.96
N ARG A 756 -2.93 25.83 1.31
CA ARG A 756 -4.12 26.57 1.73
C ARG A 756 -4.37 26.39 3.21
N LEU A 757 -4.28 25.16 3.70
CA LEU A 757 -4.42 24.93 5.13
C LEU A 757 -3.47 25.80 5.92
N THR A 758 -2.18 25.71 5.61
CA THR A 758 -1.23 26.47 6.40
C THR A 758 -1.29 27.96 6.13
N GLU A 759 -2.01 28.41 5.10
CA GLU A 759 -2.44 29.80 5.12
C GLU A 759 -3.28 30.05 6.36
N LEU A 760 -4.28 29.23 6.58
CA LEU A 760 -4.91 29.22 7.87
C LEU A 760 -3.89 28.73 8.89
N LEU A 761 -4.17 28.98 10.15
CA LEU A 761 -3.20 28.74 11.20
C LEU A 761 -1.96 29.58 11.01
N SER A 762 -2.07 30.66 10.28
CA SER A 762 -1.07 31.71 10.32
C SER A 762 -1.55 32.64 11.42
N SER A 763 -0.85 32.63 12.56
CA SER A 763 -1.41 33.20 13.78
C SER A 763 -1.82 34.65 13.58
N ASP A 764 -1.16 35.34 12.67
CA ASP A 764 -1.58 36.70 12.36
C ASP A 764 -2.94 36.74 11.69
N ARG A 765 -3.47 35.59 11.28
CA ARG A 765 -4.89 35.49 10.97
C ARG A 765 -5.58 34.73 12.10
N GLN A 766 -6.70 35.26 12.57
CA GLN A 766 -7.29 34.83 13.83
C GLN A 766 -8.76 34.46 13.66
N GLU A 767 -9.55 35.45 13.24
CA GLU A 767 -10.94 35.19 12.94
C GLU A 767 -11.11 33.97 12.05
N ASP A 768 -10.31 33.87 10.99
CA ASP A 768 -10.53 32.82 10.01
C ASP A 768 -9.95 31.49 10.43
N GLN A 769 -8.78 31.50 11.09
CA GLN A 769 -8.13 30.25 11.45
C GLN A 769 -9.05 29.34 12.24
N ASP A 770 -10.12 29.92 12.78
CA ASP A 770 -11.19 29.12 13.33
C ASP A 770 -11.65 28.07 12.33
N LEU A 771 -11.60 28.38 11.04
CA LEU A 771 -11.86 27.39 10.01
C LEU A 771 -11.01 26.15 10.21
N GLY A 772 -9.69 26.29 10.12
CA GLY A 772 -8.83 25.14 10.32
C GLY A 772 -9.11 24.45 11.63
N LEU A 773 -9.27 25.24 12.69
CA LEU A 773 -9.67 24.70 13.97
C LEU A 773 -10.90 23.82 13.83
N TYR A 774 -11.80 24.20 12.94
CA TYR A 774 -12.94 23.36 12.61
C TYR A 774 -12.51 22.12 11.84
N TYR A 775 -11.74 22.30 10.77
CA TYR A 775 -11.27 21.17 9.99
C TYR A 775 -10.49 20.19 10.83
N LEU A 776 -9.32 20.59 11.32
CA LEU A 776 -8.40 19.65 11.94
C LEU A 776 -9.08 18.80 12.98
N ARG A 777 -10.20 19.24 13.50
CA ARG A 777 -11.01 18.45 14.40
C ARG A 777 -11.93 17.48 13.69
N GLN A 778 -11.84 17.36 12.37
CA GLN A 778 -12.50 16.26 11.69
C GLN A 778 -11.58 15.07 11.50
N ILE A 779 -10.38 15.12 12.10
CA ILE A 779 -9.37 14.08 12.06
C ILE A 779 -9.56 13.06 13.17
N ASP A 780 -10.72 13.05 13.81
CA ASP A 780 -10.90 12.58 15.17
C ASP A 780 -10.37 11.18 15.44
N SER A 781 -10.13 10.38 14.44
CA SER A 781 -9.61 9.10 14.89
C SER A 781 -8.09 9.12 14.94
N PRO A 782 -7.47 8.27 15.77
CA PRO A 782 -6.04 8.06 15.61
C PRO A 782 -5.71 7.39 14.30
N LEU A 783 -6.62 6.61 13.75
CA LEU A 783 -6.35 5.94 12.49
C LEU A 783 -6.56 6.84 11.28
N LYS A 784 -7.30 7.93 11.41
CA LYS A 784 -7.19 8.95 10.38
C LYS A 784 -5.81 9.56 10.35
N ALA A 785 -5.11 9.54 11.47
CA ALA A 785 -3.81 10.19 11.53
C ALA A 785 -2.72 9.36 10.88
N ILE A 786 -2.72 8.06 11.14
CA ILE A 786 -1.62 7.23 10.67
C ILE A 786 -1.79 6.77 9.24
N ASN A 787 -2.99 6.87 8.68
CA ASN A 787 -3.20 6.34 7.35
C ASN A 787 -3.88 7.32 6.41
N SER A 788 -5.13 7.65 6.71
CA SER A 788 -5.95 8.47 5.83
C SER A 788 -5.20 9.69 5.36
N PHE A 789 -5.01 10.64 6.27
CA PHE A 789 -4.34 11.90 5.96
C PHE A 789 -2.89 11.90 6.40
N ASN A 790 -2.37 10.76 6.86
CA ASN A 790 -0.98 10.65 7.23
C ASN A 790 -0.06 11.31 6.22
N ILE A 791 -0.05 10.79 4.99
CA ILE A 791 0.81 11.38 3.97
C ILE A 791 0.47 12.84 3.78
N PHE A 792 -0.79 13.22 4.03
CA PHE A 792 -1.14 14.63 3.90
C PHE A 792 -0.41 15.47 4.92
N LEU A 793 -0.47 15.08 6.19
CA LEU A 793 0.10 15.90 7.25
C LEU A 793 1.55 16.26 6.98
N TYR A 794 2.26 15.41 6.25
CA TYR A 794 3.63 15.77 5.88
C TYR A 794 3.66 17.01 5.01
N TYR A 795 2.77 17.09 4.02
CA TYR A 795 2.67 18.32 3.25
C TYR A 795 2.50 19.52 4.16
N VAL A 796 1.79 19.34 5.26
CA VAL A 796 1.62 20.45 6.20
C VAL A 796 2.95 20.78 6.87
N SER A 797 3.57 19.78 7.50
CA SER A 797 4.87 19.99 8.11
C SER A 797 5.86 20.55 7.11
N SER A 798 5.71 20.17 5.84
CA SER A 798 6.59 20.63 4.78
C SER A 798 6.63 22.15 4.72
N HIS A 799 5.49 22.75 4.40
CA HIS A 799 5.49 24.18 4.10
C HIS A 799 6.00 25.00 5.27
N SER A 800 5.91 24.46 6.49
CA SER A 800 6.71 24.93 7.62
C SER A 800 6.48 26.41 7.93
N SER A 801 5.31 26.66 8.51
CA SER A 801 5.02 27.93 9.16
C SER A 801 5.14 27.74 10.67
N SER A 802 6.10 28.45 11.27
CA SER A 802 6.45 28.20 12.66
C SER A 802 5.25 28.26 13.59
N LYS A 803 4.44 29.31 13.44
CA LYS A 803 3.38 29.56 14.42
C LYS A 803 2.35 28.45 14.43
N ALA A 804 1.97 27.98 13.25
CA ALA A 804 0.90 26.98 13.15
C ALA A 804 1.26 25.69 13.87
N ALA A 805 2.39 25.09 13.48
CA ALA A 805 2.65 23.67 13.74
C ALA A 805 2.30 23.20 15.14
N PRO A 806 2.81 23.80 16.22
CA PRO A 806 2.51 23.23 17.54
C PRO A 806 1.04 23.27 17.85
N THR A 807 0.38 24.38 17.51
CA THR A 807 -1.06 24.46 17.69
C THR A 807 -1.74 23.26 17.06
N VAL A 808 -1.28 22.85 15.89
CA VAL A 808 -1.72 21.60 15.31
C VAL A 808 -1.35 20.45 16.23
N VAL A 809 -0.10 20.41 16.67
CA VAL A 809 0.39 19.29 17.45
C VAL A 809 -0.49 19.08 18.68
N SER A 810 -0.96 20.18 19.26
CA SER A 810 -1.87 20.07 20.39
C SER A 810 -3.03 19.14 20.07
N HIS A 811 -3.68 19.39 18.94
CA HIS A 811 -4.79 18.54 18.52
C HIS A 811 -4.35 17.09 18.40
N LEU A 812 -3.26 16.84 17.69
CA LEU A 812 -2.86 15.46 17.44
C LEU A 812 -2.50 14.76 18.75
N LEU A 813 -1.63 15.36 19.54
CA LEU A 813 -1.30 14.71 20.80
C LEU A 813 -2.51 14.62 21.71
N GLN A 814 -3.50 15.48 21.52
CA GLN A 814 -4.74 15.35 22.26
C GLN A 814 -5.49 14.09 21.88
N LEU A 815 -5.16 13.49 20.75
CA LEU A 815 -6.08 12.58 20.09
C LEU A 815 -6.26 11.30 20.90
N VAL A 816 -5.17 10.73 21.42
CA VAL A 816 -5.26 9.42 22.05
C VAL A 816 -6.22 9.38 23.22
N ASP A 817 -6.42 10.50 23.90
CA ASP A 817 -7.12 10.52 25.19
C ASP A 817 -6.44 9.48 26.07
N GLU A 818 -7.18 8.62 26.77
CA GLU A 818 -6.56 7.52 27.47
C GLU A 818 -7.56 6.37 27.56
N LYS A 819 -7.05 5.15 27.41
CA LYS A 819 -7.79 3.91 27.63
C LYS A 819 -8.93 3.73 26.63
N GLU A 820 -9.15 4.72 25.77
CA GLU A 820 -9.98 4.52 24.59
C GLU A 820 -9.07 4.11 23.46
N SER A 821 -9.10 2.82 23.10
CA SER A 821 -8.19 2.30 22.10
C SER A 821 -8.40 2.98 20.76
N LEU A 822 -9.51 2.64 20.10
CA LEU A 822 -9.89 3.23 18.82
C LEU A 822 -11.33 3.67 18.96
N GLU A 823 -11.56 4.98 18.99
CA GLU A 823 -12.93 5.48 19.04
C GLU A 823 -13.69 5.02 17.83
N ASN A 824 -13.10 5.18 16.65
CA ASN A 824 -13.58 4.54 15.44
C ASN A 824 -12.38 4.01 14.71
N MET A 825 -12.31 2.69 14.56
CA MET A 825 -11.16 2.10 13.87
C MET A 825 -11.06 2.63 12.45
N SER A 826 -12.17 2.70 11.74
CA SER A 826 -12.18 3.32 10.43
C SER A 826 -13.38 4.23 10.30
N GLU A 827 -13.10 5.51 10.17
CA GLU A 827 -14.01 6.49 9.60
C GLU A 827 -13.73 6.67 8.12
N ASN A 828 -12.90 5.80 7.56
CA ASN A 828 -12.34 5.95 6.23
C ASN A 828 -13.42 6.19 5.19
N GLU A 829 -13.11 7.05 4.23
CA GLU A 829 -13.97 7.27 3.08
C GLU A 829 -13.53 6.36 1.94
N ASP A 830 -14.01 6.66 0.74
CA ASP A 830 -13.39 6.20 -0.49
C ASP A 830 -12.26 7.08 -0.94
N TYR A 831 -11.96 8.14 -0.18
CA TYR A 831 -10.72 8.88 -0.38
C TYR A 831 -9.52 7.97 -0.40
N MET A 832 -9.60 6.84 0.31
CA MET A 832 -8.45 5.97 0.45
C MET A 832 -7.88 5.55 -0.90
N LYS A 833 -8.75 5.27 -1.87
CA LYS A 833 -8.29 4.71 -3.15
C LYS A 833 -7.08 5.48 -3.67
N LEU A 834 -7.07 6.79 -3.45
CA LEU A 834 -5.91 7.59 -3.80
C LEU A 834 -4.63 7.09 -3.14
N HIS A 835 -4.72 6.31 -2.07
CA HIS A 835 -3.55 5.59 -1.64
C HIS A 835 -3.96 4.18 -1.25
N PRO A 836 -3.31 3.17 -1.79
CA PRO A 836 -3.73 1.79 -1.48
C PRO A 836 -3.35 1.33 -0.09
N GLN A 837 -2.18 1.74 0.40
CA GLN A 837 -1.57 1.07 1.54
C GLN A 837 -2.47 1.06 2.75
N THR A 838 -3.32 2.09 2.88
CA THR A 838 -4.21 2.18 4.01
C THR A 838 -4.98 0.87 4.21
N PHE A 839 -5.54 0.34 3.14
CA PHE A 839 -6.31 -0.89 3.23
C PHE A 839 -5.49 -1.97 3.91
N LEU A 840 -4.24 -2.13 3.48
CA LEU A 840 -3.35 -3.07 4.15
C LEU A 840 -3.08 -2.62 5.57
N TRP A 841 -2.55 -1.42 5.74
CA TRP A 841 -2.14 -0.98 7.07
C TRP A 841 -3.31 -1.05 8.04
N PHE A 842 -4.42 -0.41 7.68
CA PHE A 842 -5.58 -0.37 8.56
C PHE A 842 -5.89 -1.74 9.13
N GLN A 843 -6.07 -2.72 8.24
CA GLN A 843 -6.35 -4.06 8.70
C GLN A 843 -5.21 -4.56 9.57
N PHE A 844 -3.99 -4.50 9.06
CA PHE A 844 -2.83 -4.83 9.86
C PHE A 844 -2.90 -4.13 11.21
N VAL A 845 -3.15 -2.83 11.20
CA VAL A 845 -3.40 -2.13 12.46
C VAL A 845 -4.50 -2.84 13.22
N ARG A 846 -5.70 -2.85 12.63
CA ARG A 846 -6.85 -3.45 13.30
C ARG A 846 -6.52 -4.84 13.80
N GLY A 847 -6.05 -5.70 12.90
CA GLY A 847 -5.71 -7.04 13.31
C GLY A 847 -4.77 -7.05 14.49
N LEU A 848 -3.68 -6.29 14.38
CA LEU A 848 -2.79 -6.15 15.51
C LEU A 848 -3.55 -5.80 16.77
N TRP A 849 -4.40 -4.77 16.68
CA TRP A 849 -5.23 -4.42 17.81
C TRP A 849 -6.04 -5.59 18.30
N LEU A 850 -6.47 -6.45 17.37
CA LEU A 850 -7.41 -7.48 17.75
C LEU A 850 -6.76 -8.54 18.62
N VAL A 851 -5.48 -8.80 18.45
CA VAL A 851 -4.83 -9.76 19.32
C VAL A 851 -4.41 -9.12 20.64
N SER A 852 -3.88 -7.90 20.61
CA SER A 852 -3.24 -7.31 21.79
C SER A 852 -3.68 -5.87 21.98
N PRO A 853 -4.72 -5.64 22.77
CA PRO A 853 -5.15 -4.26 23.03
C PRO A 853 -4.03 -3.32 23.43
N GLU A 854 -3.05 -3.80 24.20
CA GLU A 854 -1.93 -2.94 24.56
C GLU A 854 -1.14 -2.53 23.32
N SER A 855 -0.60 -3.52 22.61
CA SER A 855 0.43 -3.23 21.61
C SER A 855 -0.10 -2.32 20.50
N SER A 856 -1.39 -2.44 20.19
CA SER A 856 -2.04 -1.53 19.26
C SER A 856 -1.76 -0.10 19.64
N SER A 857 -2.36 0.32 20.75
CA SER A 857 -2.10 1.64 21.29
C SER A 857 -0.61 1.90 21.41
N SER A 858 0.15 0.89 21.81
CA SER A 858 1.60 1.01 21.84
C SER A 858 2.14 1.38 20.47
N PHE A 859 1.79 0.59 19.46
CA PHE A 859 2.24 0.89 18.11
C PHE A 859 1.80 2.27 17.66
N VAL A 860 0.48 2.49 17.68
CA VAL A 860 -0.07 3.78 17.25
C VAL A 860 0.67 4.92 17.91
N SER A 861 1.02 4.75 19.19
CA SER A 861 1.73 5.81 19.89
C SER A 861 3.00 6.22 19.16
N GLU A 862 3.67 5.27 18.50
CA GLU A 862 4.90 5.62 17.79
C GLU A 862 4.63 6.63 16.70
N HIS A 863 3.77 6.28 15.74
CA HIS A 863 3.64 7.12 14.57
C HIS A 863 3.14 8.51 14.93
N LEU A 864 2.26 8.61 15.90
CA LEU A 864 1.93 9.92 16.44
C LEU A 864 3.19 10.64 16.85
N LEU A 865 3.88 10.09 17.84
CA LEU A 865 5.13 10.70 18.28
C LEU A 865 6.03 10.97 17.10
N ARG A 866 6.07 10.04 16.14
CA ARG A 866 6.77 10.33 14.89
C ARG A 866 6.21 11.59 14.25
N LEU A 867 4.94 11.56 13.85
CA LEU A 867 4.32 12.76 13.32
C LEU A 867 4.57 13.95 14.24
N ALA A 868 4.36 13.75 15.54
CA ALA A 868 4.51 14.82 16.50
C ALA A 868 5.88 15.48 16.36
N LEU A 869 6.92 14.72 16.68
CA LEU A 869 8.26 15.26 16.66
C LEU A 869 8.57 15.98 15.36
N ILE A 870 8.02 15.50 14.25
CA ILE A 870 8.35 16.10 12.96
C ILE A 870 7.96 17.56 12.92
N PHE A 871 6.68 17.84 13.17
CA PHE A 871 6.22 19.22 13.16
C PHE A 871 7.07 20.07 14.08
N ALA A 872 7.45 19.52 15.23
CA ALA A 872 8.36 20.23 16.12
C ALA A 872 9.64 20.62 15.39
N TYR A 873 10.09 19.78 14.47
CA TYR A 873 11.35 20.02 13.79
C TYR A 873 11.20 20.85 12.55
N GLU A 874 10.02 21.39 12.31
CA GLU A 874 10.01 22.57 11.45
C GLU A 874 11.06 23.54 11.93
N SER A 875 10.78 24.19 13.06
CA SER A 875 11.70 25.19 13.60
C SER A 875 11.91 24.99 15.09
N ASN A 876 10.85 25.21 15.85
CA ASN A 876 10.97 25.40 17.29
C ASN A 876 10.25 24.28 18.03
N THR A 877 11.03 23.40 18.64
CA THR A 877 10.48 22.41 19.55
C THR A 877 10.43 22.93 20.97
N VAL A 878 10.98 24.12 21.18
CA VAL A 878 11.28 24.59 22.52
C VAL A 878 10.00 25.00 23.21
N ALA A 879 9.33 26.00 22.69
CA ALA A 879 8.28 26.63 23.47
C ALA A 879 7.00 25.81 23.47
N GLU A 880 6.28 25.81 22.35
CA GLU A 880 4.95 25.24 22.37
C GLU A 880 4.99 23.72 22.31
N CYS A 881 6.08 23.16 21.78
CA CYS A 881 6.12 21.72 21.57
C CYS A 881 6.28 20.97 22.88
N SER A 882 7.27 21.36 23.67
CA SER A 882 7.63 20.66 24.90
C SER A 882 6.42 20.28 25.75
N PRO A 883 5.53 21.21 26.11
CA PRO A 883 4.46 20.83 27.05
C PRO A 883 3.55 19.74 26.51
N PHE A 884 3.18 19.83 25.23
CA PHE A 884 2.22 18.87 24.70
C PHE A 884 2.77 17.46 24.77
N ILE A 885 4.00 17.26 24.29
CA ILE A 885 4.59 15.93 24.20
C ILE A 885 4.55 15.25 25.56
N LEU A 886 5.07 15.94 26.58
CA LEU A 886 5.26 15.34 27.89
C LEU A 886 3.99 14.66 28.38
N GLN A 887 2.86 15.35 28.25
CA GLN A 887 1.57 14.75 28.58
C GLN A 887 1.41 13.43 27.86
N PHE A 888 1.61 13.42 26.55
CA PHE A 888 1.43 12.22 25.77
C PHE A 888 2.32 11.09 26.27
N LEU A 889 3.47 11.44 26.82
CA LEU A 889 4.47 10.44 27.15
C LEU A 889 4.10 9.58 28.34
N ARG A 890 3.03 9.93 29.05
CA ARG A 890 2.84 9.46 30.41
C ARG A 890 2.33 8.03 30.43
N GLY A 891 2.97 7.20 31.24
CA GLY A 891 2.55 5.83 31.45
C GLY A 891 2.59 4.96 30.23
N LYS A 892 3.20 5.45 29.16
CA LYS A 892 3.17 4.72 27.92
C LYS A 892 4.12 3.52 27.96
N THR A 893 4.07 2.74 26.89
CA THR A 893 5.00 1.65 26.65
C THR A 893 5.31 1.68 25.16
N LEU A 894 6.59 1.66 24.81
CA LEU A 894 6.95 1.81 23.41
C LEU A 894 8.11 0.88 23.07
N ALA A 895 8.62 1.02 21.85
CA ALA A 895 9.69 0.20 21.35
C ALA A 895 10.90 1.06 21.04
N LEU A 896 12.07 0.45 21.18
CA LEU A 896 13.32 1.19 21.18
C LEU A 896 13.57 1.94 19.89
N ARG A 897 12.85 1.62 18.82
CA ARG A 897 13.01 2.38 17.59
C ARG A 897 12.75 3.86 17.80
N VAL A 898 11.96 4.20 18.82
CA VAL A 898 11.63 5.59 19.08
C VAL A 898 12.86 6.39 19.49
N LEU A 899 13.82 5.73 20.13
CA LEU A 899 15.00 6.41 20.63
C LEU A 899 15.73 7.16 19.54
N ASN A 900 16.37 6.42 18.63
CA ASN A 900 17.00 7.06 17.48
C ASN A 900 16.00 7.96 16.77
N LEU A 901 14.75 7.53 16.73
CA LEU A 901 13.66 8.31 16.20
C LEU A 901 13.44 9.60 16.97
N GLN A 902 14.07 9.77 18.12
CA GLN A 902 14.10 11.05 18.78
C GLN A 902 15.32 11.82 18.29
N TYR A 903 14.96 13.03 17.87
CA TYR A 903 15.87 14.11 17.55
C TYR A 903 15.70 14.69 18.95
N PHE A 904 14.49 14.47 19.48
CA PHE A 904 14.05 14.84 20.81
C PHE A 904 14.80 14.10 21.89
N ARG A 905 15.69 13.19 21.49
CA ARG A 905 16.54 12.48 22.44
C ARG A 905 17.24 13.44 23.37
N ASP A 906 17.38 14.70 22.94
CA ASP A 906 18.27 15.63 23.60
C ASP A 906 17.71 16.10 24.94
N HIS A 907 16.56 16.78 24.91
CA HIS A 907 16.12 17.46 26.13
C HIS A 907 16.03 16.51 27.30
N PRO A 908 15.12 15.55 27.27
CA PRO A 908 15.43 15.07 28.62
C PRO A 908 15.55 13.59 28.71
N GLU A 909 16.23 13.09 29.73
CA GLU A 909 16.24 11.65 29.83
C GLU A 909 14.78 11.40 30.19
N SER A 910 14.03 10.86 29.24
CA SER A 910 12.59 10.97 29.30
C SER A 910 12.00 9.87 30.17
N LEU A 911 10.99 10.24 30.93
CA LEU A 911 10.50 9.42 32.01
C LEU A 911 9.01 9.21 31.81
N LEU A 912 8.34 8.65 32.82
CA LEU A 912 6.88 8.56 32.83
C LEU A 912 6.37 7.57 31.78
N LEU A 913 7.09 6.48 31.57
CA LEU A 913 6.73 5.58 30.48
C LEU A 913 7.49 4.27 30.63
N LEU A 914 7.23 3.35 29.70
CA LEU A 914 7.82 2.03 29.69
C LEU A 914 8.25 1.71 28.26
N ARG A 915 9.05 0.64 28.09
CA ARG A 915 9.54 0.32 26.76
C ARG A 915 9.61 -1.19 26.56
N SER A 916 9.36 -1.59 25.32
CA SER A 916 9.29 -2.99 24.93
C SER A 916 10.37 -3.31 23.92
N LEU A 917 10.76 -4.57 23.89
CA LEU A 917 11.67 -5.08 22.87
C LEU A 917 11.39 -6.55 22.64
N LYS A 918 11.51 -6.98 21.39
CA LYS A 918 11.32 -8.38 21.03
C LYS A 918 12.49 -8.86 20.18
N VAL A 919 12.80 -10.14 20.33
CA VAL A 919 13.69 -10.84 19.41
C VAL A 919 13.03 -12.16 19.04
N SER A 920 12.61 -12.30 17.78
CA SER A 920 12.10 -13.59 17.30
C SER A 920 12.58 -13.82 15.86
N ILE A 921 13.44 -14.82 15.65
CA ILE A 921 13.89 -15.16 14.30
C ILE A 921 13.35 -16.50 13.77
N ASN A 922 12.69 -17.31 14.60
CA ASN A 922 12.53 -18.72 14.23
C ASN A 922 11.08 -19.10 13.98
N GLY A 923 10.90 -20.16 13.21
CA GLY A 923 9.61 -20.83 13.12
C GLY A 923 9.40 -21.77 14.31
N ASN A 924 8.13 -22.05 14.59
CA ASN A 924 7.77 -22.71 15.84
C ASN A 924 8.18 -24.18 15.86
N LYS A 925 8.61 -24.65 17.03
CA LYS A 925 8.91 -26.06 17.24
C LYS A 925 8.32 -26.48 18.58
N MET A 926 7.27 -27.31 18.55
CA MET A 926 6.74 -28.11 19.67
C MET A 926 5.41 -28.78 19.35
N SER A 927 4.93 -29.60 20.28
CA SER A 927 3.70 -30.35 20.15
C SER A 927 2.51 -29.68 20.82
N SER A 928 2.67 -28.48 21.36
CA SER A 928 1.65 -27.91 22.23
C SER A 928 0.27 -27.81 21.59
N TYR A 929 0.17 -27.86 20.27
CA TYR A 929 -1.12 -27.71 19.59
C TYR A 929 -1.91 -29.00 19.55
N VAL A 930 -1.22 -30.15 19.49
CA VAL A 930 -1.77 -31.42 19.02
C VAL A 930 -2.86 -31.98 19.92
N ASP A 931 -3.13 -31.32 21.05
CA ASP A 931 -4.04 -31.86 22.03
C ASP A 931 -5.43 -32.13 21.44
N TYR A 932 -5.68 -31.68 20.22
CA TYR A 932 -6.79 -32.22 19.43
C TYR A 932 -6.75 -33.74 19.43
N SER A 933 -5.53 -34.30 19.46
CA SER A 933 -5.37 -35.74 19.66
C SER A 933 -6.11 -36.23 20.89
N PHE A 934 -6.30 -35.36 21.87
CA PHE A 934 -7.06 -35.69 23.05
C PHE A 934 -8.55 -35.45 22.83
N LYS A 935 -8.90 -34.82 21.72
CA LYS A 935 -10.28 -34.69 21.28
C LYS A 935 -10.66 -35.78 20.29
N THR A 936 -9.75 -36.73 20.04
CA THR A 936 -10.02 -37.77 19.06
C THR A 936 -11.03 -38.79 19.58
N TYR A 937 -10.99 -39.09 20.87
CA TYR A 937 -11.89 -40.08 21.44
C TYR A 937 -13.34 -39.68 21.31
N PHE A 938 -13.59 -38.47 20.82
CA PHE A 938 -14.91 -37.89 20.79
C PHE A 938 -15.69 -38.30 19.55
N GLU A 939 -15.14 -39.26 18.79
CA GLU A 939 -15.78 -39.76 17.59
C GLU A 939 -15.85 -38.70 16.51
N ASN A 940 -14.87 -37.78 16.51
CA ASN A 940 -14.91 -36.63 15.63
C ASN A 940 -15.14 -37.03 14.19
N LEU A 941 -14.83 -38.28 13.85
CA LEU A 941 -15.10 -38.81 12.52
C LEU A 941 -16.57 -38.67 12.17
N GLN A 942 -17.44 -39.25 12.97
CA GLN A 942 -18.84 -39.42 12.62
C GLN A 942 -19.69 -38.14 12.53
N PRO A 943 -19.58 -37.20 13.47
CA PRO A 943 -20.70 -36.25 13.71
C PRO A 943 -21.19 -35.55 12.45
N PRO A 944 -20.32 -35.00 11.60
CA PRO A 944 -20.80 -34.08 10.56
C PRO A 944 -21.90 -34.70 9.72
N ALA A 945 -22.97 -33.94 9.51
CA ALA A 945 -24.13 -34.49 8.84
C ALA A 945 -24.72 -33.57 7.77
N ILE A 946 -25.34 -32.48 8.21
CA ILE A 946 -26.40 -31.79 7.49
C ILE A 946 -25.79 -30.68 6.63
N ASP A 947 -26.59 -29.67 6.25
CA ASP A 947 -26.11 -28.44 5.55
C ASP A 947 -25.26 -28.40 4.26
N GLU A 948 -25.88 -28.56 3.10
CA GLU A 948 -25.11 -28.78 1.90
C GLU A 948 -23.89 -27.88 2.00
N GLU A 949 -24.06 -26.77 2.68
CA GLU A 949 -22.99 -25.82 2.95
C GLU A 949 -21.99 -26.32 4.00
N TYR A 950 -22.42 -27.21 4.89
CA TYR A 950 -21.77 -27.47 6.18
C TYR A 950 -20.27 -27.69 6.05
N THR A 951 -19.82 -28.13 4.87
CA THR A 951 -18.41 -28.03 4.52
C THR A 951 -17.89 -26.64 4.78
N SER A 952 -18.48 -25.64 4.12
CA SER A 952 -17.99 -24.27 4.20
C SER A 952 -17.78 -23.85 5.64
N ALA A 953 -18.52 -24.45 6.57
CA ALA A 953 -18.28 -24.21 7.97
C ALA A 953 -16.93 -24.72 8.45
N PHE A 954 -16.19 -25.48 7.64
CA PHE A 954 -15.14 -26.33 8.19
C PHE A 954 -13.75 -26.03 7.66
N GLU A 955 -12.77 -26.50 8.42
CA GLU A 955 -11.36 -26.49 8.06
C GLU A 955 -10.72 -27.76 8.61
N HIS A 956 -9.51 -28.06 8.16
CA HIS A 956 -8.74 -29.11 8.81
C HIS A 956 -7.35 -28.60 9.13
N ILE A 957 -6.73 -29.24 10.13
CA ILE A 957 -5.47 -28.75 10.67
C ILE A 957 -4.48 -28.52 9.54
N SER A 958 -4.24 -29.58 8.74
CA SER A 958 -3.45 -29.45 7.53
C SER A 958 -3.90 -28.23 6.72
N GLU A 959 -5.16 -28.23 6.30
CA GLU A 959 -5.71 -27.13 5.53
C GLU A 959 -5.32 -25.79 6.13
N TRP A 960 -5.49 -25.65 7.44
CA TRP A 960 -5.01 -24.44 8.08
C TRP A 960 -3.50 -24.41 8.15
N ARG A 961 -2.89 -25.53 8.53
CA ARG A 961 -1.43 -25.58 8.69
C ARG A 961 -0.72 -25.02 7.48
N ARG A 962 -1.09 -25.53 6.30
CA ARG A 962 -0.47 -25.04 5.08
C ARG A 962 -0.78 -23.56 4.86
N ASN A 963 -2.04 -23.19 5.04
CA ASN A 963 -2.43 -21.81 4.88
C ASN A 963 -1.42 -20.93 5.60
N PHE A 964 -1.20 -21.19 6.89
CA PHE A 964 -0.26 -20.41 7.66
C PHE A 964 1.14 -20.51 7.08
N ALA A 965 1.64 -21.75 6.96
CA ALA A 965 3.03 -21.95 6.57
C ALA A 965 3.29 -21.41 5.17
N GLN A 966 2.33 -21.59 4.26
CA GLN A 966 2.51 -21.07 2.90
C GLN A 966 2.67 -19.55 2.92
N ASP A 967 2.14 -18.90 3.94
CA ASP A 967 2.27 -17.45 4.05
C ASP A 967 3.61 -17.07 4.65
N GLU A 968 4.06 -17.78 5.69
CA GLU A 968 5.41 -17.55 6.19
C GLU A 968 6.43 -17.66 5.08
N GLU A 969 6.16 -18.52 4.11
CA GLU A 969 7.07 -18.68 2.98
C GLU A 969 7.32 -17.33 2.30
N ILE A 970 6.29 -16.48 2.25
CA ILE A 970 6.47 -15.15 1.68
C ILE A 970 7.38 -14.32 2.56
N ILE A 971 7.24 -14.44 3.88
CA ILE A 971 8.22 -13.86 4.78
C ILE A 971 9.59 -14.45 4.49
N LYS A 972 9.65 -15.77 4.31
CA LYS A 972 10.92 -16.46 4.16
C LYS A 972 11.76 -15.83 3.06
N ASN A 973 11.14 -15.47 1.95
CA ASN A 973 11.84 -14.69 0.94
C ASN A 973 12.48 -13.49 1.59
N TYR A 974 11.63 -12.58 2.06
CA TYR A 974 12.10 -11.36 2.68
C TYR A 974 13.01 -11.62 3.87
N GLU A 975 12.97 -12.83 4.43
CA GLU A 975 13.92 -13.15 5.49
C GLU A 975 15.34 -13.20 4.93
N ASN A 976 15.54 -13.94 3.85
CA ASN A 976 16.89 -14.26 3.42
C ASN A 976 17.61 -13.05 2.84
N ILE A 977 16.95 -12.34 1.91
CA ILE A 977 17.66 -11.29 1.20
C ILE A 977 18.12 -10.19 2.13
N ARG A 978 17.50 -10.07 3.29
CA ARG A 978 17.99 -9.14 4.30
C ARG A 978 19.27 -9.66 4.91
N PRO A 979 20.38 -8.94 4.81
CA PRO A 979 21.57 -9.26 5.60
C PRO A 979 21.49 -8.64 6.99
N ARG A 980 20.35 -8.84 7.66
CA ARG A 980 19.90 -7.91 8.66
C ARG A 980 19.36 -8.68 9.84
N ALA A 981 19.59 -8.14 11.04
CA ALA A 981 19.17 -8.85 12.24
C ALA A 981 18.39 -7.99 13.22
N LEU A 982 19.06 -7.07 13.90
CA LEU A 982 18.47 -6.49 15.10
C LEU A 982 18.68 -4.98 15.19
N PRO A 983 17.99 -4.29 16.11
CA PRO A 983 18.04 -2.83 16.16
C PRO A 983 19.39 -2.22 16.56
N ASP A 984 19.36 -0.94 16.93
CA ASP A 984 20.53 -0.13 17.29
C ASP A 984 21.53 0.16 16.18
N ILE A 985 21.17 1.06 15.27
CA ILE A 985 22.21 1.63 14.41
C ILE A 985 22.92 2.70 15.22
N SER A 986 22.31 3.87 15.36
CA SER A 986 22.52 4.75 16.49
C SER A 986 21.41 4.59 17.50
N GLU A 987 20.49 3.66 17.26
CA GLU A 987 19.28 3.56 18.06
C GLU A 987 19.61 3.37 19.52
N GLY A 988 20.64 2.59 19.81
CA GLY A 988 21.20 2.59 21.14
C GLY A 988 22.20 3.70 21.28
N TYR A 989 22.89 4.03 20.19
CA TYR A 989 23.98 5.00 20.30
C TYR A 989 23.47 6.43 20.35
N TRP A 990 22.59 6.81 19.42
CA TRP A 990 21.91 8.08 19.59
C TRP A 990 21.06 8.07 20.84
N LYS A 991 20.60 6.89 21.24
CA LYS A 991 20.25 6.71 22.64
C LYS A 991 21.44 7.04 23.52
N LEU A 992 22.53 6.27 23.41
CA LEU A 992 23.63 6.38 24.36
C LEU A 992 24.58 7.52 24.08
N SER A 993 24.37 8.29 23.02
CA SER A 993 25.22 9.46 22.79
C SER A 993 25.40 10.29 24.06
N PRO A 994 24.37 10.55 24.85
CA PRO A 994 24.59 11.06 26.21
C PRO A 994 25.02 9.97 27.17
N LYS A 995 25.88 10.36 28.09
CA LYS A 995 26.34 9.42 29.12
C LYS A 995 25.25 9.08 30.12
N PRO A 996 24.55 10.11 30.82
CA PRO A 996 23.66 9.77 31.94
C PRO A 996 22.24 9.47 31.50
N CYS A 997 22.10 8.52 30.59
CA CYS A 997 20.77 8.04 30.21
C CYS A 997 20.22 7.14 31.32
N LYS A 998 18.92 7.25 31.57
CA LYS A 998 18.26 6.48 32.61
C LYS A 998 16.97 5.94 32.05
N ILE A 999 16.84 4.63 31.93
CA ILE A 999 15.65 4.01 31.35
C ILE A 999 14.93 3.23 32.43
N PRO A 1000 13.68 3.56 32.73
CA PRO A 1000 12.98 2.90 33.82
C PRO A 1000 12.73 1.42 33.57
N LYS A 1001 12.16 1.08 32.42
CA LYS A 1001 11.76 -0.28 32.15
C LYS A 1001 12.02 -0.63 30.70
N LEU A 1002 12.68 -1.77 30.49
CA LEU A 1002 12.93 -2.29 29.17
C LEU A 1002 12.31 -3.67 29.08
N GLU A 1003 11.22 -3.80 28.33
CA GLU A 1003 10.52 -5.06 28.24
C GLU A 1003 11.12 -5.90 27.12
N VAL A 1004 11.39 -7.15 27.41
CA VAL A 1004 12.08 -8.03 26.49
C VAL A 1004 11.27 -9.30 26.31
N GLN A 1005 10.73 -9.49 25.12
CA GLN A 1005 10.21 -10.77 24.69
C GLN A 1005 11.23 -11.42 23.78
N VAL A 1006 11.49 -12.71 24.01
CA VAL A 1006 12.41 -13.45 23.17
C VAL A 1006 11.72 -14.75 22.80
N ASN A 1007 12.15 -15.34 21.69
CA ASN A 1007 11.69 -16.67 21.31
C ASN A 1007 12.86 -17.64 21.18
N ASN A 1008 13.64 -17.58 20.11
CA ASN A 1008 14.66 -18.59 19.88
C ASN A 1008 16.07 -17.98 19.95
N THR A 1009 17.04 -18.84 20.24
CA THR A 1009 18.45 -18.48 20.25
C THR A 1009 18.97 -18.03 18.89
N ASP A 1010 18.14 -18.08 17.84
CA ASP A 1010 18.61 -17.75 16.49
C ASP A 1010 19.31 -16.40 16.44
N ALA A 1011 19.06 -15.50 17.39
CA ALA A 1011 19.79 -14.24 17.46
C ALA A 1011 21.01 -14.30 18.37
N ALA A 1012 21.28 -15.44 19.00
CA ALA A 1012 22.52 -15.57 19.76
C ALA A 1012 23.69 -15.40 18.81
N ASP A 1013 24.57 -14.45 19.11
CA ASP A 1013 25.66 -14.01 18.26
C ASP A 1013 26.51 -13.05 19.07
N GLN A 1014 27.78 -12.92 18.68
CA GLN A 1014 28.70 -12.11 19.44
C GLN A 1014 28.27 -10.65 19.47
N ALA A 1015 28.44 -9.95 18.34
CA ALA A 1015 28.28 -8.51 18.34
C ALA A 1015 26.82 -8.11 18.51
N LEU A 1016 25.94 -8.77 17.77
CA LEU A 1016 24.51 -8.45 17.83
C LEU A 1016 24.05 -8.36 19.27
N LEU A 1017 24.52 -9.27 20.11
CA LEU A 1017 24.20 -9.17 21.52
C LEU A 1017 25.15 -8.20 22.23
N GLN A 1018 26.44 -8.25 21.89
CA GLN A 1018 27.36 -7.23 22.38
C GLN A 1018 26.86 -5.83 22.05
N VAL A 1019 26.07 -5.70 21.00
CA VAL A 1019 25.22 -4.53 20.88
C VAL A 1019 24.31 -4.42 22.10
N LEU A 1020 23.45 -5.43 22.26
CA LEU A 1020 22.47 -5.41 23.33
C LEU A 1020 23.14 -5.35 24.69
N MET A 1021 24.42 -5.70 24.74
CA MET A 1021 25.22 -5.54 25.95
C MET A 1021 25.05 -4.15 26.53
N GLU A 1022 25.30 -3.13 25.72
CA GLU A 1022 25.19 -1.76 26.21
C GLU A 1022 23.76 -1.31 26.35
N VAL A 1023 22.83 -1.96 25.65
CA VAL A 1023 21.41 -1.64 25.81
C VAL A 1023 21.03 -1.72 27.26
N PHE A 1024 21.42 -2.81 27.92
CA PHE A 1024 21.04 -2.99 29.31
C PHE A 1024 21.58 -1.89 30.19
N SER A 1025 22.76 -1.38 29.87
CA SER A 1025 23.25 -0.21 30.56
C SER A 1025 22.30 0.96 30.32
N ALA A 1026 22.23 1.85 31.30
CA ALA A 1026 21.34 3.01 31.29
C ALA A 1026 19.87 2.62 31.26
N SER A 1027 19.55 1.39 31.65
CA SER A 1027 18.18 0.90 31.71
C SER A 1027 17.99 0.29 33.07
N GLN A 1028 17.12 0.89 33.87
CA GLN A 1028 17.21 0.65 35.31
C GLN A 1028 16.57 -0.66 35.73
N SER A 1029 15.51 -1.08 35.06
CA SER A 1029 14.88 -2.36 35.37
C SER A 1029 14.95 -3.27 34.15
N ILE A 1030 14.99 -4.56 34.42
CA ILE A 1030 15.31 -5.55 33.39
C ILE A 1030 14.30 -6.68 33.47
N GLU A 1031 13.59 -6.91 32.37
CA GLU A 1031 12.45 -7.82 32.34
C GLU A 1031 12.64 -8.83 31.22
N PHE A 1032 11.91 -9.95 31.30
CA PHE A 1032 12.03 -10.97 30.28
C PHE A 1032 10.75 -11.78 30.10
N ARG A 1033 10.49 -12.15 28.85
CA ARG A 1033 9.54 -13.19 28.51
C ARG A 1033 10.12 -14.00 27.36
N LEU A 1034 9.99 -15.33 27.44
CA LEU A 1034 10.66 -16.21 26.49
C LEU A 1034 9.77 -17.37 26.10
N PHE A 1035 9.85 -17.78 24.83
CA PHE A 1035 9.25 -19.04 24.42
C PHE A 1035 10.26 -20.03 23.87
N ASN A 1036 10.66 -19.85 22.60
CA ASN A 1036 11.30 -20.93 21.88
C ASN A 1036 12.58 -21.35 22.59
N SER A 1037 13.51 -20.42 22.76
CA SER A 1037 14.77 -20.76 23.40
C SER A 1037 14.52 -21.16 24.83
N SER A 1038 14.96 -22.36 25.19
CA SER A 1038 15.11 -22.73 26.58
C SER A 1038 16.52 -22.50 27.09
N GLY A 1039 17.47 -22.21 26.20
CA GLY A 1039 18.86 -22.07 26.54
C GLY A 1039 19.44 -20.66 26.45
N PHE A 1040 18.61 -19.64 26.24
CA PHE A 1040 19.15 -18.33 25.95
C PHE A 1040 19.81 -17.68 27.16
N LEU A 1041 19.53 -18.16 28.36
CA LEU A 1041 20.10 -17.58 29.58
C LEU A 1041 21.61 -17.57 29.55
N GLU A 1042 22.23 -18.74 29.63
CA GLU A 1042 23.69 -18.81 29.67
C GLU A 1042 24.33 -18.18 28.44
N SER A 1043 23.58 -18.07 27.35
CA SER A 1043 24.08 -17.27 26.24
C SER A 1043 24.20 -15.80 26.63
N ILE A 1044 23.48 -15.36 27.65
CA ILE A 1044 23.50 -13.94 28.00
C ILE A 1044 24.70 -13.59 28.85
N CYS A 1045 25.10 -14.51 29.74
CA CYS A 1045 25.80 -14.16 30.98
C CYS A 1045 26.83 -13.05 30.83
N PRO A 1046 27.77 -13.11 29.88
CA PRO A 1046 28.71 -11.99 29.74
C PRO A 1046 28.02 -10.65 29.60
N ALA A 1047 26.91 -10.60 28.86
CA ALA A 1047 26.16 -9.35 28.80
C ALA A 1047 25.73 -8.91 30.18
N LEU A 1048 25.26 -9.85 30.99
CA LEU A 1048 24.84 -9.55 32.35
C LEU A 1048 25.93 -9.82 33.38
N GLU A 1049 27.13 -10.21 32.95
CA GLU A 1049 28.23 -10.29 33.89
C GLU A 1049 28.58 -8.93 34.49
N LEU A 1050 28.00 -7.85 34.00
CA LEU A 1050 28.04 -6.61 34.76
C LEU A 1050 27.15 -6.65 35.98
N SER A 1051 26.35 -7.70 36.16
CA SER A 1051 25.49 -7.86 37.34
C SER A 1051 24.58 -6.65 37.49
N LYS A 1052 23.82 -6.39 36.44
CA LYS A 1052 23.08 -5.15 36.28
C LYS A 1052 21.74 -5.19 37.01
N ALA A 1053 21.50 -6.21 37.82
CA ALA A 1053 20.37 -6.27 38.73
C ALA A 1053 19.06 -6.25 37.95
N SER A 1054 18.81 -7.38 37.29
CA SER A 1054 17.65 -7.51 36.42
C SER A 1054 16.36 -7.35 37.22
N VAL A 1055 16.18 -8.20 38.23
CA VAL A 1055 15.03 -8.17 39.12
C VAL A 1055 13.78 -8.28 38.25
N THR A 1056 12.76 -7.50 38.56
CA THR A 1056 11.50 -7.48 37.81
C THR A 1056 10.96 -8.90 37.78
N LYS A 1057 10.82 -9.52 36.62
CA LYS A 1057 10.20 -10.82 36.51
C LYS A 1057 10.78 -11.54 35.31
N CYS A 1058 10.68 -12.87 35.35
CA CYS A 1058 11.15 -13.72 34.26
C CYS A 1058 10.02 -14.65 33.84
N SER A 1059 9.55 -14.48 32.62
CA SER A 1059 8.50 -15.33 32.08
C SER A 1059 9.12 -16.45 31.26
N MET A 1060 8.60 -17.65 31.44
CA MET A 1060 9.14 -18.81 30.74
C MET A 1060 8.03 -19.74 30.30
N SER A 1061 8.18 -20.28 29.10
CA SER A 1061 7.36 -21.39 28.61
C SER A 1061 8.20 -22.66 28.55
N ARG A 1062 9.23 -22.67 27.72
CA ARG A 1062 10.02 -23.86 27.51
C ARG A 1062 11.05 -24.02 28.62
N LEU A 1063 11.98 -24.95 28.43
CA LEU A 1063 12.80 -25.46 29.53
C LEU A 1063 13.69 -24.38 30.13
N GLU A 1064 14.14 -24.64 31.35
CA GLU A 1064 15.01 -23.74 32.09
C GLU A 1064 16.49 -23.99 31.86
N LEU A 1065 16.87 -24.89 30.95
CA LEU A 1065 18.26 -25.09 30.58
C LEU A 1065 19.07 -25.72 31.71
N SER A 1066 18.42 -26.04 32.81
CA SER A 1066 19.19 -26.60 33.88
C SER A 1066 20.19 -25.61 34.45
N ARG A 1067 21.46 -25.98 34.36
CA ARG A 1067 22.54 -25.26 35.01
C ARG A 1067 22.59 -23.80 34.60
N ALA A 1068 21.70 -23.40 33.69
CA ALA A 1068 21.46 -21.99 33.43
C ALA A 1068 21.30 -21.19 34.70
N GLU A 1069 20.17 -21.37 35.38
CA GLU A 1069 19.79 -20.47 36.47
C GLU A 1069 20.79 -20.46 37.61
N GLN A 1070 21.78 -21.36 37.58
CA GLN A 1070 22.99 -21.10 38.35
C GLN A 1070 23.41 -19.67 38.10
N GLU A 1071 23.34 -19.24 36.85
CA GLU A 1071 23.28 -17.82 36.51
C GLU A 1071 22.24 -17.10 37.37
N LEU A 1072 20.94 -17.38 37.18
CA LEU A 1072 19.94 -16.66 37.96
C LEU A 1072 20.24 -16.77 39.45
N LEU A 1073 20.79 -17.90 39.87
CA LEU A 1073 21.42 -17.95 41.18
C LEU A 1073 22.50 -16.88 41.21
N LEU A 1074 23.58 -17.09 40.45
CA LEU A 1074 24.76 -16.22 40.54
C LEU A 1074 24.41 -14.76 40.28
N THR A 1075 23.31 -14.50 39.55
CA THR A 1075 22.86 -13.13 39.36
C THR A 1075 22.71 -12.42 40.70
N LEU A 1076 21.84 -12.93 41.53
CA LEU A 1076 21.49 -12.36 42.81
C LEU A 1076 21.03 -10.90 42.69
N PRO A 1077 20.20 -10.54 41.72
CA PRO A 1077 19.60 -9.21 41.73
C PRO A 1077 18.48 -9.06 42.74
N ALA A 1078 18.01 -10.16 43.32
CA ALA A 1078 16.79 -10.20 44.11
C ALA A 1078 15.59 -9.79 43.25
N LEU A 1079 15.21 -10.72 42.38
CA LEU A 1079 14.08 -10.52 41.48
C LEU A 1079 12.81 -10.25 42.26
N GLN A 1080 11.92 -9.45 41.67
CA GLN A 1080 10.57 -9.34 42.20
C GLN A 1080 9.82 -10.64 42.02
N SER A 1081 9.70 -11.10 40.78
CA SER A 1081 8.75 -12.15 40.43
C SER A 1081 9.38 -13.13 39.45
N LEU A 1082 8.69 -14.27 39.28
CA LEU A 1082 9.09 -15.30 38.32
C LEU A 1082 7.84 -15.95 37.74
N GLU A 1083 7.88 -16.23 36.44
CA GLU A 1083 6.78 -16.87 35.75
C GLU A 1083 7.32 -18.08 34.99
N VAL A 1084 6.95 -19.28 35.41
CA VAL A 1084 7.18 -20.50 34.64
C VAL A 1084 5.90 -21.32 34.67
N SER A 1085 5.24 -21.44 33.52
CA SER A 1085 3.97 -22.16 33.45
C SER A 1085 4.05 -23.55 32.83
N GLU A 1086 5.21 -24.00 32.35
CA GLU A 1086 5.22 -25.18 31.48
C GLU A 1086 6.42 -26.07 31.82
N THR A 1087 6.59 -27.11 31.00
CA THR A 1087 7.72 -28.04 31.05
C THR A 1087 7.95 -28.60 32.44
N ASN A 1088 9.20 -28.66 32.87
CA ASN A 1088 9.58 -29.08 34.21
C ASN A 1088 10.54 -28.06 34.80
N GLN A 1089 10.73 -28.15 36.12
CA GLN A 1089 11.67 -27.28 36.81
C GLN A 1089 12.48 -28.11 37.80
N LEU A 1090 13.66 -27.60 38.14
CA LEU A 1090 14.54 -28.22 39.10
C LEU A 1090 14.96 -27.23 40.17
N PRO A 1091 15.20 -27.70 41.39
CA PRO A 1091 15.80 -26.81 42.38
C PRO A 1091 17.24 -26.50 42.06
N GLU A 1092 17.98 -27.48 41.53
CA GLU A 1092 19.29 -27.21 40.97
C GLU A 1092 19.17 -26.37 39.71
N GLN A 1093 17.98 -26.26 39.15
CA GLN A 1093 17.68 -25.09 38.34
C GLN A 1093 17.42 -23.90 39.24
N LEU A 1094 16.38 -23.97 40.07
CA LEU A 1094 16.08 -22.81 40.88
C LEU A 1094 15.96 -23.09 42.37
N PHE A 1095 14.98 -23.90 42.73
CA PHE A 1095 14.49 -23.92 44.10
C PHE A 1095 15.56 -24.26 45.13
N HIS A 1096 16.73 -24.74 44.73
CA HIS A 1096 17.84 -24.74 45.67
C HIS A 1096 18.11 -23.33 46.17
N ASN A 1097 18.04 -23.16 47.49
CA ASN A 1097 18.41 -21.91 48.14
C ASN A 1097 17.70 -20.72 47.50
N LEU A 1098 16.52 -21.00 46.96
CA LEU A 1098 15.72 -20.01 46.26
C LEU A 1098 15.54 -18.74 47.09
N HIS A 1099 15.06 -18.90 48.32
CA HIS A 1099 14.60 -17.77 49.11
C HIS A 1099 15.68 -16.71 49.30
N LYS A 1100 16.92 -17.16 49.43
CA LYS A 1100 17.91 -16.42 50.22
C LYS A 1100 17.95 -14.95 49.85
N PHE A 1101 18.14 -14.63 48.58
CA PHE A 1101 18.06 -13.24 48.15
C PHE A 1101 16.71 -12.90 47.55
N LEU A 1102 15.85 -13.89 47.42
CA LEU A 1102 14.53 -13.73 46.82
C LEU A 1102 13.50 -13.51 47.92
N GLY A 1103 12.23 -13.67 47.62
CA GLY A 1103 11.18 -13.38 48.58
C GLY A 1103 10.37 -12.13 48.32
N LEU A 1104 10.41 -11.59 47.10
CA LEU A 1104 9.89 -10.25 46.86
C LEU A 1104 8.45 -10.26 46.38
N LYS A 1105 8.20 -10.69 45.14
CA LYS A 1105 6.86 -10.60 44.57
C LYS A 1105 6.49 -11.90 43.87
N GLU A 1106 5.26 -11.97 43.38
CA GLU A 1106 4.57 -13.23 43.21
C GLU A 1106 5.18 -14.11 42.12
N LEU A 1107 5.13 -15.41 42.35
CA LEU A 1107 5.76 -16.42 41.51
C LEU A 1107 4.71 -17.30 40.86
N CYS A 1108 5.08 -17.89 39.71
CA CYS A 1108 4.24 -18.92 39.10
C CYS A 1108 5.12 -20.07 38.64
N VAL A 1109 4.90 -21.24 39.24
CA VAL A 1109 5.57 -22.48 38.85
C VAL A 1109 4.49 -23.54 38.69
N ARG A 1110 4.26 -23.97 37.45
CA ARG A 1110 3.15 -24.87 37.17
C ARG A 1110 3.53 -25.81 36.05
N LEU A 1111 3.11 -27.07 36.19
CA LEU A 1111 3.54 -28.17 35.33
C LEU A 1111 2.30 -28.99 35.00
N ASP A 1112 2.42 -29.90 34.03
CA ASP A 1112 1.22 -30.61 33.60
C ASP A 1112 0.87 -31.77 34.52
N GLY A 1113 1.58 -32.88 34.42
CA GLY A 1113 1.30 -34.00 35.30
C GLY A 1113 2.41 -34.22 36.30
N LYS A 1114 3.46 -33.42 36.17
CA LYS A 1114 4.72 -33.77 36.79
C LYS A 1114 4.64 -33.69 38.31
N PRO A 1115 5.28 -34.61 39.01
CA PRO A 1115 5.24 -34.60 40.47
C PRO A 1115 6.26 -33.65 41.06
N ASN A 1116 6.46 -33.77 42.37
CA ASN A 1116 7.51 -33.11 43.12
C ASN A 1116 7.30 -31.60 43.22
N VAL A 1117 6.05 -31.15 43.14
CA VAL A 1117 5.76 -29.73 43.38
C VAL A 1117 5.77 -29.43 44.87
N LEU A 1118 5.71 -30.47 45.71
CA LEU A 1118 5.89 -30.28 47.13
C LEU A 1118 7.36 -30.14 47.48
N SER A 1119 8.21 -30.96 46.84
CA SER A 1119 9.65 -30.93 47.05
C SER A 1119 10.22 -29.61 46.54
N VAL A 1120 9.35 -28.80 45.92
CA VAL A 1120 9.73 -27.47 45.50
C VAL A 1120 10.44 -26.72 46.63
N LEU A 1121 9.81 -26.64 47.79
CA LEU A 1121 10.36 -25.91 48.92
C LEU A 1121 10.08 -26.56 50.25
N PRO A 1122 10.76 -27.66 50.59
CA PRO A 1122 10.94 -27.93 52.01
C PRO A 1122 12.21 -27.25 52.48
N ARG A 1123 12.53 -26.14 51.82
CA ARG A 1123 13.48 -25.17 52.31
C ARG A 1123 12.84 -23.84 52.68
N GLU A 1124 11.56 -23.64 52.39
CA GLU A 1124 11.00 -22.30 52.43
C GLU A 1124 10.71 -21.85 53.85
N PHE A 1125 10.35 -22.78 54.71
CA PHE A 1125 10.00 -22.44 56.09
C PHE A 1125 11.07 -21.63 56.79
N PRO A 1126 12.36 -21.87 56.58
CA PRO A 1126 13.36 -20.89 57.03
C PRO A 1126 13.08 -19.47 56.56
N ASN A 1127 12.59 -19.30 55.34
CA ASN A 1127 12.47 -17.96 54.78
C ASN A 1127 11.35 -17.18 55.45
N LEU A 1128 11.58 -15.87 55.57
CA LEU A 1128 10.61 -14.92 56.09
C LEU A 1128 10.32 -13.94 54.97
N LEU A 1129 9.11 -13.99 54.43
CA LEU A 1129 8.85 -13.53 53.07
C LEU A 1129 8.18 -12.17 53.07
N HIS A 1130 8.53 -11.37 52.07
CA HIS A 1130 7.75 -10.20 51.71
C HIS A 1130 6.84 -10.47 50.53
N MET A 1131 6.85 -11.69 49.99
CA MET A 1131 6.03 -12.08 48.85
C MET A 1131 4.58 -11.68 49.00
N GLU A 1132 3.88 -12.32 49.93
CA GLU A 1132 2.50 -11.99 50.28
C GLU A 1132 1.57 -12.36 49.14
N LYS A 1133 2.14 -12.78 48.01
CA LYS A 1133 1.42 -13.09 46.79
C LYS A 1133 2.03 -14.33 46.16
N LEU A 1134 1.20 -15.33 45.83
CA LEU A 1134 1.72 -16.62 45.42
C LEU A 1134 0.75 -17.34 44.49
N SER A 1135 1.31 -18.19 43.62
CA SER A 1135 0.53 -19.01 42.71
C SER A 1135 1.15 -20.39 42.60
N ILE A 1136 0.33 -21.43 42.80
CA ILE A 1136 0.75 -22.82 42.67
C ILE A 1136 -0.46 -23.69 42.92
N GLN A 1137 -0.39 -24.95 42.51
CA GLN A 1137 -1.53 -25.86 42.50
C GLN A 1137 -1.32 -27.00 43.50
N THR A 1138 -2.30 -27.89 43.54
CA THR A 1138 -2.15 -29.22 44.14
C THR A 1138 -1.96 -30.20 43.00
N SER A 1139 -0.74 -30.71 42.85
CA SER A 1139 -0.43 -31.58 41.73
C SER A 1139 -0.84 -33.01 41.99
N THR A 1140 -1.50 -33.26 43.12
CA THR A 1140 -2.12 -34.54 43.42
C THR A 1140 -3.52 -34.28 43.95
N GLU A 1141 -4.23 -35.34 44.28
CA GLU A 1141 -5.26 -35.22 45.30
C GLU A 1141 -4.54 -34.99 46.62
N SER A 1142 -4.87 -33.87 47.27
CA SER A 1142 -3.88 -33.14 48.04
C SER A 1142 -3.12 -34.03 49.01
N ASP A 1143 -1.81 -33.82 49.06
CA ASP A 1143 -0.91 -34.55 49.94
C ASP A 1143 -0.53 -33.62 51.09
N LEU A 1144 -0.73 -34.09 52.33
CA LEU A 1144 -0.54 -33.24 53.50
C LEU A 1144 0.79 -32.51 53.46
N SER A 1145 1.80 -33.14 52.87
CA SER A 1145 3.02 -32.46 52.50
C SER A 1145 2.68 -31.11 51.88
N LYS A 1146 2.01 -31.12 50.72
CA LYS A 1146 1.67 -29.87 50.03
C LYS A 1146 1.11 -28.86 51.02
N LEU A 1147 0.11 -29.27 51.79
CA LEU A 1147 -0.39 -28.43 52.86
C LEU A 1147 0.74 -28.00 53.77
N VAL A 1148 1.36 -28.98 54.44
CA VAL A 1148 2.46 -28.73 55.37
C VAL A 1148 3.41 -27.75 54.73
N LYS A 1149 3.68 -27.94 53.44
CA LYS A 1149 4.45 -26.96 52.69
C LYS A 1149 3.80 -25.59 52.79
N PHE A 1150 2.53 -25.51 52.39
CA PHE A 1150 1.91 -24.22 52.18
C PHE A 1150 1.48 -23.60 53.50
N ILE A 1151 1.19 -24.44 54.48
CA ILE A 1151 0.55 -24.01 55.72
C ILE A 1151 1.35 -22.90 56.40
N GLN A 1152 2.52 -23.24 56.95
CA GLN A 1152 3.24 -22.30 57.81
C GLN A 1152 3.38 -20.94 57.15
N ASN A 1153 3.58 -20.94 55.85
CA ASN A 1153 3.90 -19.77 55.06
C ASN A 1153 2.98 -18.61 55.39
N PHE A 1154 1.74 -18.81 55.04
CA PHE A 1154 0.75 -17.77 54.81
C PHE A 1154 0.37 -17.02 56.07
N PRO A 1155 0.22 -17.68 57.23
CA PRO A 1155 0.04 -16.91 58.47
C PRO A 1155 1.16 -15.94 58.72
N ASN A 1156 2.35 -16.24 58.21
CA ASN A 1156 3.50 -15.40 58.42
C ASN A 1156 3.71 -14.36 57.32
N LEU A 1157 2.78 -14.29 56.37
CA LEU A 1157 2.85 -13.33 55.29
C LEU A 1157 1.51 -12.63 55.15
N HIS A 1158 1.50 -11.56 54.36
CA HIS A 1158 0.42 -10.60 54.36
C HIS A 1158 -0.71 -10.97 53.41
N VAL A 1159 -0.64 -12.15 52.79
CA VAL A 1159 -1.76 -12.82 52.13
C VAL A 1159 -2.47 -11.90 51.13
N PHE A 1160 -1.85 -11.71 49.97
CA PHE A 1160 -2.49 -11.00 48.88
C PHE A 1160 -2.48 -11.84 47.62
N HIS A 1161 -3.64 -11.96 46.97
CA HIS A 1161 -3.74 -12.36 45.57
C HIS A 1161 -3.20 -13.78 45.33
N LEU A 1162 -3.99 -14.76 45.78
CA LEU A 1162 -3.66 -16.18 45.62
C LEU A 1162 -4.09 -16.73 44.26
N LYS A 1163 -3.32 -17.70 43.77
CA LYS A 1163 -3.69 -18.43 42.57
C LYS A 1163 -3.39 -19.90 42.77
N CYS A 1164 -4.40 -20.76 42.63
CA CYS A 1164 -4.20 -22.20 42.67
C CYS A 1164 -4.93 -22.83 41.50
N ASP A 1165 -4.24 -23.70 40.76
CA ASP A 1165 -4.80 -24.19 39.52
C ASP A 1165 -5.91 -25.19 39.82
N PHE A 1166 -5.54 -26.39 40.23
CA PHE A 1166 -6.49 -27.29 40.86
C PHE A 1166 -6.04 -27.50 42.30
N LEU A 1167 -6.79 -26.92 43.21
CA LEU A 1167 -6.71 -27.35 44.59
C LEU A 1167 -7.50 -28.63 44.73
N SER A 1168 -6.84 -29.71 45.08
CA SER A 1168 -7.59 -30.85 45.56
C SER A 1168 -7.95 -30.48 46.98
N ASN A 1169 -9.24 -30.34 47.24
CA ASN A 1169 -9.62 -29.70 48.49
C ASN A 1169 -9.27 -30.60 49.66
N CYS A 1170 -9.52 -31.89 49.51
CA CYS A 1170 -9.02 -32.84 50.49
C CYS A 1170 -9.37 -32.42 51.88
N GLU A 1171 -8.36 -32.35 52.72
CA GLU A 1171 -8.64 -31.99 54.10
C GLU A 1171 -7.95 -30.70 54.48
N SER A 1172 -8.58 -29.98 55.43
CA SER A 1172 -7.95 -28.88 56.16
C SER A 1172 -7.55 -27.72 55.26
N LEU A 1173 -8.45 -27.35 54.35
CA LEU A 1173 -8.25 -26.08 53.68
C LEU A 1173 -8.40 -24.90 54.61
N MET A 1174 -8.89 -25.15 55.83
CA MET A 1174 -8.64 -24.21 56.91
C MET A 1174 -7.16 -23.86 56.95
N ALA A 1175 -6.32 -24.87 57.15
CA ALA A 1175 -4.89 -24.68 57.09
C ALA A 1175 -4.48 -24.01 55.78
N VAL A 1176 -5.34 -24.03 54.78
CA VAL A 1176 -5.17 -23.18 53.61
C VAL A 1176 -5.86 -21.85 53.86
N LEU A 1177 -7.18 -21.88 53.92
CA LEU A 1177 -7.96 -20.66 53.82
C LEU A 1177 -8.34 -20.05 55.16
N ALA A 1178 -8.12 -20.74 56.29
CA ALA A 1178 -8.41 -20.10 57.56
C ALA A 1178 -7.62 -18.82 57.69
N SER A 1179 -6.38 -18.83 57.19
CA SER A 1179 -5.56 -17.64 57.19
C SER A 1179 -5.89 -16.71 56.03
N CYS A 1180 -6.64 -17.19 55.04
CA CYS A 1180 -6.94 -16.39 53.86
C CYS A 1180 -7.57 -15.08 54.26
N LYS A 1181 -6.98 -13.97 53.81
CA LYS A 1181 -7.48 -12.65 54.15
C LYS A 1181 -7.27 -11.68 53.00
N LYS A 1182 -8.32 -10.92 52.68
CA LYS A 1182 -8.20 -9.70 51.87
C LYS A 1182 -7.66 -9.97 50.47
N LEU A 1183 -7.95 -11.13 49.90
CA LEU A 1183 -7.42 -11.42 48.58
C LEU A 1183 -8.25 -10.77 47.49
N ARG A 1184 -7.62 -10.57 46.34
CA ARG A 1184 -8.31 -10.39 45.07
C ARG A 1184 -8.20 -11.63 44.21
N GLU A 1185 -6.99 -12.04 43.86
CA GLU A 1185 -6.82 -13.26 43.08
C GLU A 1185 -7.27 -14.45 43.92
N ILE A 1186 -8.23 -15.20 43.41
CA ILE A 1186 -8.51 -16.54 43.92
C ILE A 1186 -8.77 -17.46 42.75
N GLU A 1187 -7.87 -18.40 42.50
CA GLU A 1187 -8.01 -19.24 41.32
C GLU A 1187 -8.49 -20.65 41.56
N PHE A 1188 -8.69 -21.10 42.81
CA PHE A 1188 -8.82 -22.53 43.04
C PHE A 1188 -9.94 -23.12 42.19
N SER A 1189 -9.70 -24.31 41.67
CA SER A 1189 -10.79 -25.12 41.12
C SER A 1189 -10.60 -26.54 41.61
N GLY A 1190 -11.50 -27.01 42.46
CA GLY A 1190 -11.38 -28.33 43.04
C GLY A 1190 -12.01 -29.41 42.16
N ARG A 1191 -11.31 -30.55 42.06
CA ARG A 1191 -11.95 -31.75 41.53
C ARG A 1191 -12.71 -32.47 42.63
N CYS A 1192 -12.11 -32.57 43.81
CA CYS A 1192 -12.78 -33.03 45.02
C CYS A 1192 -12.99 -31.82 45.92
N PHE A 1193 -14.17 -31.71 46.54
CA PHE A 1193 -14.47 -30.53 47.32
C PHE A 1193 -14.31 -30.74 48.82
N GLU A 1194 -14.52 -29.64 49.54
CA GLU A 1194 -14.76 -29.61 50.98
C GLU A 1194 -16.07 -28.89 51.26
N ALA A 1195 -16.18 -27.64 50.82
CA ALA A 1195 -17.39 -26.82 50.95
C ALA A 1195 -17.66 -26.46 52.40
N MET A 1196 -16.60 -26.33 53.19
CA MET A 1196 -16.69 -25.69 54.49
C MET A 1196 -16.20 -24.26 54.32
N THR A 1197 -14.91 -24.12 54.03
CA THR A 1197 -14.37 -22.81 53.67
C THR A 1197 -15.24 -22.17 52.60
N PHE A 1198 -15.44 -22.90 51.51
CA PHE A 1198 -16.17 -22.40 50.36
C PHE A 1198 -17.49 -21.80 50.77
N VAL A 1199 -18.22 -22.48 51.64
CA VAL A 1199 -19.48 -21.94 52.10
C VAL A 1199 -19.27 -20.93 53.21
N ASN A 1200 -18.23 -21.08 54.01
CA ASN A 1200 -18.19 -20.30 55.24
C ASN A 1200 -17.20 -19.16 55.14
N ILE A 1201 -15.92 -19.48 55.26
CA ILE A 1201 -14.94 -18.41 55.38
C ILE A 1201 -14.63 -17.82 54.02
N LEU A 1202 -14.63 -18.63 52.97
CA LEU A 1202 -14.46 -18.10 51.63
C LEU A 1202 -15.32 -16.86 51.42
N PRO A 1203 -16.63 -16.89 51.64
CA PRO A 1203 -17.41 -15.66 51.64
C PRO A 1203 -17.57 -15.05 53.04
N ASN A 1204 -16.48 -14.97 53.79
CA ASN A 1204 -16.44 -14.05 54.92
C ASN A 1204 -15.57 -12.83 54.69
N PHE A 1205 -14.86 -12.75 53.57
CA PHE A 1205 -13.94 -11.64 53.32
C PHE A 1205 -14.49 -10.82 52.18
N VAL A 1206 -14.94 -9.60 52.50
CA VAL A 1206 -15.86 -8.88 51.64
C VAL A 1206 -15.19 -8.49 50.34
N SER A 1207 -14.09 -7.75 50.42
CA SER A 1207 -13.63 -7.03 49.24
C SER A 1207 -12.96 -8.03 48.32
N LEU A 1208 -13.58 -8.26 47.17
CA LEU A 1208 -13.05 -9.16 46.17
C LEU A 1208 -13.47 -8.67 44.80
N LYS A 1209 -12.54 -8.59 43.87
CA LYS A 1209 -12.91 -8.28 42.49
C LYS A 1209 -13.31 -9.51 41.68
N ILE A 1210 -12.55 -10.60 41.83
CA ILE A 1210 -12.59 -11.70 40.87
C ILE A 1210 -12.73 -13.03 41.60
N LEU A 1211 -13.21 -14.02 40.85
CA LEU A 1211 -13.18 -15.41 41.28
C LEU A 1211 -12.88 -16.29 40.10
N ASN A 1212 -11.94 -17.21 40.26
CA ASN A 1212 -11.73 -18.26 39.29
C ASN A 1212 -12.20 -19.56 39.94
N LEU A 1213 -13.34 -20.06 39.47
CA LEU A 1213 -13.86 -21.30 40.00
C LEU A 1213 -14.61 -22.05 38.92
N LYS A 1214 -14.40 -23.36 38.91
CA LYS A 1214 -14.96 -24.28 37.94
C LYS A 1214 -14.89 -25.66 38.58
N ASP A 1215 -14.98 -26.70 37.75
CA ASP A 1215 -14.78 -28.08 38.18
C ASP A 1215 -15.85 -28.56 39.15
N GLN A 1216 -17.05 -28.77 38.65
CA GLN A 1216 -18.03 -29.65 39.26
C GLN A 1216 -18.37 -29.20 40.68
N GLN A 1217 -19.17 -28.13 40.73
CA GLN A 1217 -19.88 -27.83 41.97
C GLN A 1217 -20.62 -29.08 42.41
N PHE A 1218 -20.48 -29.39 43.62
CA PHE A 1218 -21.10 -30.63 44.03
C PHE A 1218 -22.49 -30.41 44.62
N PRO A 1219 -23.33 -31.38 44.50
CA PRO A 1219 -24.76 -31.19 44.80
C PRO A 1219 -25.19 -31.31 46.27
N ASP A 1220 -24.95 -30.24 47.02
CA ASP A 1220 -25.81 -29.88 48.14
C ASP A 1220 -26.41 -28.54 47.76
N LYS A 1221 -27.69 -28.54 47.42
CA LYS A 1221 -28.31 -27.28 47.02
C LYS A 1221 -28.29 -26.31 48.18
N GLU A 1222 -28.27 -26.84 49.40
CA GLU A 1222 -27.92 -26.04 50.56
C GLU A 1222 -26.57 -25.38 50.36
N THR A 1223 -25.54 -26.18 50.12
CA THR A 1223 -24.22 -25.64 49.83
C THR A 1223 -24.29 -24.61 48.72
N SER A 1224 -25.03 -24.93 47.66
CA SER A 1224 -25.29 -23.96 46.61
C SER A 1224 -25.89 -22.70 47.21
N GLU A 1225 -26.98 -22.85 47.94
CA GLU A 1225 -27.51 -21.74 48.74
C GLU A 1225 -26.42 -21.13 49.58
N LYS A 1226 -25.75 -21.96 50.38
CA LYS A 1226 -24.68 -21.47 51.23
C LYS A 1226 -23.74 -20.61 50.41
N PHE A 1227 -23.33 -21.10 49.26
CA PHE A 1227 -22.74 -20.21 48.28
C PHE A 1227 -23.69 -19.08 47.93
N ALA A 1228 -24.83 -19.42 47.31
CA ALA A 1228 -25.70 -18.43 46.71
C ALA A 1228 -26.02 -17.30 47.68
N GLN A 1229 -26.52 -17.64 48.86
CA GLN A 1229 -26.74 -16.63 49.87
C GLN A 1229 -25.50 -15.78 50.08
N ALA A 1230 -24.45 -16.42 50.59
CA ALA A 1230 -23.22 -15.70 50.86
C ALA A 1230 -22.66 -15.08 49.59
N LEU A 1231 -22.84 -15.73 48.45
CA LEU A 1231 -22.54 -15.07 47.19
C LEU A 1231 -23.29 -13.75 47.10
N GLY A 1232 -24.61 -13.82 47.21
CA GLY A 1232 -25.40 -12.61 47.21
C GLY A 1232 -25.15 -11.73 48.41
N SER A 1233 -24.83 -12.33 49.55
CA SER A 1233 -24.68 -11.54 50.77
C SER A 1233 -23.42 -10.69 50.74
N LEU A 1234 -22.31 -11.27 50.30
CA LEU A 1234 -21.01 -10.63 50.39
C LEU A 1234 -20.66 -9.80 49.14
N ARG A 1235 -21.61 -9.61 48.23
CA ARG A 1235 -21.25 -9.07 46.92
C ARG A 1235 -20.48 -7.76 47.03
N ASN A 1236 -19.18 -7.79 46.70
CA ASN A 1236 -18.42 -6.64 46.28
C ASN A 1236 -18.05 -6.67 44.80
N LEU A 1237 -18.33 -7.77 44.12
CA LEU A 1237 -17.45 -8.20 43.05
C LEU A 1237 -17.69 -7.46 41.75
N GLU A 1238 -16.62 -7.40 40.96
CA GLU A 1238 -16.69 -7.01 39.56
C GLU A 1238 -17.10 -8.19 38.69
N GLU A 1239 -16.59 -9.37 39.02
CA GLU A 1239 -16.49 -10.47 38.08
C GLU A 1239 -16.11 -11.73 38.84
N LEU A 1240 -16.12 -12.87 38.14
CA LEU A 1240 -15.91 -14.16 38.77
C LEU A 1240 -15.83 -15.26 37.72
N LEU A 1241 -15.66 -16.49 38.20
CA LEU A 1241 -15.96 -17.71 37.47
C LEU A 1241 -16.91 -18.54 38.32
N VAL A 1242 -18.14 -18.73 37.82
CA VAL A 1242 -19.12 -19.57 38.51
C VAL A 1242 -18.62 -21.01 38.55
N PRO A 1243 -18.76 -21.74 39.67
CA PRO A 1243 -18.46 -23.16 39.66
C PRO A 1243 -19.37 -23.92 38.69
N THR A 1244 -18.84 -25.00 38.15
CA THR A 1244 -19.56 -25.78 37.16
C THR A 1244 -20.60 -26.67 37.84
N GLY A 1245 -21.81 -26.66 37.31
CA GLY A 1245 -23.01 -27.08 38.00
C GLY A 1245 -23.09 -28.49 38.55
N ASP A 1246 -23.82 -28.62 39.66
CA ASP A 1246 -24.20 -29.90 40.23
C ASP A 1246 -25.60 -30.32 39.80
N GLY A 1247 -26.20 -29.58 38.90
CA GLY A 1247 -27.64 -29.47 38.85
C GLY A 1247 -28.14 -28.21 39.50
N ILE A 1248 -27.27 -27.22 39.68
CA ILE A 1248 -27.50 -25.98 40.44
C ILE A 1248 -28.76 -25.29 39.96
N HIS A 1249 -29.16 -25.62 38.75
CA HIS A 1249 -29.97 -24.81 37.87
C HIS A 1249 -31.13 -24.16 38.61
N GLN A 1250 -31.73 -24.91 39.54
CA GLN A 1250 -32.94 -24.46 40.22
C GLN A 1250 -32.70 -23.11 40.89
N VAL A 1251 -31.71 -23.05 41.77
CA VAL A 1251 -31.45 -21.86 42.55
C VAL A 1251 -30.54 -20.88 41.85
N ALA A 1252 -29.87 -21.29 40.77
CA ALA A 1252 -28.98 -20.38 40.06
C ALA A 1252 -29.69 -19.14 39.58
N LYS A 1253 -31.02 -19.15 39.61
CA LYS A 1253 -31.78 -17.91 39.58
C LYS A 1253 -31.20 -16.90 40.54
N LEU A 1254 -30.94 -17.31 41.77
CA LEU A 1254 -30.33 -16.42 42.75
C LEU A 1254 -28.92 -16.05 42.31
N ILE A 1255 -28.26 -16.94 41.59
CA ILE A 1255 -26.94 -16.67 41.05
C ILE A 1255 -27.13 -15.67 39.93
N VAL A 1256 -28.38 -15.34 39.66
CA VAL A 1256 -28.74 -14.19 38.85
C VAL A 1256 -29.50 -13.16 39.67
N ARG A 1257 -30.59 -13.57 40.32
CA ARG A 1257 -31.59 -12.65 40.87
C ARG A 1257 -30.99 -11.46 41.60
N GLN A 1258 -30.09 -11.71 42.52
CA GLN A 1258 -29.51 -10.63 43.30
C GLN A 1258 -28.18 -10.14 42.74
N CYS A 1259 -27.74 -10.70 41.62
CA CYS A 1259 -26.51 -10.20 41.00
C CYS A 1259 -26.65 -8.77 40.50
N LEU A 1260 -27.86 -8.22 40.52
CA LEU A 1260 -28.02 -6.80 40.29
C LEU A 1260 -27.28 -5.98 41.34
N GLN A 1261 -27.08 -6.55 42.53
CA GLN A 1261 -26.49 -5.80 43.63
C GLN A 1261 -25.02 -5.48 43.41
N LEU A 1262 -24.36 -6.17 42.48
CA LEU A 1262 -22.93 -5.99 42.32
C LEU A 1262 -22.60 -4.56 41.93
N PRO A 1263 -21.64 -3.92 42.61
CA PRO A 1263 -21.31 -2.53 42.28
C PRO A 1263 -20.64 -2.38 40.93
N CYS A 1264 -19.93 -3.41 40.46
CA CYS A 1264 -19.24 -3.35 39.18
C CYS A 1264 -19.38 -4.69 38.48
N LEU A 1265 -19.45 -4.65 37.15
CA LEU A 1265 -19.72 -5.86 36.39
C LEU A 1265 -18.79 -6.01 35.20
N ARG A 1266 -18.20 -7.18 35.08
CA ARG A 1266 -17.60 -7.65 33.85
C ARG A 1266 -17.47 -9.16 33.99
N VAL A 1267 -17.06 -9.80 32.89
CA VAL A 1267 -16.70 -11.20 32.92
C VAL A 1267 -17.80 -12.02 33.59
N LEU A 1268 -18.94 -12.14 32.94
CA LEU A 1268 -19.98 -13.02 33.42
C LEU A 1268 -19.74 -14.40 32.84
N THR A 1269 -19.72 -15.41 33.71
CA THR A 1269 -19.09 -16.68 33.39
C THR A 1269 -20.00 -17.83 33.78
N PHE A 1270 -20.31 -18.68 32.80
CA PHE A 1270 -21.02 -19.92 33.07
C PHE A 1270 -20.54 -21.01 32.14
N HIS A 1271 -20.23 -22.16 32.71
CA HIS A 1271 -20.14 -23.39 31.95
C HIS A 1271 -21.41 -24.20 32.05
N ASP A 1272 -22.41 -23.70 32.78
CA ASP A 1272 -23.57 -24.51 33.14
C ASP A 1272 -24.80 -23.60 33.18
N ILE A 1273 -25.89 -24.16 33.72
CA ILE A 1273 -27.13 -23.43 34.04
C ILE A 1273 -27.94 -22.56 33.06
N LEU A 1274 -28.52 -23.14 32.03
CA LEU A 1274 -29.28 -22.35 31.06
C LEU A 1274 -30.76 -22.65 30.96
N ASP A 1275 -31.09 -23.87 30.50
CA ASP A 1275 -32.36 -24.15 29.81
C ASP A 1275 -33.58 -23.61 30.53
N ASP A 1276 -33.50 -23.40 31.83
CA ASP A 1276 -34.66 -22.86 32.53
C ASP A 1276 -34.75 -21.37 32.27
N ASP A 1277 -35.52 -20.68 33.10
CA ASP A 1277 -35.92 -19.31 32.87
C ASP A 1277 -34.71 -18.38 32.79
N SER A 1278 -33.52 -18.95 32.94
CA SER A 1278 -32.25 -18.25 33.10
C SER A 1278 -32.14 -17.08 32.14
N VAL A 1279 -32.78 -17.22 31.00
CA VAL A 1279 -32.63 -16.26 29.92
C VAL A 1279 -33.29 -14.94 30.30
N ILE A 1280 -34.61 -14.94 30.47
CA ILE A 1280 -35.24 -13.69 30.88
C ILE A 1280 -34.72 -13.29 32.24
N GLU A 1281 -34.37 -14.27 33.08
CA GLU A 1281 -33.68 -13.97 34.32
C GLU A 1281 -32.50 -13.06 34.03
N ILE A 1282 -31.75 -13.38 32.99
CA ILE A 1282 -30.78 -12.41 32.48
C ILE A 1282 -31.52 -11.19 31.94
N ALA A 1283 -32.49 -11.43 31.05
CA ALA A 1283 -33.08 -10.33 30.30
C ALA A 1283 -33.80 -9.35 31.21
N ARG A 1284 -34.60 -9.85 32.16
CA ARG A 1284 -35.14 -8.99 33.19
C ARG A 1284 -34.04 -8.12 33.77
N ALA A 1285 -33.05 -8.77 34.38
CA ALA A 1285 -31.89 -8.06 34.89
C ALA A 1285 -31.16 -7.31 33.80
N ALA A 1286 -31.27 -7.75 32.56
CA ALA A 1286 -30.72 -6.97 31.46
C ALA A 1286 -31.60 -5.77 31.15
N THR A 1287 -32.88 -6.02 30.89
CA THR A 1287 -33.77 -4.93 30.49
C THR A 1287 -33.91 -3.92 31.60
N SER A 1288 -34.35 -4.36 32.77
CA SER A 1288 -34.17 -3.56 33.97
C SER A 1288 -32.68 -3.41 34.23
N GLY A 1289 -32.31 -2.33 34.90
CA GLY A 1289 -30.91 -2.02 35.08
C GLY A 1289 -30.22 -2.98 36.03
N GLY A 1290 -28.95 -2.70 36.26
CA GLY A 1290 -28.14 -3.39 37.24
C GLY A 1290 -27.13 -4.37 36.68
N PHE A 1291 -27.33 -4.91 35.48
CA PHE A 1291 -26.23 -5.54 34.76
C PHE A 1291 -25.59 -4.60 33.78
N GLN A 1292 -25.99 -3.35 33.82
CA GLN A 1292 -25.34 -2.31 33.06
C GLN A 1292 -23.87 -2.23 33.42
N LYS A 1293 -23.06 -1.83 32.43
CA LYS A 1293 -21.60 -1.73 32.40
C LYS A 1293 -20.91 -3.09 32.43
N LEU A 1294 -21.66 -4.20 32.50
CA LEU A 1294 -21.06 -5.52 32.33
C LEU A 1294 -20.30 -5.60 31.02
N GLU A 1295 -19.16 -6.29 31.03
CA GLU A 1295 -18.34 -6.40 29.83
C GLU A 1295 -18.44 -7.73 29.08
N ASN A 1296 -19.09 -8.75 29.64
CA ASN A 1296 -18.94 -10.08 29.03
C ASN A 1296 -20.12 -10.98 29.36
N LEU A 1297 -20.30 -11.98 28.51
CA LEU A 1297 -21.31 -13.01 28.69
C LEU A 1297 -20.82 -14.29 28.04
N ASP A 1298 -21.19 -15.43 28.62
CA ASP A 1298 -20.82 -16.70 27.99
C ASP A 1298 -21.66 -17.84 28.50
N ILE A 1299 -21.71 -18.91 27.70
CA ILE A 1299 -22.03 -20.24 28.21
C ILE A 1299 -21.36 -21.30 27.35
N SER A 1300 -20.85 -22.34 28.01
CA SER A 1300 -20.18 -23.46 27.37
C SER A 1300 -21.04 -24.72 27.25
N MET A 1301 -22.31 -24.68 27.63
CA MET A 1301 -23.05 -25.91 27.94
C MET A 1301 -23.28 -26.79 26.73
N ASN A 1302 -23.93 -27.92 27.00
CA ASN A 1302 -24.45 -28.86 26.01
C ASN A 1302 -25.90 -29.19 26.35
N HIS A 1303 -26.06 -29.90 27.47
CA HIS A 1303 -27.40 -30.19 28.00
C HIS A 1303 -28.25 -28.95 28.03
N LYS A 1304 -27.84 -27.98 28.84
CA LYS A 1304 -28.55 -26.73 29.00
C LYS A 1304 -28.60 -25.92 27.73
N ILE A 1305 -27.94 -26.36 26.66
CA ILE A 1305 -28.18 -25.77 25.36
C ILE A 1305 -29.51 -26.28 24.84
N THR A 1306 -30.44 -25.37 24.57
CA THR A 1306 -31.60 -25.67 23.76
C THR A 1306 -31.93 -24.44 22.94
N GLU A 1307 -32.14 -24.66 21.64
CA GLU A 1307 -32.54 -23.58 20.74
C GLU A 1307 -33.70 -22.79 21.33
N GLU A 1308 -34.71 -23.52 21.80
CA GLU A 1308 -36.03 -23.00 22.07
C GLU A 1308 -36.04 -21.63 22.72
N GLY A 1309 -35.07 -21.39 23.61
CA GLY A 1309 -35.07 -20.16 24.39
C GLY A 1309 -34.14 -19.07 23.93
N TYR A 1310 -33.23 -19.34 22.99
CA TYR A 1310 -32.35 -18.26 22.54
C TYR A 1310 -33.16 -17.10 21.98
N ARG A 1311 -34.15 -17.41 21.15
CA ARG A 1311 -35.10 -16.38 20.74
C ARG A 1311 -35.73 -15.74 21.95
N ASN A 1312 -36.12 -16.56 22.92
CA ASN A 1312 -36.64 -16.05 24.18
C ASN A 1312 -35.54 -15.29 24.90
N PHE A 1313 -34.31 -15.79 24.80
CA PHE A 1313 -33.17 -15.01 25.27
C PHE A 1313 -33.01 -13.77 24.42
N PHE A 1314 -33.26 -13.88 23.13
CA PHE A 1314 -33.19 -12.72 22.27
C PHE A 1314 -34.49 -11.95 22.26
N GLN A 1315 -35.47 -12.37 23.06
CA GLN A 1315 -36.76 -11.71 23.11
C GLN A 1315 -36.56 -10.21 23.27
N ALA A 1316 -36.14 -9.76 24.43
CA ALA A 1316 -35.58 -8.42 24.58
C ALA A 1316 -34.24 -8.55 25.28
N LEU A 1317 -33.16 -8.40 24.51
CA LEU A 1317 -31.80 -8.36 25.03
C LEU A 1317 -31.23 -6.96 25.10
N ASP A 1318 -32.00 -5.95 24.73
CA ASP A 1318 -31.46 -4.67 24.29
C ASP A 1318 -30.98 -3.87 25.50
N ASN A 1319 -30.70 -2.59 25.25
CA ASN A 1319 -30.43 -1.57 26.27
C ASN A 1319 -29.27 -1.96 27.20
N LEU A 1320 -28.27 -2.63 26.64
CA LEU A 1320 -26.98 -2.84 27.32
C LEU A 1320 -25.84 -2.67 26.32
N PRO A 1321 -25.66 -1.47 25.80
CA PRO A 1321 -24.50 -1.26 24.92
C PRO A 1321 -23.26 -1.04 25.76
N ASN A 1322 -23.15 -1.87 26.78
CA ASN A 1322 -22.06 -1.84 27.73
C ASN A 1322 -21.07 -2.97 27.53
N LEU A 1323 -21.28 -3.82 26.52
CA LEU A 1323 -20.76 -5.17 26.48
C LEU A 1323 -19.77 -5.33 25.35
N GLN A 1324 -18.96 -6.38 25.49
CA GLN A 1324 -17.99 -6.73 24.47
C GLN A 1324 -18.36 -8.04 23.77
N GLU A 1325 -18.24 -9.17 24.43
CA GLU A 1325 -18.35 -10.45 23.75
C GLU A 1325 -19.35 -11.34 24.48
N LEU A 1326 -19.93 -12.25 23.69
CA LEU A 1326 -20.82 -13.30 24.16
C LEU A 1326 -20.51 -14.55 23.37
N ASN A 1327 -20.33 -15.67 24.06
CA ASN A 1327 -19.92 -16.90 23.39
C ASN A 1327 -20.88 -18.04 23.67
N ILE A 1328 -21.20 -18.77 22.60
CA ILE A 1328 -22.08 -19.92 22.63
C ILE A 1328 -21.41 -20.99 21.79
N CYS A 1329 -21.06 -22.12 22.39
CA CYS A 1329 -20.02 -22.92 21.76
C CYS A 1329 -20.08 -24.36 22.25
N ARG A 1330 -19.04 -25.12 21.87
CA ARG A 1330 -18.91 -26.56 22.05
C ARG A 1330 -20.18 -27.30 21.72
N ASN A 1331 -20.50 -27.42 20.46
CA ASN A 1331 -21.42 -28.47 20.07
C ASN A 1331 -20.65 -29.54 19.32
N ILE A 1332 -20.42 -30.64 20.01
CA ILE A 1332 -20.32 -31.92 19.32
C ILE A 1332 -21.51 -32.08 18.38
N PRO A 1333 -22.76 -31.92 18.82
CA PRO A 1333 -23.87 -32.10 17.89
C PRO A 1333 -23.90 -31.07 16.77
N GLY A 1334 -23.72 -29.80 17.10
CA GLY A 1334 -24.02 -28.74 16.16
C GLY A 1334 -25.44 -28.22 16.32
N ARG A 1335 -25.61 -26.94 16.06
CA ARG A 1335 -26.91 -26.31 16.29
C ARG A 1335 -27.23 -25.38 15.13
N ILE A 1336 -28.30 -25.69 14.41
CA ILE A 1336 -28.71 -24.91 13.24
C ILE A 1336 -30.22 -24.81 13.27
N GLN A 1337 -30.76 -23.60 13.38
CA GLN A 1337 -32.22 -23.45 13.48
C GLN A 1337 -32.64 -22.04 13.08
N VAL A 1338 -33.93 -21.77 13.31
CA VAL A 1338 -34.57 -20.51 12.90
C VAL A 1338 -33.95 -19.33 13.62
N GLN A 1339 -33.64 -19.47 14.91
CA GLN A 1339 -33.26 -18.34 15.74
C GLN A 1339 -32.12 -17.53 15.13
N ALA A 1340 -31.42 -18.09 14.15
CA ALA A 1340 -30.63 -17.24 13.27
C ALA A 1340 -31.46 -16.07 12.77
N THR A 1341 -32.76 -16.29 12.56
CA THR A 1341 -33.68 -15.17 12.36
C THR A 1341 -33.46 -14.12 13.42
N THR A 1342 -33.66 -14.49 14.69
CA THR A 1342 -33.52 -13.56 15.80
C THR A 1342 -32.15 -12.90 15.82
N VAL A 1343 -31.18 -13.43 15.09
CA VAL A 1343 -29.88 -12.79 15.08
C VAL A 1343 -29.95 -11.42 14.41
N LYS A 1344 -30.89 -11.24 13.46
CA LYS A 1344 -31.00 -9.98 12.73
C LYS A 1344 -31.17 -8.79 13.67
N ALA A 1345 -31.67 -9.00 14.88
CA ALA A 1345 -31.79 -7.94 15.86
C ALA A 1345 -30.61 -7.86 16.83
N LEU A 1346 -29.73 -8.85 16.87
CA LEU A 1346 -28.72 -8.94 17.93
C LEU A 1346 -27.79 -7.75 17.98
N GLY A 1347 -26.87 -7.68 17.02
CA GLY A 1347 -25.85 -6.65 17.07
C GLY A 1347 -26.43 -5.26 16.93
N GLN A 1348 -27.51 -5.14 16.17
CA GLN A 1348 -28.06 -3.82 15.85
C GLN A 1348 -28.49 -3.09 17.12
N CYS A 1349 -29.38 -3.68 17.89
CA CYS A 1349 -29.92 -3.00 19.06
C CYS A 1349 -28.96 -3.04 20.25
N VAL A 1350 -27.94 -3.90 20.23
CA VAL A 1350 -27.00 -3.95 21.33
C VAL A 1350 -25.90 -2.91 21.18
N SER A 1351 -25.89 -2.21 20.07
CA SER A 1351 -24.89 -1.19 19.94
C SER A 1351 -23.46 -1.72 19.94
N ARG A 1352 -22.72 -1.29 20.95
CA ARG A 1352 -21.29 -1.51 21.02
C ARG A 1352 -20.99 -2.96 21.35
N LEU A 1353 -20.32 -3.66 20.42
CA LEU A 1353 -19.61 -4.89 20.68
C LEU A 1353 -18.39 -4.89 19.79
N PRO A 1354 -17.25 -5.37 20.27
CA PRO A 1354 -16.16 -5.70 19.35
C PRO A 1354 -16.44 -6.95 18.54
N SER A 1355 -17.04 -7.98 19.15
CA SER A 1355 -16.92 -9.30 18.55
C SER A 1355 -17.75 -10.30 19.32
N LEU A 1356 -17.94 -11.46 18.70
CA LEU A 1356 -18.61 -12.60 19.30
C LEU A 1356 -17.87 -13.87 18.91
N ILE A 1357 -18.17 -14.95 19.61
CA ILE A 1357 -17.70 -16.27 19.21
C ILE A 1357 -18.85 -17.23 19.31
N ARG A 1358 -19.28 -17.79 18.18
CA ARG A 1358 -20.29 -18.83 18.19
C ARG A 1358 -19.83 -19.94 17.28
N LEU A 1359 -19.58 -21.10 17.85
CA LEU A 1359 -19.10 -22.24 17.08
C LEU A 1359 -20.21 -23.21 16.74
N HIS A 1360 -21.42 -22.95 17.21
CA HIS A 1360 -22.55 -23.81 16.91
C HIS A 1360 -23.19 -23.51 15.58
N MET A 1361 -22.98 -22.30 15.05
CA MET A 1361 -23.91 -21.72 14.10
C MET A 1361 -24.10 -22.60 12.88
N LEU A 1362 -23.02 -22.87 12.16
CA LEU A 1362 -23.08 -23.73 10.98
C LEU A 1362 -24.04 -23.16 9.96
N SER A 1363 -24.04 -21.84 9.83
CA SER A 1363 -25.19 -21.14 9.29
C SER A 1363 -25.25 -21.22 7.77
N TRP A 1364 -26.49 -21.16 7.26
CA TRP A 1364 -26.69 -20.94 5.83
C TRP A 1364 -25.91 -19.70 5.39
N LEU A 1365 -25.10 -19.86 4.35
CA LEU A 1365 -24.31 -18.75 3.83
C LEU A 1365 -25.17 -17.53 3.62
N LEU A 1366 -26.36 -17.71 3.06
CA LEU A 1366 -27.30 -16.61 2.93
C LEU A 1366 -27.68 -16.12 4.32
N ASP A 1367 -28.02 -17.03 5.21
CA ASP A 1367 -28.18 -16.64 6.60
C ASP A 1367 -26.87 -16.10 7.14
N GLU A 1368 -25.73 -16.53 6.58
CA GLU A 1368 -24.50 -15.84 6.90
C GLU A 1368 -24.39 -14.54 6.13
N GLU A 1369 -24.98 -14.45 4.94
CA GLU A 1369 -25.16 -13.13 4.35
C GLU A 1369 -26.03 -12.29 5.26
N ASP A 1370 -27.10 -12.88 5.80
CA ASP A 1370 -27.81 -12.25 6.91
C ASP A 1370 -26.85 -11.86 8.02
N MET A 1371 -25.83 -12.69 8.26
CA MET A 1371 -24.81 -12.33 9.24
C MET A 1371 -23.93 -11.22 8.70
N LYS A 1372 -23.21 -11.51 7.62
CA LYS A 1372 -22.20 -10.57 7.16
C LYS A 1372 -22.82 -9.24 6.76
N VAL A 1373 -24.03 -9.26 6.19
CA VAL A 1373 -24.66 -8.00 5.83
C VAL A 1373 -25.17 -7.29 7.07
N ILE A 1374 -26.09 -7.90 7.82
CA ILE A 1374 -26.38 -7.22 9.06
C ILE A 1374 -25.32 -7.76 10.00
N ASN A 1375 -24.20 -7.07 9.97
CA ASN A 1375 -23.03 -7.12 10.84
C ASN A 1375 -22.62 -5.68 10.99
N ASP A 1376 -22.27 -5.14 9.83
CA ASP A 1376 -21.49 -3.93 9.66
C ASP A 1376 -22.34 -2.67 9.74
N VAL A 1377 -23.64 -2.79 9.94
CA VAL A 1377 -24.45 -1.59 9.99
C VAL A 1377 -24.07 -0.74 11.20
N LYS A 1378 -23.67 -1.37 12.30
CA LYS A 1378 -23.25 -0.56 13.45
C LYS A 1378 -21.82 -0.10 13.33
N GLU A 1379 -20.93 -0.92 12.75
CA GLU A 1379 -19.50 -0.67 12.83
C GLU A 1379 -18.81 -1.20 11.58
N ARG A 1380 -17.52 -0.90 11.47
CA ARG A 1380 -16.66 -1.43 10.42
C ARG A 1380 -15.80 -2.59 10.89
N HIS A 1381 -15.90 -2.96 12.15
CA HIS A 1381 -14.84 -3.72 12.79
C HIS A 1381 -15.44 -4.88 13.59
N PRO A 1382 -14.64 -5.59 14.41
CA PRO A 1382 -14.63 -7.05 14.36
C PRO A 1382 -15.91 -7.83 14.54
N GLN A 1383 -15.78 -9.09 14.19
CA GLN A 1383 -16.90 -9.99 14.03
C GLN A 1383 -16.86 -11.33 14.70
N SER A 1384 -18.03 -11.94 14.69
CA SER A 1384 -18.23 -13.24 15.29
C SER A 1384 -17.46 -14.28 14.49
N LYS A 1385 -16.95 -15.30 15.17
CA LYS A 1385 -16.15 -16.35 14.56
C LYS A 1385 -17.02 -17.58 14.38
N ARG A 1386 -17.39 -17.87 13.14
CA ARG A 1386 -18.40 -18.88 12.85
C ARG A 1386 -17.81 -20.22 12.49
N LEU A 1387 -16.50 -20.37 12.51
CA LEU A 1387 -15.87 -21.62 12.13
C LEU A 1387 -14.64 -21.84 13.00
N ILE A 1388 -14.44 -23.07 13.44
CA ILE A 1388 -13.24 -23.35 14.21
C ILE A 1388 -12.20 -23.85 13.23
N ILE A 1389 -11.04 -24.25 13.75
CA ILE A 1389 -10.18 -25.14 13.01
C ILE A 1389 -10.57 -26.54 13.42
N PHE A 1390 -11.22 -27.25 12.52
CA PHE A 1390 -11.84 -28.51 12.82
C PHE A 1390 -10.78 -29.58 12.69
N TRP A 1391 -10.61 -30.36 13.76
CA TRP A 1391 -9.68 -31.47 13.68
C TRP A 1391 -9.96 -32.28 12.44
N LYS A 1392 -8.90 -32.68 11.76
CA LYS A 1392 -9.05 -33.12 10.38
C LYS A 1392 -9.84 -34.42 10.31
N LEU A 1393 -10.98 -34.37 9.62
CA LEU A 1393 -11.98 -35.42 9.75
C LEU A 1393 -12.87 -35.43 8.51
N ILE A 1394 -13.63 -36.51 8.40
CA ILE A 1394 -14.24 -36.88 7.12
C ILE A 1394 -15.37 -35.95 6.69
N VAL A 1395 -16.11 -35.36 7.61
CA VAL A 1395 -17.23 -34.49 7.26
C VAL A 1395 -18.22 -35.27 6.40
N PRO A 1396 -18.92 -36.26 6.95
CA PRO A 1396 -19.86 -37.04 6.14
C PRO A 1396 -21.20 -36.34 5.92
N PHE A 1397 -21.81 -36.66 4.78
CA PHE A 1397 -23.12 -36.17 4.40
C PHE A 1397 -24.24 -37.17 4.66
N SER A 1398 -23.99 -38.19 5.45
CA SER A 1398 -24.87 -39.36 5.57
C SER A 1398 -26.36 -39.03 5.53
N PRO A 1399 -26.85 -37.98 6.21
CA PRO A 1399 -28.26 -37.64 6.01
C PRO A 1399 -28.58 -37.34 4.56
N VAL A 1400 -27.65 -36.68 3.85
CA VAL A 1400 -27.88 -36.32 2.46
C VAL A 1400 -28.17 -37.54 1.62
N ILE A 1401 -27.77 -38.72 2.10
CA ILE A 1401 -28.12 -39.99 1.45
C ILE A 1401 -29.64 -40.08 1.33
N LEU A 1402 -30.35 -39.36 2.20
CA LEU A 1402 -31.78 -39.55 2.24
C LEU A 1402 -32.46 -38.88 1.04
N GLU A 1403 -32.13 -37.62 0.75
CA GLU A 1403 -32.72 -36.91 -0.43
C GLU A 1403 -32.20 -37.44 -1.78
N ALA B 1 16.77 20.81 11.10
CA ALA B 1 15.38 20.99 10.70
C ALA B 1 15.09 20.29 9.38
N ALA B 2 15.35 18.98 9.33
CA ALA B 2 15.13 18.18 8.12
C ALA B 2 14.26 16.99 8.45
N ALA B 3 13.14 16.87 7.74
CA ALA B 3 12.19 15.79 8.00
C ALA B 3 12.86 14.44 7.81
N ARG B 4 12.63 13.53 8.75
CA ARG B 4 13.17 12.19 8.64
C ARG B 4 12.09 11.17 8.99
N LEU B 5 11.68 10.40 7.99
CA LEU B 5 10.98 9.14 8.17
C LEU B 5 11.20 8.32 6.90
N SER B 6 11.11 7.00 7.02
CA SER B 6 11.32 6.11 5.89
C SER B 6 10.21 5.08 5.80
N SER B 7 9.66 4.93 4.59
CA SER B 7 8.65 3.91 4.36
C SER B 7 9.26 2.54 4.20
N GLY B 8 10.37 2.45 3.47
CA GLY B 8 11.09 1.21 3.35
C GLY B 8 11.50 0.70 4.72
N LEU B 9 11.64 1.63 5.66
CA LEU B 9 11.83 1.24 7.05
C LEU B 9 10.51 0.88 7.72
N ARG B 10 9.44 1.61 7.38
CA ARG B 10 8.18 1.45 8.10
C ARG B 10 7.79 0.00 8.22
N ILE B 11 7.98 -0.76 7.15
CA ILE B 11 7.47 -2.12 7.11
C ILE B 11 8.14 -2.99 8.15
N ASN B 12 9.40 -2.70 8.47
CA ASN B 12 10.15 -3.52 9.41
C ASN B 12 9.43 -3.63 10.74
N SER B 13 9.12 -2.48 11.35
CA SER B 13 8.33 -2.47 12.57
C SER B 13 7.09 -3.31 12.42
N ALA B 14 6.37 -3.13 11.31
CA ALA B 14 5.17 -3.91 11.06
C ALA B 14 5.48 -5.39 11.08
N LYS B 15 6.57 -5.79 10.43
CA LYS B 15 7.00 -7.19 10.54
C LYS B 15 7.23 -7.56 11.99
N ASP B 16 7.93 -6.71 12.74
CA ASP B 16 8.24 -7.01 14.12
C ASP B 16 6.98 -7.34 14.92
N ASP B 17 6.04 -6.41 14.93
CA ASP B 17 4.92 -6.51 15.84
C ASP B 17 4.06 -7.73 15.56
N ALA B 18 4.13 -8.28 14.36
CA ALA B 18 3.42 -9.52 14.08
C ALA B 18 3.94 -10.65 14.95
N ALA B 19 5.25 -10.92 14.86
CA ALA B 19 5.83 -12.01 15.63
C ALA B 19 5.68 -11.77 17.12
N GLY B 20 5.66 -10.52 17.55
CA GLY B 20 5.34 -10.22 18.92
C GLY B 20 3.97 -10.71 19.34
N GLN B 21 3.05 -10.80 18.40
CA GLN B 21 1.70 -11.19 18.74
C GLN B 21 1.38 -12.65 18.45
N ALA B 22 2.29 -13.39 17.83
CA ALA B 22 2.21 -14.83 18.01
C ALA B 22 2.55 -15.21 19.44
N ILE B 23 3.23 -14.30 20.14
CA ILE B 23 3.69 -14.56 21.50
C ILE B 23 2.55 -14.40 22.50
N ALA B 24 1.78 -13.31 22.37
CA ALA B 24 0.69 -13.05 23.31
C ALA B 24 -0.30 -14.21 23.36
N ASN B 25 -0.30 -15.05 22.33
CA ASN B 25 -1.05 -16.30 22.37
C ASN B 25 -0.67 -17.10 23.61
N SER B 26 -1.69 -17.53 24.36
CA SER B 26 -1.48 -18.28 25.58
C SER B 26 -2.50 -19.41 25.65
N GLY B 27 -2.06 -20.54 26.18
CA GLY B 27 -2.95 -21.67 26.40
C GLY B 27 -2.44 -22.53 27.53
N SER B 28 -3.37 -23.24 28.17
CA SER B 28 -3.04 -24.08 29.32
C SER B 28 -3.73 -25.41 29.19
N GLY B 29 -2.96 -26.49 29.11
CA GLY B 29 -3.52 -27.81 29.15
C GLY B 29 -3.98 -28.15 30.56
N SER B 30 -4.31 -29.43 30.75
CA SER B 30 -4.75 -29.88 32.05
C SER B 30 -4.57 -31.38 32.17
N GLY B 31 -4.62 -31.85 33.42
CA GLY B 31 -4.80 -33.28 33.64
C GLY B 31 -6.16 -33.74 33.13
N SER B 32 -7.18 -32.91 33.32
CA SER B 32 -8.47 -33.16 32.69
C SER B 32 -8.42 -32.76 31.21
N ARG B 33 -8.20 -31.47 30.95
CA ARG B 33 -7.83 -30.90 29.65
C ARG B 33 -8.91 -31.16 28.61
N ILE B 34 -9.91 -31.96 28.97
CA ILE B 34 -11.06 -32.22 28.13
C ILE B 34 -12.10 -31.15 28.42
N GLU B 35 -12.61 -31.16 29.65
CA GLU B 35 -13.43 -30.05 30.12
C GLU B 35 -12.71 -28.74 29.88
N ASP B 36 -11.40 -28.72 30.09
CA ASP B 36 -10.60 -27.58 29.69
C ASP B 36 -10.71 -27.35 28.19
N SER B 37 -10.44 -28.41 27.40
CA SER B 37 -10.56 -28.31 25.95
C SER B 37 -11.87 -27.66 25.57
N ASP B 38 -12.96 -28.07 26.24
CA ASP B 38 -14.26 -27.49 26.01
C ASP B 38 -14.13 -25.99 25.95
N TYR B 39 -13.72 -25.41 27.07
CA TYR B 39 -13.35 -24.01 27.07
C TYR B 39 -12.18 -23.76 26.12
N ALA B 40 -11.11 -24.55 26.25
CA ALA B 40 -9.87 -24.23 25.55
C ALA B 40 -10.03 -24.27 24.05
N THR B 41 -10.94 -25.12 23.55
CA THR B 41 -11.12 -25.25 22.11
C THR B 41 -11.36 -23.86 21.56
N GLU B 42 -12.47 -23.25 21.98
CA GLU B 42 -12.75 -21.86 21.62
C GLU B 42 -11.54 -20.99 21.84
N VAL B 43 -10.96 -21.07 23.03
CA VAL B 43 -9.81 -20.24 23.37
C VAL B 43 -8.77 -20.34 22.28
N SER B 44 -8.37 -21.56 21.96
CA SER B 44 -7.48 -21.75 20.82
C SER B 44 -8.16 -21.31 19.54
N ASN B 45 -9.40 -21.74 19.34
CA ASN B 45 -10.12 -21.43 18.11
C ASN B 45 -10.10 -19.94 17.84
N MET B 46 -10.57 -19.16 18.81
CA MET B 46 -10.48 -17.71 18.70
C MET B 46 -9.06 -17.32 18.39
N SER B 47 -8.13 -17.70 19.26
CA SER B 47 -6.74 -17.32 19.10
C SER B 47 -6.26 -17.63 17.69
N ARG B 48 -6.43 -18.87 17.26
CA ARG B 48 -6.09 -19.25 15.90
C ARG B 48 -6.79 -18.32 14.90
N ALA B 49 -8.11 -18.38 14.86
CA ALA B 49 -8.87 -17.54 13.94
C ALA B 49 -8.43 -16.09 14.05
N GLN B 50 -8.16 -15.63 15.26
CA GLN B 50 -7.52 -14.33 15.41
C GLN B 50 -6.20 -14.31 14.67
N ILE B 51 -5.32 -15.26 14.98
CA ILE B 51 -3.95 -15.23 14.46
C ILE B 51 -3.94 -15.23 12.95
N LEU B 52 -4.72 -16.14 12.34
CA LEU B 52 -4.70 -16.26 10.89
C LEU B 52 -4.87 -14.90 10.23
N GLN B 53 -5.76 -14.08 10.78
CA GLN B 53 -5.93 -12.74 10.24
C GLN B 53 -4.67 -11.92 10.46
N GLN B 54 -4.02 -12.08 11.59
CA GLN B 54 -2.76 -11.38 11.83
C GLN B 54 -1.70 -11.82 10.82
N ALA B 55 -1.36 -13.11 10.84
CA ALA B 55 -0.30 -13.59 9.96
C ALA B 55 -0.69 -13.45 8.50
N GLY B 56 -1.97 -13.56 8.19
CA GLY B 56 -2.42 -13.34 6.83
C GLY B 56 -2.14 -11.91 6.41
N THR B 57 -2.62 -10.96 7.20
CA THR B 57 -2.33 -9.56 6.92
C THR B 57 -0.85 -9.27 7.03
N SER B 58 -0.14 -10.01 7.88
CA SER B 58 1.31 -9.85 7.96
C SER B 58 1.94 -9.97 6.59
N VAL B 59 1.60 -11.05 5.87
CA VAL B 59 1.99 -11.14 4.47
C VAL B 59 1.44 -9.96 3.71
N LEU B 60 0.14 -9.73 3.80
CA LEU B 60 -0.48 -8.61 3.11
C LEU B 60 0.30 -7.33 3.36
N ALA B 61 0.82 -7.16 4.58
CA ALA B 61 1.75 -6.08 4.83
C ALA B 61 3.01 -6.25 3.97
N GLN B 62 3.71 -7.37 4.14
CA GLN B 62 4.93 -7.58 3.39
C GLN B 62 4.69 -7.93 1.93
N ALA B 63 3.44 -8.14 1.53
CA ALA B 63 3.16 -8.48 0.15
C ALA B 63 3.76 -7.45 -0.78
N ASN B 64 3.88 -6.22 -0.33
CA ASN B 64 4.42 -5.17 -1.19
C ASN B 64 5.93 -5.11 -1.15
N GLN B 65 6.57 -5.73 -0.16
CA GLN B 65 8.03 -5.77 -0.12
C GLN B 65 8.60 -6.38 -1.38
N VAL B 66 8.31 -7.65 -1.60
CA VAL B 66 8.92 -8.48 -2.63
C VAL B 66 9.02 -7.78 -3.97
N PRO B 67 7.93 -7.26 -4.54
CA PRO B 67 8.04 -6.69 -5.89
C PRO B 67 9.05 -5.57 -5.99
N GLN B 68 9.00 -4.62 -5.06
CA GLN B 68 9.90 -3.47 -5.15
C GLN B 68 11.34 -3.93 -5.09
N ASN B 69 11.63 -4.93 -4.28
CA ASN B 69 12.97 -5.50 -4.26
C ASN B 69 13.31 -6.08 -5.62
N VAL B 70 12.43 -6.91 -6.16
CA VAL B 70 12.72 -7.58 -7.42
C VAL B 70 12.72 -6.57 -8.55
N LEU B 71 11.69 -5.73 -8.63
CA LEU B 71 11.52 -4.87 -9.79
C LEU B 71 12.69 -3.91 -9.98
N SER B 72 13.44 -3.60 -8.92
CA SER B 72 14.57 -2.70 -9.08
C SER B 72 15.66 -3.35 -9.93
N LEU B 73 15.82 -4.66 -9.84
CA LEU B 73 16.70 -5.37 -10.74
C LEU B 73 16.33 -5.06 -12.18
N LEU B 74 15.03 -5.13 -12.48
CA LEU B 74 14.54 -4.66 -13.77
C LEU B 74 14.64 -3.15 -13.86
N ARG B 75 14.45 -2.46 -12.73
CA ARG B 75 14.23 -1.03 -12.67
C ARG B 75 13.40 -0.57 -13.85
PG ATP C . 1.05 26.67 -21.41
O1G ATP C . -0.04 27.34 -20.63
O2G ATP C . 0.99 25.17 -21.47
O3G ATP C . 2.44 27.20 -21.13
PB ATP C . 2.07 26.94 -23.84
O1B ATP C . 3.12 27.92 -23.39
O2B ATP C . 1.66 26.89 -25.28
O3B ATP C . 0.78 27.11 -22.92
PA ATP C . 4.04 25.05 -23.48
O1A ATP C . 4.85 26.31 -23.67
O2A ATP C . 4.14 23.93 -24.46
O3A ATP C . 2.52 25.49 -23.33
O5' ATP C . 4.38 24.45 -22.03
C5' ATP C . 5.08 23.23 -21.99
C4' ATP C . 6.38 23.37 -21.21
O4' ATP C . 6.85 22.08 -20.80
C3' ATP C . 7.45 23.98 -22.08
O3' ATP C . 7.83 25.24 -21.54
C2' ATP C . 8.62 23.01 -22.05
O2' ATP C . 9.76 23.64 -21.48
C1' ATP C . 8.20 21.85 -21.18
N9 ATP C . 8.21 20.62 -21.97
C8 ATP C . 7.12 20.08 -22.54
N7 ATP C . 7.42 18.94 -23.21
C5 ATP C . 8.73 18.73 -23.07
C6 ATP C . 9.69 17.72 -23.54
N6 ATP C . 9.29 16.67 -24.29
N1 ATP C . 10.97 17.88 -23.18
C2 ATP C . 11.38 18.92 -22.44
N3 ATP C . 10.57 19.87 -21.98
C4 ATP C . 9.25 19.84 -22.27
#